data_6HCO
#
_entry.id   6HCO
#
_cell.length_a   1.0
_cell.length_b   1.0
_cell.length_c   1.0
_cell.angle_alpha   90.00
_cell.angle_beta   90.00
_cell.angle_gamma   90.00
#
_symmetry.space_group_name_H-M   'P 1'
#
loop_
_entity.id
_entity.type
_entity.pdbx_description
1 polymer 'ATP-binding cassette sub-family G member 2'
2 polymer '5D3-Fab light chain'
3 polymer '5D3-Fab heavy chain'
4 branched 2-acetamido-2-deoxy-beta-D-glucopyranose-(1-4)-2-acetamido-2-deoxy-beta-D-glucopyranose
5 non-polymer 'estrone 3-sulfate'
#
loop_
_entity_poly.entity_id
_entity_poly.type
_entity_poly.pdbx_seq_one_letter_code
_entity_poly.pdbx_strand_id
1 'polypeptide(L)'
;DYKDDDDKGSSSSNVEVFIPVSQGNTNGFPATASNDLKAFTEGAVLSFHNICYRVKLKSGFLPCRKPVEKEILSNINGIM
KPGLNAILGPTGGGKSSLLDVLAARKDPSGLSGDVLINGAPRPANFKCNSGYVVQDDVVMGTLTVRENLQFSAALRLATT
MTNHEKNERINRVIQELGLDKVADSKVGTQFIRGVSGGERKRTSIGMELITDPSILFLDQPTTGLDSSTANAVLLLLKRM
SKQGRTIIFSIHQPRYSIFKLFDSLTLLASGRLMFHGPAQEALGYFESAGYHCEAYNNPADFFLDIINGDSTAVALNREE
DFKATEIIEPSKQDKPLIEKLAEIYVNSSFYKETKAELHQLSGGEKKKKITVFKEISYTTSFCHQLRWVSKRSFKNLLGN
PQASIAQIIVTVVLGLVIGAIYFGLKNDSTGIQNRAGVLFFLTTNQCFSSVSAVELFVVEKKLFIHEYISGYYRVSSYFL
GKLLSDLLPMRMLPSIIFTCIVYFMLGLKPKADAFFVMMFTLMMVAYSASSMALAIAAGQSVVSVATLLMTICFVFMMIF
SGLLVNLTTIASWLSWLQYFSIPRYGFTALQHNEFLGQNFCPGLNATGNNPCNYATCTGEEYLVKQGIDLSPWGLWKNHV
ALACMIVIFLTIAYLKLLFLKKYS
;
A,B
2 'polypeptide(L)'
;DIVLTQSPSSFSVSLGDRVTISCKASGYILNRLAWYQQKPGNAPRLLISGATSLETGFPSRFSGTGSGKDYTLSISSLQT
EDVGTYYCQQYWSTPWTFGGGTKLEIRRADAAPTVSIFPPSSEQLTSGGASVVCFLNNFYPKDINVKWKIDGSERQNGVL
NSWTDQDSKDSTYSMSSTLTLTKDEYERHNSYTCEATHKTSTSPIVKSFNRNEC
;
C,E
3 'polypeptide(L)'
;QVQLQESGPGLVKPSQSLSLTCTVTGFSITSDYAWNWIRQFPGKKLEWMGYINFDGGTTYNPSLRGRISITRDTSKNQFF
LQLRSVTPEDTATYYCATFYGAKGTLDYWGQGTSVTVSSAKTTPPSVYPLAPVCGDTSGSSVTLGCLVKGYFPEPVTLTW
NSGSLSSGVHTFPAVLQSDLYTLSSSVTVTSSTWPSQSITCNVAHPASSTKVDKKIEPRGP
;
D,F
#
# COMPACT_ATOMS: atom_id res chain seq x y z
N ALA A 44 -27.85 26.28 -44.05
CA ALA A 44 -26.56 25.82 -43.54
C ALA A 44 -26.40 24.32 -43.72
N VAL A 45 -25.40 23.91 -44.50
CA VAL A 45 -25.21 22.50 -44.83
C VAL A 45 -23.77 22.09 -44.59
N LEU A 46 -23.59 20.80 -44.31
CA LEU A 46 -22.31 20.13 -44.31
C LEU A 46 -22.13 19.41 -45.63
N SER A 47 -20.87 19.11 -45.96
CA SER A 47 -20.53 18.42 -47.19
C SER A 47 -19.09 17.91 -47.08
N PHE A 48 -18.78 16.91 -47.91
CA PHE A 48 -17.56 16.13 -47.77
C PHE A 48 -17.40 15.25 -49.01
N HIS A 49 -16.15 14.89 -49.31
CA HIS A 49 -15.86 14.14 -50.53
C HIS A 49 -14.53 13.42 -50.39
N ASN A 50 -14.53 12.11 -50.69
CA ASN A 50 -13.33 11.29 -50.89
C ASN A 50 -12.45 11.25 -49.63
N ILE A 51 -12.99 10.63 -48.59
CA ILE A 51 -12.34 10.59 -47.28
C ILE A 51 -11.68 9.22 -47.08
N CYS A 52 -10.36 9.21 -47.06
CA CYS A 52 -9.57 8.02 -46.69
C CYS A 52 -9.02 8.27 -45.30
N TYR A 53 -9.37 7.41 -44.34
CA TYR A 53 -8.85 7.54 -42.99
C TYR A 53 -8.16 6.25 -42.59
N ARG A 54 -6.88 6.36 -42.22
CA ARG A 54 -6.06 5.26 -41.72
C ARG A 54 -5.61 5.59 -40.29
N VAL A 55 -4.69 4.78 -39.77
CA VAL A 55 -4.07 5.06 -38.47
C VAL A 55 -3.21 6.31 -38.57
N LYS A 70 -4.13 2.05 -41.15
CA LYS A 70 -5.11 1.02 -41.43
C LYS A 70 -6.43 1.66 -41.84
N GLU A 71 -6.74 1.59 -43.14
CA GLU A 71 -7.91 2.24 -43.70
C GLU A 71 -9.20 1.53 -43.32
N ILE A 72 -9.85 1.90 -42.21
CA ILE A 72 -11.17 1.35 -41.97
C ILE A 72 -12.25 2.30 -42.51
N LEU A 73 -12.19 2.53 -43.81
CA LEU A 73 -12.99 3.41 -44.66
C LEU A 73 -12.37 3.28 -46.05
N SER A 74 -13.13 3.67 -47.07
CA SER A 74 -12.49 3.95 -48.35
C SER A 74 -12.71 5.40 -48.79
N ASN A 75 -13.97 5.80 -48.99
CA ASN A 75 -14.35 7.18 -49.29
C ASN A 75 -15.86 7.30 -49.12
N ILE A 76 -16.27 8.43 -48.54
CA ILE A 76 -17.66 8.67 -48.19
C ILE A 76 -18.08 9.99 -48.81
N ASN A 77 -19.26 10.01 -49.42
CA ASN A 77 -19.70 11.16 -50.21
C ASN A 77 -21.12 11.54 -49.81
N GLY A 78 -21.35 12.83 -49.58
CA GLY A 78 -22.69 13.27 -49.25
C GLY A 78 -22.70 14.68 -48.69
N ILE A 79 -23.92 15.20 -48.53
CA ILE A 79 -24.18 16.47 -47.87
C ILE A 79 -25.23 16.26 -46.78
N MET A 80 -25.29 17.20 -45.85
CA MET A 80 -26.23 17.12 -44.75
C MET A 80 -27.02 18.41 -44.65
N LYS A 81 -28.32 18.33 -44.84
CA LYS A 81 -29.20 19.48 -44.88
C LYS A 81 -29.45 20.01 -43.48
N PRO A 82 -30.02 21.22 -43.34
CA PRO A 82 -30.51 21.62 -42.03
C PRO A 82 -31.74 20.80 -41.65
N GLY A 83 -31.51 19.84 -40.77
CA GLY A 83 -32.52 18.86 -40.44
C GLY A 83 -32.00 17.91 -39.39
N LEU A 84 -32.17 16.61 -39.62
CA LEU A 84 -31.84 15.61 -38.60
C LEU A 84 -31.04 14.51 -39.31
N ASN A 85 -29.73 14.54 -39.13
CA ASN A 85 -28.80 13.69 -39.87
C ASN A 85 -28.43 12.48 -39.03
N ALA A 86 -28.62 11.29 -39.58
CA ALA A 86 -28.50 10.05 -38.83
C ALA A 86 -27.49 9.11 -39.45
N ILE A 87 -26.68 8.49 -38.59
CA ILE A 87 -25.67 7.52 -38.99
C ILE A 87 -25.96 6.21 -38.26
N LEU A 88 -26.17 5.13 -39.01
CA LEU A 88 -26.53 3.85 -38.43
C LEU A 88 -25.56 2.78 -38.89
N GLY A 89 -25.68 1.59 -38.29
CA GLY A 89 -24.81 0.48 -38.64
C GLY A 89 -24.31 -0.30 -37.43
N PRO A 90 -23.31 -1.15 -37.64
CA PRO A 90 -22.73 -1.90 -36.53
C PRO A 90 -21.57 -1.14 -35.89
N THR A 91 -21.17 -1.63 -34.71
CA THR A 91 -20.13 -0.97 -33.93
C THR A 91 -18.76 -1.09 -34.59
N GLY A 92 -18.51 -2.18 -35.30
CA GLY A 92 -17.26 -2.30 -36.03
C GLY A 92 -17.19 -1.43 -37.26
N GLY A 93 -18.34 -0.97 -37.75
CA GLY A 93 -18.38 -0.06 -38.89
C GLY A 93 -17.88 1.32 -38.52
N GLY A 94 -17.91 2.20 -39.52
CA GLY A 94 -17.39 3.53 -39.33
C GLY A 94 -18.40 4.52 -38.79
N LYS A 95 -19.47 4.03 -38.16
CA LYS A 95 -20.53 4.91 -37.70
C LYS A 95 -20.12 5.79 -36.54
N SER A 96 -19.08 5.40 -35.80
CA SER A 96 -18.52 6.23 -34.75
C SER A 96 -17.30 7.02 -35.23
N SER A 97 -16.76 6.67 -36.39
CA SER A 97 -15.57 7.34 -36.88
C SER A 97 -15.88 8.49 -37.82
N LEU A 98 -16.94 8.37 -38.62
CA LEU A 98 -17.31 9.47 -39.51
C LEU A 98 -17.81 10.67 -38.73
N LEU A 99 -18.46 10.44 -37.59
CA LEU A 99 -18.95 11.54 -36.78
C LEU A 99 -17.81 12.32 -36.13
N ASP A 100 -16.72 11.66 -35.78
CA ASP A 100 -15.54 12.38 -35.33
C ASP A 100 -14.84 13.10 -36.46
N VAL A 101 -15.07 12.67 -37.70
CA VAL A 101 -14.48 13.37 -38.85
C VAL A 101 -15.18 14.68 -39.10
N LEU A 102 -16.51 14.65 -39.17
CA LEU A 102 -17.27 15.88 -39.47
C LEU A 102 -17.24 16.86 -38.32
N ALA A 103 -17.04 16.40 -37.10
CA ALA A 103 -16.88 17.28 -35.94
C ALA A 103 -15.41 17.56 -35.65
N ALA A 104 -14.52 17.13 -36.55
CA ALA A 104 -13.07 17.41 -36.51
C ALA A 104 -12.43 16.90 -35.23
N ARG A 105 -12.87 15.73 -34.79
CA ARG A 105 -12.34 15.14 -33.57
C ARG A 105 -11.25 14.12 -33.83
N LYS A 106 -10.61 14.17 -34.99
CA LYS A 106 -9.58 13.20 -35.33
C LYS A 106 -8.34 13.92 -35.85
N ASP A 107 -7.35 13.13 -36.22
CA ASP A 107 -6.09 13.63 -36.74
C ASP A 107 -6.29 14.10 -38.17
N PRO A 108 -6.04 15.39 -38.47
CA PRO A 108 -6.23 15.87 -39.86
C PRO A 108 -5.29 15.23 -40.86
N SER A 109 -4.11 14.77 -40.43
CA SER A 109 -3.26 14.01 -41.32
C SER A 109 -3.86 12.63 -41.61
N GLY A 110 -4.64 12.08 -40.69
CA GLY A 110 -5.39 10.88 -41.00
C GLY A 110 -6.50 11.14 -42.00
N LEU A 111 -7.05 12.36 -42.00
CA LEU A 111 -8.07 12.74 -42.94
C LEU A 111 -7.47 12.97 -44.33
N SER A 112 -8.26 12.68 -45.36
CA SER A 112 -7.86 12.89 -46.73
C SER A 112 -8.67 13.96 -47.44
N GLY A 113 -9.99 13.82 -47.46
CA GLY A 113 -10.84 14.69 -48.25
C GLY A 113 -11.09 16.04 -47.61
N ASP A 114 -12.19 16.66 -48.03
CA ASP A 114 -12.55 18.00 -47.61
C ASP A 114 -13.78 17.98 -46.70
N VAL A 115 -13.94 19.07 -45.95
CA VAL A 115 -15.18 19.34 -45.23
C VAL A 115 -15.57 20.77 -45.59
N LEU A 116 -16.56 20.91 -46.45
CA LEU A 116 -16.96 22.19 -47.01
C LEU A 116 -18.31 22.60 -46.45
N ILE A 117 -18.39 23.79 -45.87
CA ILE A 117 -19.59 24.26 -45.18
C ILE A 117 -20.00 25.59 -45.80
N ASN A 118 -21.16 25.59 -46.49
CA ASN A 118 -21.76 26.77 -47.12
C ASN A 118 -20.80 27.44 -48.11
N GLY A 119 -20.02 26.63 -48.82
CA GLY A 119 -19.00 27.16 -49.68
C GLY A 119 -17.78 27.67 -48.95
N ALA A 120 -17.50 27.16 -47.75
CA ALA A 120 -16.33 27.55 -46.99
C ALA A 120 -15.78 26.33 -46.27
N PRO A 121 -14.47 26.19 -46.18
CA PRO A 121 -13.89 25.11 -45.37
C PRO A 121 -14.06 25.39 -43.89
N ARG A 122 -13.71 24.40 -43.08
CA ARG A 122 -13.76 24.57 -41.64
C ARG A 122 -12.65 25.51 -41.19
N PRO A 123 -12.96 26.62 -40.54
CA PRO A 123 -11.89 27.47 -40.01
C PRO A 123 -11.43 26.98 -38.65
N ALA A 124 -10.57 27.75 -37.99
CA ALA A 124 -10.29 27.50 -36.59
C ALA A 124 -11.48 27.87 -35.71
N ASN A 125 -12.39 28.69 -36.22
CA ASN A 125 -13.57 29.15 -35.52
C ASN A 125 -14.70 28.11 -35.51
N PHE A 126 -14.51 26.96 -36.17
CA PHE A 126 -15.61 26.02 -36.30
C PHE A 126 -15.87 25.27 -35.00
N LYS A 127 -14.80 24.90 -34.27
CA LYS A 127 -14.99 24.24 -32.99
C LYS A 127 -15.51 25.22 -31.94
N CYS A 128 -15.26 26.51 -32.12
CA CYS A 128 -15.71 27.51 -31.16
C CYS A 128 -17.16 27.92 -31.37
N ASN A 129 -17.86 27.35 -32.35
CA ASN A 129 -19.26 27.68 -32.59
C ASN A 129 -20.07 26.44 -32.95
N SER A 130 -19.70 25.29 -32.41
CA SER A 130 -20.36 24.03 -32.69
C SER A 130 -20.22 23.12 -31.49
N GLY A 131 -21.13 22.16 -31.37
CA GLY A 131 -21.19 21.35 -30.17
C GLY A 131 -21.24 19.85 -30.39
N TYR A 132 -20.32 19.13 -29.78
CA TYR A 132 -20.30 17.67 -29.78
C TYR A 132 -20.52 17.19 -28.36
N VAL A 133 -21.35 16.16 -28.20
CA VAL A 133 -21.75 15.69 -26.88
C VAL A 133 -21.33 14.24 -26.72
N VAL A 134 -20.47 13.97 -25.74
CA VAL A 134 -19.89 12.65 -25.55
C VAL A 134 -20.94 11.70 -24.98
N GLN A 135 -20.72 10.40 -25.20
CA GLN A 135 -21.72 9.38 -24.92
C GLN A 135 -22.00 9.24 -23.42
N ASP A 136 -20.96 9.31 -22.59
CA ASP A 136 -21.20 9.22 -21.16
C ASP A 136 -21.58 10.59 -20.60
N ASP A 137 -22.04 10.58 -19.35
CA ASP A 137 -22.45 11.82 -18.69
C ASP A 137 -21.23 12.64 -18.35
N VAL A 138 -20.93 13.64 -19.20
CA VAL A 138 -19.84 14.56 -18.93
C VAL A 138 -20.26 15.71 -18.04
N VAL A 139 -21.50 15.71 -17.57
CA VAL A 139 -21.98 16.76 -16.69
C VAL A 139 -21.39 16.57 -15.30
N MET A 140 -21.54 17.60 -14.48
CA MET A 140 -21.11 17.55 -13.09
C MET A 140 -22.33 17.17 -12.26
N GLY A 141 -22.52 15.87 -12.06
CA GLY A 141 -23.62 15.38 -11.25
C GLY A 141 -23.51 15.76 -9.79
N THR A 142 -22.31 16.10 -9.34
CA THR A 142 -22.07 16.67 -8.03
C THR A 142 -22.50 18.12 -7.91
N LEU A 143 -22.73 18.81 -9.02
CA LEU A 143 -23.29 20.15 -8.99
C LEU A 143 -24.73 20.11 -9.47
N THR A 144 -25.31 21.28 -9.64
CA THR A 144 -26.65 21.40 -10.18
C THR A 144 -26.61 22.06 -11.55
N VAL A 145 -27.79 22.11 -12.17
CA VAL A 145 -27.90 22.54 -13.56
C VAL A 145 -27.65 24.03 -13.70
N ARG A 146 -28.18 24.83 -12.77
CA ARG A 146 -27.95 26.27 -12.76
C ARG A 146 -26.47 26.59 -12.55
N GLU A 147 -25.80 25.82 -11.68
CA GLU A 147 -24.38 26.02 -11.48
C GLU A 147 -23.56 25.58 -12.69
N ASN A 148 -23.92 24.45 -13.30
CA ASN A 148 -23.12 23.96 -14.40
C ASN A 148 -23.34 24.74 -15.68
N LEU A 149 -24.52 25.32 -15.87
CA LEU A 149 -24.72 26.11 -17.07
C LEU A 149 -24.20 27.54 -16.91
N GLN A 150 -23.93 27.99 -15.69
CA GLN A 150 -23.18 29.22 -15.52
C GLN A 150 -21.68 29.02 -15.74
N PHE A 151 -21.21 27.79 -15.59
CA PHE A 151 -19.83 27.47 -15.97
C PHE A 151 -19.66 27.59 -17.48
N SER A 152 -20.49 26.86 -18.23
CA SER A 152 -20.37 26.85 -19.69
C SER A 152 -20.84 28.16 -20.31
N ALA A 153 -21.53 29.01 -19.57
CA ALA A 153 -21.75 30.37 -20.02
C ALA A 153 -20.50 31.21 -19.86
N ALA A 154 -19.70 30.91 -18.84
CA ALA A 154 -18.55 31.77 -18.54
C ALA A 154 -17.45 31.60 -19.56
N LEU A 155 -17.20 30.38 -20.00
CA LEU A 155 -16.07 30.10 -20.87
C LEU A 155 -16.42 30.12 -22.34
N ARG A 156 -17.66 30.43 -22.68
CA ARG A 156 -18.07 30.44 -24.07
C ARG A 156 -18.65 31.76 -24.53
N LEU A 157 -19.39 32.45 -23.66
CA LEU A 157 -19.91 33.75 -24.03
C LEU A 157 -18.78 34.78 -24.00
N ALA A 158 -19.05 35.92 -24.63
CA ALA A 158 -18.04 36.96 -24.71
C ALA A 158 -17.81 37.61 -23.36
N THR A 159 -16.59 38.11 -23.17
CA THR A 159 -16.27 38.86 -21.96
C THR A 159 -17.02 40.17 -21.89
N THR A 160 -17.36 40.75 -23.04
CA THR A 160 -18.11 41.99 -23.09
C THR A 160 -19.56 41.78 -22.65
N MET A 161 -20.08 40.56 -22.83
CA MET A 161 -21.48 40.27 -22.52
C MET A 161 -21.75 40.33 -21.03
N THR A 162 -22.97 40.76 -20.69
CA THR A 162 -23.32 41.11 -19.31
C THR A 162 -23.58 39.85 -18.50
N ASN A 163 -23.37 39.95 -17.18
CA ASN A 163 -23.81 38.88 -16.29
C ASN A 163 -25.33 38.76 -16.29
N HIS A 164 -26.04 39.87 -16.51
CA HIS A 164 -27.47 39.80 -16.82
C HIS A 164 -27.73 38.97 -18.06
N GLU A 165 -26.93 39.20 -19.10
CA GLU A 165 -27.04 38.39 -20.31
C GLU A 165 -26.61 36.95 -20.05
N LYS A 166 -25.66 36.74 -19.13
CA LYS A 166 -25.37 35.40 -18.67
C LYS A 166 -26.47 34.83 -17.81
N ASN A 167 -27.30 35.68 -17.21
CA ASN A 167 -28.46 35.16 -16.51
C ASN A 167 -29.60 34.84 -17.48
N GLU A 168 -29.67 35.55 -18.61
CA GLU A 168 -30.83 35.42 -19.50
C GLU A 168 -30.68 34.28 -20.49
N ARG A 169 -29.49 34.10 -21.05
CA ARG A 169 -29.32 33.15 -22.15
C ARG A 169 -29.35 31.71 -21.66
N ILE A 170 -28.99 31.47 -20.40
CA ILE A 170 -29.28 30.19 -19.78
C ILE A 170 -30.78 29.97 -19.72
N ASN A 171 -31.51 31.00 -19.28
CA ASN A 171 -32.94 30.92 -19.10
C ASN A 171 -33.70 30.91 -20.42
N ARG A 172 -33.03 31.19 -21.54
CA ARG A 172 -33.60 30.90 -22.85
C ARG A 172 -33.46 29.43 -23.23
N VAL A 173 -32.69 28.67 -22.47
CA VAL A 173 -32.31 27.31 -22.84
C VAL A 173 -32.83 26.29 -21.82
N ILE A 174 -32.61 26.56 -20.53
CA ILE A 174 -33.12 25.67 -19.48
C ILE A 174 -34.64 25.68 -19.49
N GLN A 175 -35.25 26.80 -19.90
CA GLN A 175 -36.68 26.84 -20.13
C GLN A 175 -37.05 26.03 -21.36
N GLU A 176 -36.15 25.98 -22.35
CA GLU A 176 -36.42 25.24 -23.56
C GLU A 176 -36.29 23.74 -23.33
N LEU A 177 -35.32 23.33 -22.50
CA LEU A 177 -35.07 21.92 -22.27
C LEU A 177 -36.11 21.26 -21.38
N GLY A 178 -36.98 22.03 -20.75
CA GLY A 178 -37.87 21.47 -19.74
C GLY A 178 -37.20 21.22 -18.41
N LEU A 179 -36.02 21.80 -18.19
CA LEU A 179 -35.27 21.56 -16.98
C LEU A 179 -35.50 22.64 -15.92
N ASP A 180 -36.63 23.36 -16.00
CA ASP A 180 -36.92 24.38 -15.01
C ASP A 180 -37.25 23.80 -13.64
N LYS A 181 -37.71 22.55 -13.58
CA LYS A 181 -37.92 21.90 -12.30
C LYS A 181 -36.61 21.58 -11.61
N VAL A 182 -35.58 21.24 -12.38
CA VAL A 182 -34.33 20.72 -11.81
C VAL A 182 -33.24 21.76 -11.94
N ALA A 183 -33.62 23.04 -11.90
CA ALA A 183 -32.67 24.14 -12.05
C ALA A 183 -31.65 24.15 -10.92
N ASP A 184 -32.13 24.19 -9.68
CA ASP A 184 -31.24 24.17 -8.53
C ASP A 184 -31.15 22.79 -7.88
N SER A 185 -31.85 21.80 -8.43
CA SER A 185 -31.72 20.43 -7.95
C SER A 185 -30.38 19.87 -8.36
N LYS A 186 -29.68 19.24 -7.41
CA LYS A 186 -28.41 18.60 -7.72
C LYS A 186 -28.61 17.45 -8.70
N VAL A 187 -27.68 17.34 -9.65
CA VAL A 187 -27.91 16.50 -10.82
C VAL A 187 -27.82 15.02 -10.44
N GLY A 188 -26.77 14.63 -9.74
CA GLY A 188 -26.78 13.29 -9.18
C GLY A 188 -25.48 12.51 -9.21
N THR A 189 -25.20 11.82 -8.11
CA THR A 189 -24.02 10.98 -7.98
C THR A 189 -24.50 9.61 -7.54
N GLN A 190 -23.58 8.64 -7.49
CA GLN A 190 -23.88 7.37 -6.84
C GLN A 190 -24.17 7.57 -5.35
N PHE A 191 -23.51 8.53 -4.73
CA PHE A 191 -23.59 8.74 -3.29
C PHE A 191 -24.45 9.93 -2.91
N ILE A 192 -24.92 10.71 -3.87
CA ILE A 192 -25.87 11.78 -3.64
C ILE A 192 -27.01 11.61 -4.64
N ARG A 193 -28.22 11.46 -4.12
CA ARG A 193 -29.39 11.24 -4.98
C ARG A 193 -29.70 12.51 -5.77
N GLY A 194 -29.95 12.35 -7.06
CA GLY A 194 -30.21 13.51 -7.90
C GLY A 194 -31.19 13.26 -9.03
N VAL A 195 -31.06 14.04 -10.10
CA VAL A 195 -32.00 13.99 -11.21
C VAL A 195 -31.79 12.70 -12.00
N SER A 196 -32.86 12.20 -12.61
CA SER A 196 -32.80 10.99 -13.42
C SER A 196 -31.89 11.19 -14.63
N GLY A 197 -31.32 10.08 -15.10
CA GLY A 197 -30.33 10.10 -16.16
C GLY A 197 -30.84 10.58 -17.51
N GLY A 198 -32.17 10.55 -17.71
CA GLY A 198 -32.74 11.07 -18.95
C GLY A 198 -32.61 12.56 -19.10
N GLU A 199 -32.43 13.28 -18.01
CA GLU A 199 -32.17 14.70 -18.07
C GLU A 199 -30.72 15.04 -17.80
N ARG A 200 -29.91 14.06 -17.39
CA ARG A 200 -28.46 14.22 -17.48
C ARG A 200 -28.04 14.35 -18.93
N LYS A 201 -28.69 13.59 -19.81
CA LYS A 201 -28.47 13.75 -21.25
C LYS A 201 -28.93 15.12 -21.72
N ARG A 202 -30.06 15.61 -21.18
CA ARG A 202 -30.49 16.96 -21.48
C ARG A 202 -29.56 18.00 -20.89
N THR A 203 -28.88 17.65 -19.79
CA THR A 203 -28.01 18.61 -19.13
C THR A 203 -26.78 18.89 -19.97
N SER A 204 -26.24 17.86 -20.63
CA SER A 204 -25.04 18.03 -21.43
C SER A 204 -25.33 18.78 -22.73
N ILE A 205 -26.53 18.60 -23.29
CA ILE A 205 -26.89 19.28 -24.52
C ILE A 205 -27.02 20.78 -24.27
N GLY A 206 -27.56 21.15 -23.12
CA GLY A 206 -27.60 22.56 -22.74
C GLY A 206 -26.22 23.14 -22.49
N MET A 207 -25.27 22.30 -22.07
CA MET A 207 -23.89 22.75 -21.97
C MET A 207 -23.29 23.04 -23.33
N GLU A 208 -23.83 22.44 -24.39
CA GLU A 208 -23.38 22.66 -25.75
C GLU A 208 -24.43 23.41 -26.57
N LEU A 209 -25.13 24.35 -25.94
CA LEU A 209 -26.04 25.26 -26.64
C LEU A 209 -25.94 26.68 -26.12
N ILE A 210 -24.78 27.07 -25.61
CA ILE A 210 -24.66 28.33 -24.90
C ILE A 210 -24.63 29.51 -25.87
N THR A 211 -23.66 29.53 -26.78
CA THR A 211 -23.52 30.64 -27.71
C THR A 211 -24.37 30.47 -28.98
N ASP A 212 -25.43 29.66 -28.89
CA ASP A 212 -26.31 29.21 -29.97
C ASP A 212 -25.51 28.65 -31.14
N PRO A 213 -24.93 27.45 -31.02
CA PRO A 213 -24.29 26.86 -32.19
C PRO A 213 -25.32 26.34 -33.17
N SER A 214 -25.10 26.64 -34.45
CA SER A 214 -26.03 26.19 -35.47
C SER A 214 -25.87 24.71 -35.78
N ILE A 215 -24.72 24.13 -35.50
CA ILE A 215 -24.35 22.80 -35.96
C ILE A 215 -24.13 21.92 -34.74
N LEU A 216 -25.00 20.94 -34.54
CA LEU A 216 -24.99 20.11 -33.35
C LEU A 216 -24.51 18.71 -33.68
N PHE A 217 -23.75 18.13 -32.75
CA PHE A 217 -23.20 16.78 -32.88
C PHE A 217 -23.42 16.01 -31.59
N LEU A 218 -23.74 14.71 -31.72
CA LEU A 218 -24.13 13.89 -30.58
C LEU A 218 -23.54 12.50 -30.70
N ASP A 219 -22.70 12.11 -29.74
CA ASP A 219 -22.24 10.73 -29.63
C ASP A 219 -23.30 9.91 -28.92
N GLN A 220 -23.98 9.04 -29.68
CA GLN A 220 -24.92 8.01 -29.22
C GLN A 220 -26.02 8.55 -28.31
N PRO A 221 -27.01 9.23 -28.87
CA PRO A 221 -28.03 9.88 -28.02
C PRO A 221 -29.00 8.92 -27.36
N THR A 222 -29.01 7.65 -27.73
CA THR A 222 -29.95 6.70 -27.14
C THR A 222 -29.31 5.73 -26.17
N THR A 223 -28.02 5.42 -26.33
CA THR A 223 -27.39 4.43 -25.49
C THR A 223 -27.12 5.02 -24.11
N GLY A 224 -27.54 4.30 -23.07
CA GLY A 224 -27.46 4.78 -21.71
C GLY A 224 -28.79 5.20 -21.12
N LEU A 225 -29.87 5.15 -21.91
CA LEU A 225 -31.18 5.59 -21.48
C LEU A 225 -32.20 4.50 -21.80
N ASP A 226 -33.34 4.59 -21.12
CA ASP A 226 -34.42 3.63 -21.34
C ASP A 226 -35.22 4.03 -22.58
N SER A 227 -36.24 3.22 -22.89
CA SER A 227 -36.92 3.34 -24.17
C SER A 227 -37.72 4.64 -24.26
N SER A 228 -38.71 4.81 -23.39
CA SER A 228 -39.45 6.07 -23.35
C SER A 228 -38.61 7.19 -22.74
N THR A 229 -37.54 6.85 -22.04
CA THR A 229 -36.60 7.86 -21.54
C THR A 229 -35.93 8.58 -22.70
N ALA A 230 -35.47 7.83 -23.70
CA ALA A 230 -34.74 8.42 -24.81
C ALA A 230 -35.65 9.15 -25.79
N ASN A 231 -36.94 8.83 -25.82
CA ASN A 231 -37.84 9.51 -26.74
C ASN A 231 -38.02 10.98 -26.37
N ALA A 232 -38.10 11.27 -25.06
CA ALA A 232 -38.19 12.65 -24.60
C ALA A 232 -36.93 13.44 -24.89
N VAL A 233 -35.80 12.76 -25.06
CA VAL A 233 -34.60 13.42 -25.54
C VAL A 233 -34.76 13.77 -27.02
N LEU A 234 -35.24 12.81 -27.81
CA LEU A 234 -35.27 12.97 -29.26
C LEU A 234 -36.36 13.91 -29.73
N LEU A 235 -37.50 13.92 -29.04
CA LEU A 235 -38.54 14.91 -29.34
C LEU A 235 -38.06 16.31 -29.02
N LEU A 236 -37.25 16.45 -27.97
CA LEU A 236 -36.57 17.72 -27.71
C LEU A 236 -35.62 18.05 -28.84
N LEU A 237 -34.90 17.05 -29.34
CA LEU A 237 -34.05 17.27 -30.51
C LEU A 237 -34.89 17.48 -31.76
N LYS A 238 -36.08 16.89 -31.82
CA LYS A 238 -36.98 17.18 -32.92
C LYS A 238 -37.51 18.60 -32.85
N ARG A 239 -37.72 19.11 -31.63
CA ARG A 239 -37.98 20.54 -31.47
C ARG A 239 -36.78 21.37 -31.89
N MET A 240 -35.57 20.84 -31.70
CA MET A 240 -34.39 21.50 -32.22
C MET A 240 -34.21 21.28 -33.71
N SER A 241 -34.90 20.28 -34.29
CA SER A 241 -34.72 19.98 -35.71
C SER A 241 -35.37 21.02 -36.59
N LYS A 242 -36.26 21.85 -36.06
CA LYS A 242 -36.97 22.84 -36.84
C LYS A 242 -36.61 24.28 -36.48
N GLN A 243 -35.83 24.49 -35.42
CA GLN A 243 -35.41 25.83 -35.04
C GLN A 243 -34.09 26.23 -35.69
N GLY A 244 -33.74 25.63 -36.82
CA GLY A 244 -32.51 25.97 -37.50
C GLY A 244 -31.29 25.45 -36.76
N ARG A 245 -31.30 24.15 -36.44
CA ARG A 245 -30.19 23.50 -35.77
C ARG A 245 -29.96 22.14 -36.42
N THR A 246 -28.77 21.96 -36.97
CA THR A 246 -28.44 20.78 -37.78
C THR A 246 -27.82 19.72 -36.88
N ILE A 247 -28.61 18.73 -36.50
CA ILE A 247 -28.18 17.71 -35.56
C ILE A 247 -27.62 16.53 -36.35
N ILE A 248 -26.39 16.15 -36.04
CA ILE A 248 -25.66 15.11 -36.76
C ILE A 248 -25.15 14.13 -35.71
N PHE A 249 -25.70 12.91 -35.72
CA PHE A 249 -25.47 11.98 -34.62
C PHE A 249 -25.29 10.57 -35.18
N SER A 250 -25.27 9.60 -34.27
CA SER A 250 -25.09 8.19 -34.62
C SER A 250 -25.74 7.33 -33.54
N ILE A 251 -26.59 6.40 -33.94
CA ILE A 251 -27.33 5.55 -33.01
C ILE A 251 -27.00 4.09 -33.28
N HIS A 252 -26.52 3.39 -32.26
CA HIS A 252 -26.52 1.94 -32.32
C HIS A 252 -27.86 1.41 -31.87
N GLN A 253 -28.32 0.33 -32.53
CA GLN A 253 -29.62 -0.35 -32.44
C GLN A 253 -30.79 0.62 -32.35
N PRO A 254 -31.15 1.30 -33.47
CA PRO A 254 -32.27 2.25 -33.42
C PRO A 254 -33.63 1.59 -33.43
N ARG A 255 -34.69 2.40 -33.53
CA ARG A 255 -36.05 1.89 -33.46
C ARG A 255 -36.93 2.70 -34.41
N TYR A 256 -38.08 2.14 -34.80
CA TYR A 256 -38.92 2.81 -35.78
C TYR A 256 -39.61 4.04 -35.20
N SER A 257 -39.79 4.09 -33.88
CA SER A 257 -40.24 5.33 -33.25
C SER A 257 -39.20 6.43 -33.39
N ILE A 258 -37.92 6.04 -33.42
CA ILE A 258 -36.84 6.98 -33.69
C ILE A 258 -36.74 7.25 -35.18
N PHE A 259 -36.92 6.20 -35.98
CA PHE A 259 -36.72 6.28 -37.43
C PHE A 259 -37.76 7.14 -38.13
N LYS A 260 -38.93 7.30 -37.55
CA LYS A 260 -40.02 7.97 -38.24
C LYS A 260 -39.93 9.48 -38.20
N LEU A 261 -38.88 10.06 -37.63
CA LEU A 261 -38.85 11.50 -37.40
C LEU A 261 -37.60 12.17 -37.99
N PHE A 262 -36.81 11.45 -38.78
CA PHE A 262 -35.55 11.98 -39.29
C PHE A 262 -35.79 12.88 -40.49
N ASP A 263 -34.70 13.41 -41.04
CA ASP A 263 -34.74 14.18 -42.28
C ASP A 263 -33.72 13.68 -43.30
N SER A 264 -32.59 13.14 -42.82
CA SER A 264 -31.61 12.54 -43.70
C SER A 264 -30.96 11.36 -42.99
N LEU A 265 -30.27 10.52 -43.78
CA LEU A 265 -29.91 9.20 -43.31
C LEU A 265 -28.64 8.72 -44.01
N THR A 266 -27.85 7.91 -43.29
CA THR A 266 -26.59 7.38 -43.79
C THR A 266 -26.31 6.06 -43.08
N LEU A 267 -25.87 5.06 -43.84
CA LEU A 267 -25.52 3.75 -43.31
C LEU A 267 -24.05 3.47 -43.58
N LEU A 268 -23.35 2.96 -42.57
CA LEU A 268 -21.98 2.50 -42.71
C LEU A 268 -21.85 1.08 -42.17
N ALA A 269 -20.96 0.32 -42.80
CA ALA A 269 -20.73 -1.07 -42.39
C ALA A 269 -19.35 -1.48 -42.85
N SER A 270 -18.48 -1.79 -41.88
CA SER A 270 -17.08 -2.21 -42.10
C SER A 270 -16.32 -1.21 -42.96
N GLY A 271 -16.54 0.07 -42.69
CA GLY A 271 -15.89 1.11 -43.45
C GLY A 271 -16.42 1.30 -44.86
N ARG A 272 -17.62 0.83 -45.15
CA ARG A 272 -18.22 0.99 -46.47
C ARG A 272 -19.52 1.75 -46.36
N LEU A 273 -19.78 2.60 -47.36
CA LEU A 273 -20.98 3.41 -47.41
C LEU A 273 -22.07 2.68 -48.17
N MET A 274 -23.29 2.70 -47.64
CA MET A 274 -24.41 2.00 -48.24
C MET A 274 -25.64 2.85 -48.52
N PHE A 275 -25.78 4.02 -47.90
CA PHE A 275 -26.93 4.86 -48.18
C PHE A 275 -26.55 6.32 -48.03
N HIS A 276 -27.18 7.15 -48.85
CA HIS A 276 -27.19 8.58 -48.59
C HIS A 276 -28.51 9.15 -49.08
N GLY A 277 -28.96 10.20 -48.43
CA GLY A 277 -30.19 10.87 -48.81
C GLY A 277 -31.13 11.02 -47.63
N PRO A 278 -32.38 11.39 -47.90
CA PRO A 278 -33.38 11.49 -46.82
C PRO A 278 -33.75 10.11 -46.28
N ALA A 279 -34.43 10.13 -45.14
CA ALA A 279 -34.60 8.90 -44.38
C ALA A 279 -35.77 8.04 -44.83
N GLN A 280 -36.73 8.61 -45.53
CA GLN A 280 -37.90 7.83 -45.96
C GLN A 280 -37.52 6.80 -47.01
N GLU A 281 -36.63 7.17 -47.93
CA GLU A 281 -36.38 6.38 -49.12
C GLU A 281 -35.41 5.22 -48.90
N ALA A 282 -34.94 4.99 -47.67
CA ALA A 282 -34.10 3.83 -47.42
C ALA A 282 -34.90 2.54 -47.52
N LEU A 283 -36.15 2.55 -47.04
CA LEU A 283 -37.03 1.43 -47.25
C LEU A 283 -37.43 1.30 -48.71
N GLY A 284 -37.49 2.42 -49.43
CA GLY A 284 -37.78 2.37 -50.84
C GLY A 284 -36.62 1.85 -51.68
N TYR A 285 -35.39 2.06 -51.22
CA TYR A 285 -34.26 1.70 -52.07
C TYR A 285 -33.91 0.22 -51.94
N PHE A 286 -33.89 -0.30 -50.71
CA PHE A 286 -33.41 -1.66 -50.47
C PHE A 286 -34.37 -2.72 -50.96
N GLU A 287 -35.59 -2.34 -51.33
CA GLU A 287 -36.45 -3.25 -52.10
C GLU A 287 -35.83 -3.55 -53.45
N SER A 288 -35.26 -2.55 -54.10
CA SER A 288 -34.63 -2.73 -55.40
C SER A 288 -33.31 -3.48 -55.30
N ALA A 289 -32.72 -3.56 -54.11
CA ALA A 289 -31.50 -4.32 -53.92
C ALA A 289 -31.74 -5.82 -54.03
N GLY A 290 -32.99 -6.27 -53.84
CA GLY A 290 -33.32 -7.66 -54.04
C GLY A 290 -34.11 -8.24 -52.89
N TYR A 291 -34.32 -7.44 -51.85
CA TYR A 291 -35.00 -7.89 -50.65
C TYR A 291 -36.46 -7.43 -50.67
N HIS A 292 -37.21 -7.87 -49.67
CA HIS A 292 -38.51 -7.29 -49.37
C HIS A 292 -38.71 -7.30 -47.87
N CYS A 293 -39.14 -6.17 -47.32
CA CYS A 293 -39.38 -6.07 -45.88
C CYS A 293 -40.63 -6.87 -45.54
N GLU A 294 -40.46 -7.92 -44.73
CA GLU A 294 -41.54 -8.85 -44.47
C GLU A 294 -42.59 -8.22 -43.56
N ALA A 295 -43.68 -8.96 -43.37
CA ALA A 295 -44.83 -8.47 -42.64
C ALA A 295 -44.51 -8.34 -41.16
N TYR A 296 -44.68 -7.11 -40.64
CA TYR A 296 -44.46 -6.74 -39.24
C TYR A 296 -43.01 -7.01 -38.83
N ASN A 297 -42.13 -6.21 -39.43
CA ASN A 297 -40.72 -6.13 -39.07
C ASN A 297 -40.33 -4.67 -38.89
N ASN A 298 -39.40 -4.43 -37.99
CA ASN A 298 -38.84 -3.09 -37.81
C ASN A 298 -38.03 -2.73 -39.06
N PRO A 299 -38.32 -1.58 -39.70
CA PRO A 299 -37.52 -1.20 -40.88
C PRO A 299 -36.07 -0.90 -40.55
N ALA A 300 -35.80 -0.25 -39.42
CA ALA A 300 -34.42 0.04 -39.04
C ALA A 300 -33.65 -1.20 -38.61
N ASP A 301 -34.36 -2.28 -38.26
CA ASP A 301 -33.71 -3.57 -38.02
C ASP A 301 -33.65 -4.41 -39.28
N PHE A 302 -34.59 -4.22 -40.20
CA PHE A 302 -34.49 -4.87 -41.50
C PHE A 302 -33.37 -4.27 -42.34
N PHE A 303 -32.94 -3.06 -42.03
CA PHE A 303 -31.80 -2.48 -42.72
C PHE A 303 -30.48 -3.13 -42.30
N LEU A 304 -30.44 -3.73 -41.11
CA LEU A 304 -29.33 -4.57 -40.71
C LEU A 304 -29.58 -6.05 -41.00
N ASP A 305 -30.75 -6.41 -41.51
CA ASP A 305 -30.99 -7.77 -41.98
C ASP A 305 -30.18 -8.05 -43.25
N ILE A 306 -29.89 -7.00 -44.02
CA ILE A 306 -29.11 -7.12 -45.24
C ILE A 306 -27.65 -7.45 -44.93
N ILE A 307 -27.16 -7.01 -43.77
CA ILE A 307 -25.72 -6.86 -43.54
C ILE A 307 -25.05 -8.21 -43.37
N ASN A 308 -25.44 -8.96 -42.35
CA ASN A 308 -24.68 -10.12 -41.91
C ASN A 308 -25.22 -11.42 -42.46
N GLY A 309 -25.69 -11.42 -43.71
CA GLY A 309 -26.11 -12.65 -44.35
C GLY A 309 -27.46 -13.15 -43.87
N ASP A 310 -28.48 -12.30 -44.00
CA ASP A 310 -29.85 -12.54 -43.57
C ASP A 310 -29.94 -12.91 -42.10
N LEU A 337 -19.48 -10.47 -50.01
CA LEU A 337 -20.81 -10.00 -49.63
C LEU A 337 -20.82 -8.50 -49.39
N ILE A 338 -19.85 -8.03 -48.60
CA ILE A 338 -19.66 -6.61 -48.38
C ILE A 338 -19.29 -5.91 -49.69
N GLU A 339 -18.45 -6.57 -50.49
CA GLU A 339 -18.06 -6.03 -51.78
C GLU A 339 -19.21 -6.01 -52.77
N LYS A 340 -20.16 -6.95 -52.65
CA LYS A 340 -21.28 -7.00 -53.58
C LYS A 340 -22.29 -5.90 -53.31
N LEU A 341 -22.56 -5.61 -52.02
CA LEU A 341 -23.57 -4.62 -51.67
C LEU A 341 -23.07 -3.21 -51.93
N ALA A 342 -21.76 -2.98 -51.83
CA ALA A 342 -21.23 -1.66 -52.10
C ALA A 342 -21.24 -1.34 -53.58
N GLU A 343 -21.15 -2.36 -54.44
CA GLU A 343 -21.23 -2.14 -55.88
C GLU A 343 -22.64 -1.74 -56.29
N ILE A 344 -23.64 -2.13 -55.51
CA ILE A 344 -25.00 -1.64 -55.71
C ILE A 344 -25.05 -0.14 -55.43
N TYR A 345 -24.31 0.31 -54.41
CA TYR A 345 -24.35 1.71 -54.04
C TYR A 345 -23.58 2.59 -55.02
N VAL A 346 -22.56 2.04 -55.68
CA VAL A 346 -21.88 2.80 -56.72
C VAL A 346 -22.82 3.07 -57.88
N ASN A 347 -23.70 2.12 -58.17
CA ASN A 347 -24.75 2.29 -59.15
C ASN A 347 -26.08 2.68 -58.52
N SER A 348 -26.04 3.42 -57.42
CA SER A 348 -27.24 3.99 -56.82
C SER A 348 -27.53 5.35 -57.42
N SER A 349 -28.80 5.57 -57.78
CA SER A 349 -29.21 6.89 -58.24
C SER A 349 -29.25 7.91 -57.12
N PHE A 350 -29.30 7.44 -55.87
CA PHE A 350 -29.13 8.36 -54.74
C PHE A 350 -27.71 8.89 -54.67
N TYR A 351 -26.74 8.10 -55.13
CA TYR A 351 -25.37 8.59 -55.22
C TYR A 351 -25.19 9.54 -56.39
N LYS A 352 -25.90 9.33 -57.50
CA LYS A 352 -25.61 10.07 -58.72
C LYS A 352 -26.10 11.51 -58.64
N GLU A 353 -27.20 11.76 -57.92
CA GLU A 353 -27.61 13.13 -57.66
C GLU A 353 -26.63 13.82 -56.73
N THR A 354 -26.10 13.08 -55.76
CA THR A 354 -25.07 13.61 -54.87
C THR A 354 -23.76 13.85 -55.63
N LYS A 355 -23.45 12.97 -56.58
CA LYS A 355 -22.32 13.17 -57.48
C LYS A 355 -22.47 14.46 -58.28
N ALA A 356 -23.70 14.77 -58.70
CA ALA A 356 -24.03 16.03 -59.33
C ALA A 356 -24.42 17.10 -58.31
N GLU A 357 -24.04 16.93 -57.06
CA GLU A 357 -24.20 17.98 -56.07
C GLU A 357 -22.91 18.30 -55.36
N LEU A 358 -22.08 17.30 -55.06
CA LEU A 358 -20.78 17.56 -54.44
C LEU A 358 -19.81 18.22 -55.39
N HIS A 359 -19.85 17.83 -56.67
CA HIS A 359 -18.93 18.43 -57.63
C HIS A 359 -19.39 19.80 -58.09
N GLN A 360 -20.63 20.18 -57.80
CA GLN A 360 -20.95 21.61 -57.82
C GLN A 360 -20.30 22.31 -56.63
N LEU A 361 -20.24 21.63 -55.48
CA LEU A 361 -19.64 22.22 -54.29
C LEU A 361 -18.12 22.15 -54.34
N SER A 362 -17.57 20.96 -54.61
CA SER A 362 -16.12 20.81 -54.68
C SER A 362 -15.54 21.42 -55.95
N GLY A 363 -16.38 21.73 -56.93
CA GLY A 363 -15.94 22.51 -58.07
C GLY A 363 -16.07 23.99 -57.81
N SER A 381 -10.95 35.26 -21.64
CA SER A 381 -9.77 35.85 -21.04
C SER A 381 -9.29 35.02 -19.86
N PHE A 382 -7.97 35.07 -19.62
CA PHE A 382 -7.30 34.07 -18.78
C PHE A 382 -7.75 34.16 -17.32
N CYS A 383 -7.83 35.39 -16.77
CA CYS A 383 -8.29 35.55 -15.40
C CYS A 383 -9.73 35.12 -15.26
N HIS A 384 -10.55 35.38 -16.27
CA HIS A 384 -11.88 34.81 -16.33
C HIS A 384 -11.83 33.32 -16.60
N GLN A 385 -10.85 32.85 -17.38
CA GLN A 385 -10.69 31.42 -17.59
C GLN A 385 -10.15 30.70 -16.37
N LEU A 386 -9.72 31.42 -15.33
CA LEU A 386 -9.40 30.82 -14.05
C LEU A 386 -10.42 31.17 -12.98
N ARG A 387 -11.26 32.17 -13.23
CA ARG A 387 -12.27 32.58 -12.25
C ARG A 387 -13.34 31.51 -12.06
N TRP A 388 -13.66 30.76 -13.10
CA TRP A 388 -14.78 29.83 -13.02
C TRP A 388 -14.38 28.37 -13.10
N VAL A 389 -13.19 28.06 -13.62
CA VAL A 389 -12.74 26.68 -13.62
C VAL A 389 -12.37 26.26 -12.20
N SER A 390 -11.81 27.19 -11.43
CA SER A 390 -11.51 26.92 -10.04
C SER A 390 -12.78 26.73 -9.21
N LYS A 391 -13.88 27.40 -9.58
CA LYS A 391 -15.11 27.27 -8.82
C LYS A 391 -15.79 25.92 -9.07
N ARG A 392 -15.68 25.38 -10.28
CA ARG A 392 -16.47 24.23 -10.66
C ARG A 392 -16.00 22.97 -9.95
N SER A 393 -14.69 22.74 -9.95
CA SER A 393 -14.16 21.61 -9.19
C SER A 393 -14.22 21.85 -7.69
N PHE A 394 -14.29 23.12 -7.27
CA PHE A 394 -14.46 23.42 -5.85
C PHE A 394 -15.80 22.91 -5.35
N LYS A 395 -16.84 23.04 -6.16
CA LYS A 395 -18.14 22.52 -5.80
C LYS A 395 -18.25 21.03 -6.07
N ASN A 396 -17.41 20.48 -6.95
CA ASN A 396 -17.19 19.04 -6.94
C ASN A 396 -16.56 18.61 -5.62
N LEU A 397 -15.70 19.44 -5.08
CA LEU A 397 -15.00 19.07 -3.86
C LEU A 397 -15.92 19.16 -2.64
N LEU A 398 -16.81 20.15 -2.62
CA LEU A 398 -17.79 20.21 -1.55
C LEU A 398 -18.89 19.16 -1.74
N GLY A 399 -19.25 18.89 -2.99
CA GLY A 399 -20.33 17.96 -3.28
C GLY A 399 -19.90 16.52 -3.38
N ASN A 400 -18.96 16.12 -2.54
CA ASN A 400 -18.59 14.71 -2.40
C ASN A 400 -18.01 14.50 -1.01
N PRO A 401 -18.83 14.26 0.01
CA PRO A 401 -18.29 13.97 1.34
C PRO A 401 -17.57 12.63 1.40
N GLN A 402 -17.98 11.66 0.58
CA GLN A 402 -17.38 10.33 0.59
C GLN A 402 -16.00 10.30 -0.04
N ALA A 403 -15.51 11.43 -0.55
CA ALA A 403 -14.13 11.55 -1.01
C ALA A 403 -13.38 12.69 -0.36
N SER A 404 -14.07 13.74 0.06
CA SER A 404 -13.42 14.84 0.77
C SER A 404 -13.42 14.61 2.27
N ILE A 405 -14.61 14.48 2.86
CA ILE A 405 -14.73 14.29 4.31
C ILE A 405 -14.22 12.91 4.70
N ALA A 406 -14.44 11.90 3.85
CA ALA A 406 -13.99 10.54 4.16
C ALA A 406 -12.47 10.41 4.16
N GLN A 407 -11.76 11.35 3.56
CA GLN A 407 -10.32 11.41 3.68
C GLN A 407 -9.87 12.36 4.77
N ILE A 408 -10.81 13.02 5.45
CA ILE A 408 -10.53 13.75 6.67
C ILE A 408 -10.81 12.89 7.90
N ILE A 409 -11.85 12.06 7.81
CA ILE A 409 -12.17 11.11 8.88
C ILE A 409 -11.05 10.11 9.08
N VAL A 410 -10.47 9.62 7.99
CA VAL A 410 -9.26 8.79 8.07
C VAL A 410 -8.12 9.60 8.66
N THR A 411 -8.04 10.88 8.32
CA THR A 411 -6.95 11.71 8.80
C THR A 411 -7.12 12.05 10.28
N VAL A 412 -8.35 12.31 10.72
CA VAL A 412 -8.57 12.66 12.12
C VAL A 412 -8.41 11.46 13.02
N VAL A 413 -8.96 10.31 12.61
CA VAL A 413 -8.87 9.09 13.42
C VAL A 413 -7.42 8.61 13.53
N LEU A 414 -6.75 8.47 12.40
CA LEU A 414 -5.34 8.11 12.42
C LEU A 414 -4.49 9.24 12.98
N GLY A 415 -4.99 10.47 12.95
CA GLY A 415 -4.36 11.50 13.76
C GLY A 415 -4.46 11.20 15.24
N LEU A 416 -5.60 10.65 15.68
CA LEU A 416 -5.79 10.41 17.10
C LEU A 416 -5.17 9.09 17.56
N VAL A 417 -5.16 8.07 16.70
CA VAL A 417 -4.59 6.79 17.09
C VAL A 417 -3.10 6.91 17.31
N ILE A 418 -2.40 7.51 16.34
CA ILE A 418 -0.99 7.85 16.48
C ILE A 418 -0.78 8.79 17.66
N GLY A 419 -1.77 9.62 17.98
CA GLY A 419 -1.72 10.38 19.21
C GLY A 419 -1.78 9.51 20.45
N ALA A 420 -2.43 8.36 20.37
CA ALA A 420 -2.57 7.50 21.54
C ALA A 420 -1.47 6.47 21.66
N ILE A 421 -0.95 5.98 20.54
CA ILE A 421 0.12 4.99 20.56
C ILE A 421 1.37 5.60 21.16
N TYR A 422 1.71 6.81 20.72
CA TYR A 422 3.01 7.34 21.04
C TYR A 422 3.00 8.15 22.32
N PHE A 423 2.20 9.23 22.35
CA PHE A 423 1.78 9.97 23.54
C PHE A 423 2.89 10.39 24.51
N GLY A 424 3.63 11.44 24.18
CA GLY A 424 4.61 11.88 25.13
C GLY A 424 5.87 11.06 24.99
N LEU A 425 6.53 11.24 23.85
CA LEU A 425 7.69 10.47 23.49
C LEU A 425 8.81 10.69 24.49
N LYS A 426 9.27 9.60 25.09
CA LYS A 426 10.23 9.71 26.16
C LYS A 426 11.62 9.98 25.62
N ASN A 427 12.44 10.63 26.42
CA ASN A 427 13.83 10.88 26.07
C ASN A 427 14.75 9.80 26.65
N ASP A 428 14.41 8.55 26.38
CA ASP A 428 15.17 7.40 26.84
C ASP A 428 15.66 6.63 25.62
N SER A 429 16.21 5.44 25.86
CA SER A 429 16.82 4.64 24.80
C SER A 429 15.82 4.20 23.75
N THR A 430 14.54 4.10 24.11
CA THR A 430 13.52 3.80 23.13
C THR A 430 13.05 5.03 22.39
N GLY A 431 13.49 6.22 22.80
CA GLY A 431 12.97 7.45 22.23
C GLY A 431 13.37 7.67 20.79
N ILE A 432 14.51 7.14 20.38
CA ILE A 432 14.95 7.26 18.99
C ILE A 432 14.07 6.43 18.09
N GLN A 433 13.69 5.25 18.55
CA GLN A 433 12.87 4.36 17.73
C GLN A 433 11.47 4.92 17.54
N ASN A 434 10.93 5.58 18.56
CA ASN A 434 9.58 6.09 18.44
C ASN A 434 9.54 7.34 17.56
N ARG A 435 10.45 8.29 17.80
CA ARG A 435 10.44 9.54 17.06
C ARG A 435 10.76 9.31 15.59
N ALA A 436 11.73 8.44 15.30
CA ALA A 436 11.95 8.06 13.92
C ALA A 436 10.88 7.15 13.38
N GLY A 437 10.08 6.55 14.25
CA GLY A 437 9.01 5.71 13.79
C GLY A 437 7.83 6.51 13.30
N VAL A 438 7.43 7.53 14.06
CA VAL A 438 6.25 8.29 13.70
C VAL A 438 6.53 9.17 12.48
N LEU A 439 7.73 9.74 12.41
CA LEU A 439 8.06 10.62 11.29
C LEU A 439 8.21 9.84 10.00
N PHE A 440 8.67 8.59 10.09
CA PHE A 440 8.59 7.73 8.93
C PHE A 440 7.15 7.35 8.64
N PHE A 441 6.30 7.29 9.66
CA PHE A 441 4.94 6.92 9.37
C PHE A 441 4.15 8.08 8.80
N LEU A 442 4.47 9.31 9.18
CA LEU A 442 3.74 10.46 8.65
C LEU A 442 4.07 10.70 7.19
N THR A 443 5.36 10.67 6.84
CA THR A 443 5.79 10.93 5.48
C THR A 443 5.27 9.89 4.50
N THR A 444 5.32 8.61 4.89
CA THR A 444 4.68 7.61 4.06
C THR A 444 3.18 7.74 4.06
N ASN A 445 2.59 8.29 5.09
CA ASN A 445 1.24 8.50 4.83
C ASN A 445 1.27 9.51 3.72
N GLN A 446 1.84 10.67 4.00
CA GLN A 446 1.68 11.77 3.06
C GLN A 446 1.83 11.23 1.65
N CYS A 447 2.74 10.29 1.47
CA CYS A 447 3.01 9.77 0.14
C CYS A 447 1.96 8.77 -0.29
N PHE A 448 1.67 7.77 0.54
CA PHE A 448 0.71 6.76 0.13
C PHE A 448 -0.73 7.24 0.18
N SER A 449 -1.00 8.43 0.70
CA SER A 449 -2.31 9.01 0.44
C SER A 449 -2.34 9.82 -0.84
N SER A 450 -1.19 10.17 -1.39
CA SER A 450 -1.15 10.91 -2.65
C SER A 450 -1.41 10.02 -3.85
N VAL A 451 -1.56 8.71 -3.65
CA VAL A 451 -2.09 7.84 -4.68
C VAL A 451 -3.53 8.23 -5.03
N SER A 452 -4.26 8.77 -4.05
CA SER A 452 -5.61 9.26 -4.29
C SER A 452 -5.65 10.53 -5.14
N ALA A 453 -4.51 11.14 -5.45
CA ALA A 453 -4.48 12.23 -6.42
C ALA A 453 -4.55 11.72 -7.85
N VAL A 454 -4.36 10.43 -8.07
CA VAL A 454 -4.53 9.87 -9.40
C VAL A 454 -6.01 9.73 -9.73
N GLU A 455 -6.85 9.62 -8.70
CA GLU A 455 -8.29 9.66 -8.85
C GLU A 455 -8.77 10.96 -9.50
N LEU A 456 -8.03 12.05 -9.33
CA LEU A 456 -8.37 13.33 -9.93
C LEU A 456 -8.33 13.32 -11.45
N PHE A 457 -7.15 13.16 -12.04
CA PHE A 457 -7.04 13.37 -13.48
C PHE A 457 -7.61 12.24 -14.30
N VAL A 458 -7.51 11.00 -13.82
CA VAL A 458 -7.90 9.86 -14.63
C VAL A 458 -9.41 9.83 -14.80
N VAL A 459 -10.14 10.22 -13.77
CA VAL A 459 -11.59 10.35 -13.90
C VAL A 459 -11.93 11.56 -14.75
N GLU A 460 -11.21 12.65 -14.57
CA GLU A 460 -11.46 13.87 -15.34
C GLU A 460 -10.72 13.91 -16.66
N LYS A 461 -10.22 12.76 -17.14
CA LYS A 461 -9.49 12.76 -18.40
C LYS A 461 -10.43 12.96 -19.58
N LYS A 462 -11.51 12.19 -19.64
CA LYS A 462 -12.41 12.27 -20.78
C LYS A 462 -13.19 13.58 -20.80
N LEU A 463 -13.39 14.20 -19.64
CA LEU A 463 -13.97 15.53 -19.64
C LEU A 463 -12.93 16.57 -20.03
N PHE A 464 -11.65 16.32 -19.73
CA PHE A 464 -10.61 17.24 -20.15
C PHE A 464 -10.46 17.26 -21.67
N ILE A 465 -10.67 16.10 -22.31
CA ILE A 465 -10.43 16.00 -23.74
C ILE A 465 -11.52 16.73 -24.51
N HIS A 466 -12.78 16.49 -24.14
CA HIS A 466 -13.88 17.14 -24.84
C HIS A 466 -13.92 18.64 -24.59
N GLU A 467 -13.59 19.07 -23.38
CA GLU A 467 -13.68 20.49 -23.07
C GLU A 467 -12.55 21.31 -23.67
N TYR A 468 -11.41 20.71 -23.97
CA TYR A 468 -10.38 21.53 -24.60
C TYR A 468 -10.55 21.63 -26.10
N ILE A 469 -11.02 20.57 -26.75
CA ILE A 469 -11.28 20.63 -28.18
C ILE A 469 -12.47 21.54 -28.45
N SER A 470 -13.41 21.62 -27.50
CA SER A 470 -14.42 22.67 -27.57
C SER A 470 -13.81 24.05 -27.35
N GLY A 471 -12.72 24.13 -26.59
CA GLY A 471 -12.02 25.39 -26.44
C GLY A 471 -12.44 26.21 -25.25
N TYR A 472 -12.78 25.57 -24.13
CA TYR A 472 -13.26 26.31 -22.98
C TYR A 472 -12.14 26.99 -22.22
N TYR A 473 -10.90 26.61 -22.49
CA TYR A 473 -9.79 27.06 -21.67
C TYR A 473 -8.50 26.84 -22.43
N ARG A 474 -7.50 27.63 -22.10
CA ARG A 474 -6.13 27.22 -22.40
C ARG A 474 -5.73 26.15 -21.41
N VAL A 475 -4.73 25.35 -21.79
CA VAL A 475 -4.37 24.17 -21.00
C VAL A 475 -3.76 24.58 -19.67
N SER A 476 -3.00 25.67 -19.65
CA SER A 476 -2.47 26.18 -18.39
C SER A 476 -3.58 26.74 -17.50
N SER A 477 -4.64 27.26 -18.11
CA SER A 477 -5.76 27.77 -17.30
C SER A 477 -6.54 26.64 -16.65
N TYR A 478 -6.64 25.48 -17.30
CA TYR A 478 -7.06 24.27 -16.63
C TYR A 478 -6.08 23.86 -15.55
N PHE A 479 -4.81 24.10 -15.80
CA PHE A 479 -3.76 23.56 -14.97
C PHE A 479 -3.37 24.50 -13.85
N LEU A 480 -3.57 25.80 -14.03
CA LEU A 480 -3.44 26.67 -12.87
C LEU A 480 -4.73 26.75 -12.07
N GLY A 481 -5.82 26.19 -12.56
CA GLY A 481 -7.09 26.26 -11.88
C GLY A 481 -7.43 25.03 -11.06
N LYS A 482 -7.29 23.85 -11.64
CA LYS A 482 -7.64 22.63 -10.93
C LYS A 482 -6.66 22.34 -9.80
N LEU A 483 -5.40 22.71 -9.97
CA LEU A 483 -4.47 22.60 -8.85
C LEU A 483 -4.80 23.62 -7.77
N LEU A 484 -5.35 24.77 -8.16
CA LEU A 484 -5.86 25.71 -7.17
C LEU A 484 -7.11 25.17 -6.50
N SER A 485 -7.86 24.32 -7.20
CA SER A 485 -9.13 23.84 -6.68
C SER A 485 -9.01 22.55 -5.89
N ASP A 486 -8.10 21.67 -6.24
CA ASP A 486 -8.06 20.37 -5.57
C ASP A 486 -6.70 20.04 -4.97
N LEU A 487 -5.61 20.36 -5.68
CA LEU A 487 -4.28 20.12 -5.13
C LEU A 487 -4.01 21.02 -3.94
N LEU A 488 -4.51 22.26 -3.97
CA LEU A 488 -4.24 23.18 -2.87
C LEU A 488 -5.00 22.79 -1.59
N PRO A 489 -6.37 22.73 -1.56
CA PRO A 489 -7.01 22.61 -0.25
C PRO A 489 -6.99 21.21 0.35
N MET A 490 -7.06 20.17 -0.47
CA MET A 490 -7.08 18.81 0.05
C MET A 490 -5.72 18.33 0.52
N ARG A 491 -4.68 19.12 0.37
CA ARG A 491 -3.40 18.78 0.94
C ARG A 491 -2.89 19.84 1.90
N MET A 492 -3.49 21.03 1.93
CA MET A 492 -3.24 21.91 3.06
C MET A 492 -3.90 21.40 4.33
N LEU A 493 -5.07 20.77 4.20
CA LEU A 493 -5.80 20.36 5.39
C LEU A 493 -5.17 19.20 6.16
N PRO A 494 -4.86 18.02 5.57
CA PRO A 494 -4.28 16.95 6.39
C PRO A 494 -2.87 17.24 6.84
N SER A 495 -2.19 18.17 6.18
CA SER A 495 -0.94 18.68 6.70
C SER A 495 -1.13 19.70 7.82
N ILE A 496 -2.37 20.04 8.17
CA ILE A 496 -2.67 20.74 9.40
C ILE A 496 -3.38 19.85 10.41
N ILE A 497 -4.20 18.90 9.93
CA ILE A 497 -4.91 17.98 10.83
C ILE A 497 -3.94 17.06 11.52
N PHE A 498 -3.01 16.45 10.77
CA PHE A 498 -1.90 15.73 11.40
C PHE A 498 -1.09 16.66 12.27
N THR A 499 -0.89 17.89 11.83
CA THR A 499 0.07 18.76 12.50
C THR A 499 -0.47 19.27 13.82
N CYS A 500 -1.76 19.60 13.89
CA CYS A 500 -2.30 20.14 15.13
C CYS A 500 -2.49 19.03 16.17
N ILE A 501 -2.88 17.83 15.73
CA ILE A 501 -3.19 16.77 16.67
C ILE A 501 -1.94 16.14 17.24
N VAL A 502 -1.11 15.55 16.36
CA VAL A 502 -0.03 14.68 16.85
C VAL A 502 1.16 15.47 17.36
N TYR A 503 1.14 16.79 17.27
CA TYR A 503 2.29 17.52 17.76
C TYR A 503 2.30 17.57 19.28
N PHE A 504 1.20 18.05 19.89
CA PHE A 504 1.21 18.28 21.32
C PHE A 504 0.79 17.08 22.14
N MET A 505 0.15 16.09 21.52
CA MET A 505 -0.05 14.82 22.21
C MET A 505 1.28 14.09 22.36
N LEU A 506 1.98 13.90 21.26
CA LEU A 506 3.30 13.27 21.28
C LEU A 506 4.34 14.11 21.97
N GLY A 507 4.15 15.43 22.03
CA GLY A 507 5.17 16.26 22.61
C GLY A 507 6.37 16.41 21.71
N LEU A 508 6.15 16.58 20.42
CA LEU A 508 7.23 16.97 19.53
C LEU A 508 7.64 18.40 19.83
N LYS A 509 8.92 18.71 19.50
CA LYS A 509 9.82 19.71 20.07
C LYS A 509 9.13 21.02 20.42
N PRO A 510 9.04 21.38 21.70
CA PRO A 510 8.06 22.38 22.13
C PRO A 510 8.47 23.82 21.83
N LYS A 511 8.73 24.10 20.56
CA LYS A 511 9.07 25.43 20.11
C LYS A 511 8.00 25.91 19.13
N ALA A 512 8.04 27.19 18.82
CA ALA A 512 7.03 27.75 17.92
C ALA A 512 7.34 27.46 16.46
N ASP A 513 8.60 27.64 16.06
CA ASP A 513 8.97 27.49 14.66
C ASP A 513 8.90 26.05 14.21
N ALA A 514 9.37 25.11 15.04
CA ALA A 514 9.38 23.70 14.69
C ALA A 514 7.99 23.11 14.55
N PHE A 515 7.00 23.72 15.18
CA PHE A 515 5.63 23.37 14.85
C PHE A 515 5.29 23.76 13.43
N PHE A 516 5.81 24.89 12.96
CA PHE A 516 5.48 25.32 11.62
C PHE A 516 6.42 24.79 10.57
N VAL A 517 7.63 24.38 10.94
CA VAL A 517 8.49 23.69 9.99
C VAL A 517 7.89 22.33 9.65
N MET A 518 7.43 21.61 10.66
CA MET A 518 6.74 20.34 10.45
C MET A 518 5.44 20.54 9.70
N MET A 519 4.75 21.65 9.97
CA MET A 519 3.54 21.97 9.23
C MET A 519 3.83 22.18 7.76
N PHE A 520 4.90 22.91 7.46
CA PHE A 520 5.24 23.18 6.08
C PHE A 520 5.85 21.98 5.38
N THR A 521 6.59 21.15 6.11
CA THR A 521 7.28 20.02 5.48
C THR A 521 6.31 18.94 5.07
N LEU A 522 5.34 18.62 5.92
CA LEU A 522 4.27 17.72 5.53
C LEU A 522 3.42 18.31 4.42
N MET A 523 3.37 19.64 4.32
CA MET A 523 2.61 20.24 3.23
C MET A 523 3.32 20.04 1.90
N MET A 524 4.65 20.09 1.90
CA MET A 524 5.40 19.96 0.65
C MET A 524 5.41 18.53 0.16
N VAL A 525 5.67 17.58 1.07
CA VAL A 525 5.72 16.17 0.67
C VAL A 525 4.34 15.66 0.31
N ALA A 526 3.29 16.31 0.80
CA ALA A 526 1.95 16.05 0.27
C ALA A 526 1.86 16.51 -1.17
N TYR A 527 2.37 17.72 -1.46
CA TYR A 527 2.36 18.23 -2.83
C TYR A 527 3.29 17.45 -3.72
N SER A 528 4.48 17.14 -3.22
CA SER A 528 5.52 16.56 -4.06
C SER A 528 5.17 15.14 -4.48
N ALA A 529 4.66 14.33 -3.56
CA ALA A 529 4.20 13.01 -3.93
C ALA A 529 2.92 13.07 -4.75
N SER A 530 2.15 14.14 -4.61
CA SER A 530 1.02 14.32 -5.50
C SER A 530 1.47 14.73 -6.89
N SER A 531 2.54 15.53 -6.98
CA SER A 531 3.01 16.00 -8.27
C SER A 531 3.55 14.85 -9.11
N MET A 532 4.29 13.94 -8.48
CA MET A 532 4.71 12.72 -9.15
C MET A 532 3.52 11.87 -9.54
N ALA A 533 2.53 11.81 -8.66
CA ALA A 533 1.29 11.11 -8.97
C ALA A 533 0.58 11.77 -10.13
N LEU A 534 0.66 13.09 -10.25
CA LEU A 534 0.12 13.71 -11.45
C LEU A 534 1.02 13.49 -12.65
N ALA A 535 2.35 13.46 -12.44
CA ALA A 535 3.28 13.33 -13.55
C ALA A 535 3.20 11.97 -14.20
N ILE A 536 2.96 10.92 -13.41
CA ILE A 536 2.80 9.60 -13.98
C ILE A 536 1.44 9.46 -14.64
N ALA A 537 0.39 9.88 -13.93
CA ALA A 537 -0.96 9.57 -14.36
C ALA A 537 -1.50 10.55 -15.40
N ALA A 538 -0.73 11.55 -15.80
CA ALA A 538 -1.21 12.47 -16.81
C ALA A 538 -1.28 11.78 -18.16
N GLY A 539 -2.45 11.83 -18.79
CA GLY A 539 -2.62 11.20 -20.08
C GLY A 539 -2.79 9.70 -20.03
N GLN A 540 -3.35 9.17 -18.95
CA GLN A 540 -3.66 7.75 -18.85
C GLN A 540 -5.09 7.58 -18.37
N SER A 541 -5.88 6.86 -19.14
CA SER A 541 -7.27 6.60 -18.78
C SER A 541 -7.42 5.39 -17.88
N VAL A 542 -6.39 4.57 -17.75
CA VAL A 542 -6.42 3.39 -16.90
C VAL A 542 -6.08 3.81 -15.48
N VAL A 543 -6.72 3.16 -14.52
CA VAL A 543 -6.41 3.38 -13.12
C VAL A 543 -5.42 2.34 -12.61
N SER A 544 -5.71 1.07 -12.90
CA SER A 544 -5.02 -0.06 -12.30
C SER A 544 -3.56 -0.15 -12.74
N VAL A 545 -3.19 0.49 -13.84
CA VAL A 545 -1.79 0.50 -14.25
C VAL A 545 -1.00 1.50 -13.42
N ALA A 546 -1.43 2.76 -13.44
CA ALA A 546 -0.65 3.83 -12.80
C ALA A 546 -0.69 3.72 -11.28
N THR A 547 -1.79 3.20 -10.72
CA THR A 547 -1.84 2.95 -9.29
C THR A 547 -0.83 1.87 -8.90
N LEU A 548 -0.62 0.90 -9.78
CA LEU A 548 0.39 -0.11 -9.53
C LEU A 548 1.79 0.48 -9.67
N LEU A 549 1.98 1.42 -10.60
CA LEU A 549 3.31 1.97 -10.87
C LEU A 549 3.83 2.78 -9.69
N MET A 550 3.01 3.66 -9.13
CA MET A 550 3.45 4.44 -7.98
C MET A 550 3.62 3.57 -6.76
N THR A 551 2.80 2.53 -6.64
CA THR A 551 2.97 1.56 -5.57
C THR A 551 4.30 0.85 -5.68
N ILE A 552 4.76 0.57 -6.90
CA ILE A 552 6.12 0.11 -7.09
C ILE A 552 7.11 1.22 -6.76
N CYS A 553 6.83 2.44 -7.22
CA CYS A 553 7.82 3.51 -7.11
C CYS A 553 7.98 3.98 -5.67
N PHE A 554 6.89 4.07 -4.91
CA PHE A 554 7.00 4.50 -3.52
C PHE A 554 7.70 3.48 -2.66
N VAL A 555 7.53 2.19 -2.96
CA VAL A 555 8.25 1.15 -2.22
C VAL A 555 9.74 1.25 -2.49
N PHE A 556 10.11 1.46 -3.75
CA PHE A 556 11.50 1.73 -4.06
C PHE A 556 11.93 3.14 -3.68
N MET A 557 11.04 3.95 -3.12
CA MET A 557 11.44 5.13 -2.38
C MET A 557 11.40 4.93 -0.88
N MET A 558 10.53 4.04 -0.40
CA MET A 558 10.49 3.71 1.02
C MET A 558 11.81 3.14 1.50
N ILE A 559 12.50 2.37 0.66
CA ILE A 559 13.76 1.79 1.07
C ILE A 559 14.80 2.86 1.26
N PHE A 560 14.90 3.78 0.32
CA PHE A 560 15.93 4.80 0.35
C PHE A 560 15.59 5.98 1.24
N SER A 561 14.46 5.95 1.94
CA SER A 561 14.10 7.06 2.80
C SER A 561 15.01 7.17 4.01
N GLY A 562 15.64 6.08 4.42
CA GLY A 562 16.62 6.13 5.47
C GLY A 562 16.28 5.34 6.71
N LEU A 563 15.13 4.70 6.79
CA LEU A 563 14.84 3.88 7.97
C LEU A 563 15.11 2.42 7.72
N LEU A 564 14.71 1.90 6.56
CA LEU A 564 14.86 0.49 6.28
C LEU A 564 16.26 0.10 5.85
N VAL A 565 17.11 1.06 5.49
CA VAL A 565 18.52 0.79 5.20
C VAL A 565 19.28 2.07 5.50
N ASN A 566 20.46 1.93 6.08
CA ASN A 566 21.25 3.12 6.35
C ASN A 566 21.90 3.56 5.05
N LEU A 567 21.69 4.83 4.70
CA LEU A 567 22.02 5.30 3.36
C LEU A 567 23.52 5.42 3.13
N THR A 568 24.30 5.63 4.19
CA THR A 568 25.74 5.68 4.00
C THR A 568 26.32 4.30 3.75
N THR A 569 25.62 3.24 4.12
CA THR A 569 26.11 1.88 3.98
C THR A 569 25.54 1.19 2.74
N ILE A 570 25.31 1.92 1.68
CA ILE A 570 24.91 1.34 0.41
C ILE A 570 26.12 1.44 -0.52
N ALA A 571 26.26 0.43 -1.39
CA ALA A 571 27.33 0.43 -2.38
C ALA A 571 27.20 1.63 -3.30
N SER A 572 28.35 2.23 -3.63
CA SER A 572 28.36 3.59 -4.16
C SER A 572 27.83 3.70 -5.57
N TRP A 573 27.55 2.60 -6.24
CA TRP A 573 26.81 2.69 -7.49
C TRP A 573 25.31 2.58 -7.28
N LEU A 574 24.85 2.58 -6.02
CA LEU A 574 23.45 2.76 -5.70
C LEU A 574 23.15 4.01 -4.90
N SER A 575 24.14 4.61 -4.27
CA SER A 575 23.90 5.80 -3.47
C SER A 575 23.61 7.02 -4.28
N TRP A 576 23.49 6.95 -5.60
CA TRP A 576 22.89 8.01 -6.38
C TRP A 576 21.38 7.87 -6.47
N LEU A 577 20.83 6.69 -6.19
CA LEU A 577 19.39 6.53 -6.18
C LEU A 577 18.72 7.18 -4.99
N GLN A 578 19.47 7.54 -3.97
CA GLN A 578 18.87 8.14 -2.79
C GLN A 578 18.43 9.57 -3.01
N TYR A 579 18.63 10.13 -4.20
CA TYR A 579 18.21 11.47 -4.54
C TYR A 579 16.86 11.50 -5.25
N PHE A 580 16.46 10.39 -5.83
CA PHE A 580 15.22 10.30 -6.59
C PHE A 580 14.04 9.87 -5.73
N SER A 581 14.03 10.20 -4.45
CA SER A 581 13.01 9.66 -3.56
C SER A 581 12.38 10.78 -2.72
N ILE A 582 11.09 10.99 -2.94
CA ILE A 582 10.35 11.99 -2.16
C ILE A 582 10.27 11.65 -0.68
N PRO A 583 10.03 10.40 -0.23
CA PRO A 583 10.08 10.15 1.21
C PRO A 583 11.45 10.28 1.83
N ARG A 584 12.51 10.52 1.08
CA ARG A 584 13.76 10.85 1.75
C ARG A 584 13.72 12.28 2.26
N TYR A 585 13.40 13.23 1.38
CA TYR A 585 13.63 14.65 1.68
C TYR A 585 12.70 15.15 2.77
N GLY A 586 11.45 14.70 2.80
CA GLY A 586 10.58 15.08 3.89
C GLY A 586 11.04 14.48 5.20
N PHE A 587 11.29 13.18 5.19
CA PHE A 587 11.72 12.48 6.39
C PHE A 587 13.12 12.89 6.81
N THR A 588 13.94 13.37 5.88
CA THR A 588 15.18 14.01 6.26
C THR A 588 14.92 15.31 6.99
N ALA A 589 13.95 16.08 6.51
CA ALA A 589 13.66 17.36 7.10
C ALA A 589 13.01 17.19 8.47
N LEU A 590 12.09 16.23 8.59
CA LEU A 590 11.45 15.98 9.87
C LEU A 590 12.44 15.41 10.88
N GLN A 591 13.37 14.59 10.44
CA GLN A 591 14.45 14.22 11.34
C GLN A 591 15.38 15.38 11.61
N HIS A 592 15.50 16.31 10.67
CA HIS A 592 16.30 17.49 10.97
C HIS A 592 15.56 18.43 11.88
N ASN A 593 14.23 18.48 11.73
CA ASN A 593 13.41 19.42 12.48
C ASN A 593 13.38 19.07 13.95
N GLU A 594 13.37 17.79 14.27
CA GLU A 594 13.06 17.35 15.61
C GLU A 594 14.28 16.88 16.39
N PHE A 595 15.26 16.26 15.74
CA PHE A 595 16.36 15.68 16.50
C PHE A 595 17.48 16.65 16.81
N LEU A 596 17.24 17.95 16.86
CA LEU A 596 18.38 18.83 17.12
C LEU A 596 18.68 18.95 18.62
N GLY A 597 17.76 19.50 19.38
CA GLY A 597 18.06 19.71 20.78
C GLY A 597 17.82 18.51 21.66
N GLN A 598 17.53 17.35 21.09
CA GLN A 598 17.09 16.22 21.90
C GLN A 598 18.27 15.51 22.53
N ASN A 599 17.97 14.74 23.57
CA ASN A 599 18.91 13.80 24.14
C ASN A 599 18.16 12.52 24.45
N PHE A 600 18.88 11.40 24.41
CA PHE A 600 18.23 10.10 24.51
C PHE A 600 18.91 9.14 25.47
N CYS A 601 20.01 9.54 26.09
CA CYS A 601 20.63 8.76 27.14
C CYS A 601 20.40 9.50 28.44
N PRO A 602 19.35 9.20 29.19
CA PRO A 602 19.04 9.96 30.39
C PRO A 602 20.07 9.71 31.47
N GLY A 603 20.44 10.78 32.15
CA GLY A 603 21.55 10.73 33.05
C GLY A 603 22.89 10.95 32.41
N LEU A 604 22.96 10.94 31.09
CA LEU A 604 24.22 11.02 30.37
C LEU A 604 24.18 12.24 29.48
N ASN A 605 24.64 13.37 30.02
CA ASN A 605 24.97 14.53 29.22
C ASN A 605 26.01 14.12 28.19
N ALA A 606 25.62 14.12 26.93
CA ALA A 606 26.46 13.61 25.86
C ALA A 606 27.09 14.69 25.01
N THR A 607 26.61 15.94 25.10
CA THR A 607 27.02 16.97 24.15
C THR A 607 28.43 17.48 24.39
N GLY A 608 29.03 17.20 25.54
CA GLY A 608 30.40 17.61 25.78
C GLY A 608 31.35 16.51 25.39
N ASN A 609 31.08 15.31 25.90
CA ASN A 609 31.77 14.11 25.49
C ASN A 609 30.75 13.00 25.38
N ASN A 610 30.96 12.11 24.42
CA ASN A 610 30.28 10.82 24.42
C ASN A 610 31.32 9.78 24.80
N PRO A 611 31.44 9.43 26.07
CA PRO A 611 32.20 8.24 26.42
C PRO A 611 31.44 7.03 25.94
N CYS A 612 32.18 6.00 25.57
CA CYS A 612 31.62 4.71 25.19
C CYS A 612 30.67 4.83 24.01
N ASN A 613 31.21 5.00 22.81
CA ASN A 613 30.42 5.20 21.60
C ASN A 613 29.73 3.90 21.20
N TYR A 614 29.22 3.87 19.95
CA TYR A 614 28.16 2.97 19.49
C TYR A 614 26.91 3.18 20.32
N ALA A 615 26.68 4.41 20.75
CA ALA A 615 25.73 4.69 21.81
C ALA A 615 24.50 5.46 21.35
N THR A 616 24.67 6.43 20.45
CA THR A 616 23.60 7.31 19.96
C THR A 616 22.91 8.01 21.13
N CYS A 617 23.68 8.82 21.84
CA CYS A 617 23.23 9.47 23.05
C CYS A 617 22.85 10.92 22.85
N THR A 618 22.78 11.39 21.62
CA THR A 618 22.17 12.68 21.36
C THR A 618 21.53 12.63 19.99
N GLY A 619 20.77 13.68 19.68
CA GLY A 619 20.02 13.68 18.45
C GLY A 619 20.89 13.88 17.24
N GLU A 620 22.01 14.58 17.39
CA GLU A 620 22.92 14.76 16.28
C GLU A 620 23.60 13.45 15.91
N GLU A 621 23.94 12.63 16.90
CA GLU A 621 24.61 11.36 16.61
C GLU A 621 23.70 10.41 15.85
N TYR A 622 22.40 10.49 16.09
CA TYR A 622 21.50 9.76 15.22
C TYR A 622 21.45 10.41 13.86
N LEU A 623 21.51 11.73 13.82
CA LEU A 623 21.20 12.42 12.58
C LEU A 623 22.37 12.37 11.62
N VAL A 624 23.60 12.41 12.14
CA VAL A 624 24.77 12.30 11.28
C VAL A 624 24.92 10.87 10.78
N LYS A 625 24.66 9.89 11.63
CA LYS A 625 24.80 8.48 11.28
C LYS A 625 23.82 8.06 10.19
N GLN A 626 22.72 8.77 10.04
CA GLN A 626 21.86 8.59 8.89
C GLN A 626 22.37 9.29 7.65
N GLY A 627 23.43 10.08 7.75
CA GLY A 627 23.92 10.81 6.61
C GLY A 627 23.07 12.02 6.30
N ILE A 628 22.84 12.86 7.30
CA ILE A 628 22.00 14.04 7.17
C ILE A 628 22.77 15.22 7.74
N ASP A 629 22.71 16.35 7.03
CA ASP A 629 23.45 17.55 7.41
C ASP A 629 22.95 18.11 8.73
N LEU A 630 23.84 18.81 9.43
CA LEU A 630 23.49 19.52 10.65
C LEU A 630 23.45 21.03 10.47
N SER A 631 23.98 21.55 9.38
CA SER A 631 23.88 22.96 9.10
C SER A 631 22.43 23.31 8.75
N PRO A 632 21.99 24.53 9.04
CA PRO A 632 20.60 24.90 8.74
C PRO A 632 20.27 24.95 7.26
N TRP A 633 21.25 24.92 6.37
CA TRP A 633 20.95 24.65 4.98
C TRP A 633 20.39 23.25 4.80
N GLY A 634 20.89 22.29 5.59
CA GLY A 634 20.50 20.90 5.45
C GLY A 634 19.04 20.63 5.71
N LEU A 635 18.37 21.53 6.42
CA LEU A 635 16.91 21.49 6.49
C LEU A 635 16.30 21.91 5.17
N TRP A 636 16.59 23.14 4.74
CA TRP A 636 15.87 23.73 3.63
C TRP A 636 16.38 23.26 2.27
N LYS A 637 17.53 22.59 2.25
CA LYS A 637 17.96 21.84 1.07
C LYS A 637 16.90 20.84 0.64
N ASN A 638 16.25 20.23 1.61
CA ASN A 638 15.21 19.27 1.32
C ASN A 638 14.01 19.96 0.70
N HIS A 639 13.71 21.18 1.15
CA HIS A 639 12.52 21.86 0.65
C HIS A 639 12.72 22.34 -0.79
N VAL A 640 13.89 22.93 -1.07
CA VAL A 640 14.16 23.36 -2.44
C VAL A 640 14.39 22.16 -3.35
N ALA A 641 14.76 21.01 -2.80
CA ALA A 641 14.69 19.79 -3.58
C ALA A 641 13.25 19.44 -3.88
N LEU A 642 12.39 19.52 -2.88
CA LEU A 642 10.99 19.20 -3.06
C LEU A 642 10.28 20.25 -3.88
N ALA A 643 10.68 21.52 -3.76
CA ALA A 643 10.06 22.57 -4.55
C ALA A 643 10.38 22.41 -6.03
N CYS A 644 11.60 21.98 -6.34
CA CYS A 644 11.95 21.72 -7.72
C CYS A 644 11.25 20.46 -8.21
N MET A 645 11.08 19.46 -7.35
CA MET A 645 10.40 18.25 -7.80
C MET A 645 8.91 18.48 -7.99
N ILE A 646 8.34 19.49 -7.35
CA ILE A 646 6.97 19.87 -7.67
C ILE A 646 6.91 20.46 -9.07
N VAL A 647 7.78 21.44 -9.35
CA VAL A 647 7.73 22.20 -10.60
C VAL A 647 8.07 21.31 -11.79
N ILE A 648 9.06 20.43 -11.62
CA ILE A 648 9.41 19.47 -12.67
C ILE A 648 8.26 18.53 -12.94
N PHE A 649 7.70 17.93 -11.89
CA PHE A 649 6.66 16.93 -12.09
C PHE A 649 5.36 17.56 -12.54
N LEU A 650 5.11 18.82 -12.18
CA LEU A 650 3.96 19.48 -12.76
C LEU A 650 4.21 19.83 -14.21
N THR A 651 5.46 20.14 -14.57
CA THR A 651 5.76 20.45 -15.96
C THR A 651 5.64 19.21 -16.83
N ILE A 652 6.12 18.07 -16.34
CA ILE A 652 5.90 16.80 -17.01
C ILE A 652 4.41 16.51 -17.09
N ALA A 653 3.68 16.87 -16.04
CA ALA A 653 2.23 16.81 -16.11
C ALA A 653 1.67 17.87 -17.05
N TYR A 654 2.32 19.03 -17.15
CA TYR A 654 1.84 20.05 -18.08
C TYR A 654 2.13 19.67 -19.52
N LEU A 655 3.27 19.05 -19.78
CA LEU A 655 3.62 18.66 -21.14
C LEU A 655 2.81 17.45 -21.59
N LYS A 656 2.60 16.48 -20.70
CA LYS A 656 1.77 15.34 -21.04
C LYS A 656 0.34 15.74 -21.29
N LEU A 657 -0.15 16.76 -20.59
CA LEU A 657 -1.45 17.30 -20.94
C LEU A 657 -1.40 18.17 -22.17
N LEU A 658 -0.23 18.66 -22.55
CA LEU A 658 -0.13 19.45 -23.77
C LEU A 658 0.11 18.59 -24.98
N PHE A 659 1.09 17.68 -24.91
CA PHE A 659 1.46 16.82 -26.02
C PHE A 659 0.60 15.57 -26.10
N LEU A 660 -0.57 15.57 -25.47
CA LEU A 660 -1.43 14.41 -25.50
C LEU A 660 -2.07 14.28 -26.87
N LYS A 661 -2.28 13.04 -27.31
CA LYS A 661 -3.08 12.81 -28.48
C LYS A 661 -4.55 13.04 -28.13
N LYS A 662 -5.01 14.28 -28.32
CA LYS A 662 -6.38 14.65 -27.99
C LYS A 662 -7.39 14.01 -28.92
N TYR A 663 -6.96 13.61 -30.10
CA TYR A 663 -7.86 13.21 -31.17
C TYR A 663 -8.31 11.77 -31.06
N ASP B 1 5.36 -4.85 34.67
CA ASP B 1 6.76 -4.47 34.79
C ASP B 1 7.65 -5.69 35.01
N ILE B 2 8.77 -5.49 35.69
CA ILE B 2 9.75 -6.54 35.93
C ILE B 2 9.91 -6.66 37.44
N VAL B 3 9.43 -7.74 38.01
CA VAL B 3 9.56 -7.95 39.45
C VAL B 3 10.75 -8.89 39.68
N LEU B 4 11.44 -8.67 40.79
CA LEU B 4 12.71 -9.34 41.05
C LEU B 4 12.54 -10.16 42.31
N THR B 5 12.22 -11.42 42.14
CA THR B 5 11.98 -12.30 43.26
C THR B 5 13.31 -12.79 43.81
N GLN B 6 13.75 -12.22 44.92
CA GLN B 6 14.78 -12.90 45.70
C GLN B 6 14.04 -13.96 46.50
N SER B 7 13.91 -15.15 45.92
CA SER B 7 13.20 -16.22 46.60
C SER B 7 13.82 -16.66 47.93
N PRO B 8 15.15 -16.61 48.17
CA PRO B 8 15.61 -16.81 49.55
C PRO B 8 15.51 -15.55 50.39
N SER B 9 14.37 -15.29 51.02
CA SER B 9 14.17 -14.04 51.76
C SER B 9 15.09 -13.87 52.96
N SER B 10 15.67 -14.94 53.47
CA SER B 10 16.68 -14.83 54.51
C SER B 10 17.63 -16.02 54.39
N PHE B 11 18.61 -16.04 55.29
CA PHE B 11 19.53 -17.15 55.40
C PHE B 11 19.91 -17.34 56.85
N SER B 12 20.75 -18.33 57.09
CA SER B 12 21.38 -18.52 58.39
C SER B 12 22.72 -19.20 58.12
N VAL B 13 23.77 -18.40 58.05
CA VAL B 13 25.08 -18.89 57.65
C VAL B 13 26.06 -18.67 58.79
N SER B 14 27.30 -19.10 58.59
CA SER B 14 28.37 -18.86 59.54
C SER B 14 29.53 -18.22 58.80
N LEU B 15 30.54 -17.83 59.56
CA LEU B 15 31.68 -17.13 58.97
C LEU B 15 32.51 -18.09 58.13
N GLY B 16 33.15 -17.54 57.11
CA GLY B 16 33.96 -18.36 56.22
C GLY B 16 33.17 -19.28 55.34
N ASP B 17 31.92 -18.94 55.05
CA ASP B 17 31.04 -19.77 54.25
C ASP B 17 30.81 -19.14 52.89
N ARG B 18 30.69 -19.98 51.87
CA ARG B 18 30.25 -19.54 50.56
C ARG B 18 28.73 -19.58 50.53
N VAL B 19 28.11 -18.41 50.55
CA VAL B 19 26.66 -18.29 50.44
C VAL B 19 26.34 -17.80 49.04
N THR B 20 25.20 -18.24 48.51
CA THR B 20 24.83 -17.94 47.14
C THR B 20 23.41 -17.37 47.15
N ILE B 21 23.30 -16.09 46.90
CA ILE B 21 22.02 -15.39 46.91
C ILE B 21 21.47 -15.39 45.49
N SER B 22 20.30 -15.95 45.30
CA SER B 22 19.69 -15.90 43.99
C SER B 22 18.89 -14.63 43.81
N CYS B 23 18.62 -14.29 42.55
CA CYS B 23 17.72 -13.18 42.25
C CYS B 23 17.03 -13.53 40.93
N LYS B 24 15.87 -14.15 41.04
CA LYS B 24 15.14 -14.59 39.87
C LYS B 24 14.37 -13.41 39.28
N ALA B 25 14.56 -13.18 38.00
CA ALA B 25 13.91 -12.08 37.31
C ALA B 25 12.65 -12.54 36.61
N SER B 26 11.75 -11.60 36.40
CA SER B 26 10.50 -11.87 35.68
C SER B 26 10.58 -11.42 34.24
N GLY B 27 11.76 -11.56 33.65
CA GLY B 27 12.04 -11.10 32.31
C GLY B 27 13.53 -11.04 32.11
N TYR B 28 13.94 -10.99 30.86
CA TYR B 28 15.37 -10.97 30.58
C TYR B 28 15.94 -9.60 30.91
N ILE B 29 17.03 -9.61 31.64
CA ILE B 29 17.61 -8.36 32.11
C ILE B 29 18.87 -8.09 31.32
N LEU B 30 19.52 -9.16 30.86
CA LEU B 30 20.75 -9.12 30.07
C LEU B 30 21.85 -8.36 30.82
N ASN B 31 22.20 -8.91 31.97
CA ASN B 31 23.28 -8.45 32.83
C ASN B 31 23.09 -7.02 33.30
N ARG B 32 21.87 -6.50 33.30
CA ARG B 32 21.63 -5.17 33.85
C ARG B 32 21.17 -5.27 35.28
N LEU B 33 21.92 -5.97 36.12
CA LEU B 33 21.45 -6.42 37.42
C LEU B 33 22.37 -5.89 38.49
N ALA B 34 21.93 -4.92 39.26
CA ALA B 34 22.77 -4.37 40.30
C ALA B 34 22.66 -5.19 41.57
N TRP B 35 23.57 -4.95 42.49
CA TRP B 35 23.51 -5.47 43.84
C TRP B 35 23.84 -4.37 44.82
N TYR B 36 23.08 -4.27 45.88
CA TYR B 36 23.35 -3.27 46.87
C TYR B 36 23.58 -3.93 48.21
N GLN B 37 23.92 -3.13 49.20
CA GLN B 37 24.18 -3.66 50.53
C GLN B 37 23.80 -2.59 51.54
N GLN B 38 22.64 -2.76 52.17
CA GLN B 38 22.16 -1.80 53.13
C GLN B 38 22.51 -2.31 54.51
N LYS B 39 23.54 -1.73 55.10
CA LYS B 39 23.72 -1.85 56.53
C LYS B 39 22.58 -1.12 57.23
N PRO B 40 22.18 -1.54 58.42
CA PRO B 40 21.02 -0.92 59.08
C PRO B 40 21.32 0.51 59.50
N GLY B 41 20.47 1.43 59.06
CA GLY B 41 20.68 2.84 59.31
C GLY B 41 21.41 3.57 58.21
N ASN B 42 21.45 3.02 57.00
CA ASN B 42 22.24 3.60 55.92
C ASN B 42 21.48 3.49 54.61
N ALA B 43 21.98 4.17 53.64
CA ALA B 43 21.53 4.05 52.27
C ALA B 43 22.23 2.86 51.61
N PRO B 44 21.61 2.25 50.61
CA PRO B 44 22.25 1.09 49.97
C PRO B 44 23.51 1.43 49.19
N ARG B 45 24.64 0.97 49.70
CA ARG B 45 25.90 1.08 48.98
C ARG B 45 25.90 0.15 47.79
N LEU B 46 26.37 0.64 46.65
CA LEU B 46 26.42 -0.18 45.45
C LEU B 46 27.53 -1.21 45.56
N LEU B 47 27.22 -2.46 45.20
CA LEU B 47 28.15 -3.56 45.32
C LEU B 47 28.63 -4.08 43.97
N ILE B 48 27.72 -4.51 43.11
CA ILE B 48 28.07 -5.06 41.81
C ILE B 48 27.17 -4.44 40.75
N SER B 49 27.79 -3.77 39.79
CA SER B 49 27.06 -3.37 38.59
C SER B 49 27.26 -4.41 37.52
N GLY B 50 26.42 -4.37 36.50
CA GLY B 50 26.58 -5.22 35.34
C GLY B 50 26.38 -6.71 35.56
N ALA B 51 26.06 -7.14 36.79
CA ALA B 51 25.85 -8.52 37.24
C ALA B 51 27.08 -9.40 37.17
N THR B 52 28.20 -8.87 36.65
CA THR B 52 29.48 -9.56 36.67
C THR B 52 30.62 -8.67 37.11
N SER B 53 30.45 -7.35 37.09
CA SER B 53 31.52 -6.43 37.46
C SER B 53 31.60 -6.32 38.97
N LEU B 54 32.32 -5.32 39.45
CA LEU B 54 32.47 -5.12 40.88
C LEU B 54 32.71 -3.64 41.08
N GLU B 55 32.52 -3.18 42.30
CA GLU B 55 32.71 -1.78 42.60
C GLU B 55 33.87 -1.60 43.56
N THR B 56 34.69 -0.60 43.26
CA THR B 56 35.92 -0.36 44.00
C THR B 56 35.58 0.05 45.43
N GLY B 57 36.10 -0.72 46.38
CA GLY B 57 35.77 -0.53 47.77
C GLY B 57 35.22 -1.81 48.37
N PHE B 58 35.60 -2.94 47.78
CA PHE B 58 35.18 -4.26 48.27
C PHE B 58 36.29 -5.27 48.04
N PRO B 59 36.34 -6.34 48.82
CA PRO B 59 37.23 -7.45 48.50
C PRO B 59 36.80 -8.16 47.24
N SER B 60 37.69 -9.03 46.75
CA SER B 60 37.38 -9.84 45.58
C SER B 60 36.70 -11.15 45.97
N ARG B 61 35.65 -11.03 46.74
CA ARG B 61 34.86 -12.15 47.22
C ARG B 61 33.44 -12.11 46.70
N PHE B 62 32.83 -10.93 46.69
CA PHE B 62 31.54 -10.73 46.06
C PHE B 62 31.70 -10.86 44.57
N SER B 63 30.90 -11.70 43.94
CA SER B 63 31.07 -11.98 42.52
C SER B 63 29.76 -12.47 41.95
N GLY B 64 29.19 -11.72 41.01
CA GLY B 64 27.92 -12.09 40.42
C GLY B 64 28.15 -12.98 39.21
N THR B 65 27.39 -14.06 39.14
CA THR B 65 27.46 -15.01 38.03
C THR B 65 26.04 -15.19 37.52
N GLY B 66 25.60 -14.31 36.63
CA GLY B 66 24.26 -14.42 36.16
C GLY B 66 24.13 -14.55 34.66
N SER B 67 23.02 -15.11 34.20
CA SER B 67 22.84 -15.38 32.78
C SER B 67 21.36 -15.47 32.47
N GLY B 68 20.83 -14.53 31.71
CA GLY B 68 19.48 -14.65 31.22
C GLY B 68 18.44 -14.11 32.19
N LYS B 69 17.85 -15.00 32.98
CA LYS B 69 16.99 -14.61 34.08
C LYS B 69 17.52 -15.01 35.44
N ASP B 70 18.41 -16.00 35.51
CA ASP B 70 18.81 -16.60 36.77
C ASP B 70 20.10 -15.95 37.23
N TYR B 71 19.99 -14.72 37.69
CA TYR B 71 21.15 -13.99 38.18
C TYR B 71 21.38 -14.38 39.63
N THR B 72 22.65 -14.43 40.02
CA THR B 72 22.93 -14.76 41.40
C THR B 72 24.22 -14.09 41.86
N LEU B 73 24.38 -14.03 43.17
CA LEU B 73 25.55 -13.46 43.80
C LEU B 73 26.23 -14.53 44.62
N SER B 74 27.56 -14.58 44.54
CA SER B 74 28.36 -15.55 45.27
C SER B 74 29.27 -14.80 46.23
N ILE B 75 29.19 -15.14 47.51
CA ILE B 75 30.01 -14.51 48.53
C ILE B 75 30.88 -15.62 49.10
N SER B 76 32.08 -15.79 48.57
CA SER B 76 32.98 -16.83 49.04
C SER B 76 33.64 -16.37 50.34
N SER B 77 33.38 -17.11 51.43
CA SER B 77 34.02 -16.94 52.73
C SER B 77 33.78 -15.53 53.30
N LEU B 78 32.51 -15.30 53.65
CA LEU B 78 32.07 -13.98 54.10
C LEU B 78 32.71 -13.59 55.42
N GLN B 79 32.65 -12.30 55.71
CA GLN B 79 33.27 -11.72 56.89
C GLN B 79 32.20 -11.31 57.88
N THR B 80 32.66 -10.70 58.98
CA THR B 80 31.71 -10.20 59.97
C THR B 80 31.04 -8.93 59.46
N GLU B 81 31.76 -8.13 58.68
CA GLU B 81 31.28 -6.86 58.16
C GLU B 81 30.39 -6.99 56.94
N ASP B 82 29.90 -8.18 56.63
CA ASP B 82 29.15 -8.40 55.40
C ASP B 82 27.75 -8.93 55.63
N VAL B 83 27.30 -9.00 56.88
CA VAL B 83 25.88 -9.21 57.12
C VAL B 83 25.14 -7.94 56.76
N GLY B 84 24.04 -8.09 56.03
CA GLY B 84 23.29 -6.92 55.63
C GLY B 84 21.98 -7.24 54.96
N THR B 85 21.59 -6.45 53.98
CA THR B 85 20.34 -6.68 53.29
C THR B 85 20.58 -6.44 51.81
N TYR B 86 20.76 -7.51 51.06
CA TYR B 86 21.25 -7.43 49.70
C TYR B 86 20.08 -7.31 48.73
N TYR B 87 20.01 -6.18 48.05
CA TYR B 87 18.93 -5.87 47.13
C TYR B 87 19.44 -5.96 45.71
N CYS B 88 18.78 -6.74 44.89
CA CYS B 88 19.08 -6.79 43.48
C CYS B 88 18.10 -5.88 42.75
N GLN B 89 18.60 -5.21 41.72
CA GLN B 89 17.86 -4.22 40.95
C GLN B 89 17.98 -4.54 39.48
N GLN B 90 16.89 -4.45 38.72
CA GLN B 90 17.05 -4.35 37.29
C GLN B 90 17.16 -2.89 36.92
N TYR B 91 18.05 -2.59 36.00
CA TYR B 91 18.05 -1.29 35.36
C TYR B 91 17.95 -1.46 33.86
N TRP B 92 17.15 -2.43 33.47
CA TRP B 92 16.80 -2.59 32.08
C TRP B 92 15.66 -1.66 31.69
N SER B 93 14.50 -1.81 32.31
CA SER B 93 13.35 -0.98 31.97
C SER B 93 13.42 0.34 32.71
N THR B 94 12.34 1.12 32.67
CA THR B 94 12.23 2.33 33.49
C THR B 94 11.67 2.16 34.91
N PRO B 95 10.60 1.37 35.20
CA PRO B 95 10.22 1.24 36.61
C PRO B 95 11.20 0.34 37.34
N TRP B 96 12.26 0.94 37.88
CA TRP B 96 13.39 0.19 38.40
C TRP B 96 13.00 -0.47 39.71
N THR B 97 12.31 -1.59 39.58
CA THR B 97 11.95 -2.38 40.75
C THR B 97 13.20 -2.99 41.36
N PHE B 98 13.17 -3.14 42.67
CA PHE B 98 14.30 -3.79 43.31
C PHE B 98 13.88 -5.20 43.70
N GLY B 99 14.78 -5.92 44.29
CA GLY B 99 14.41 -7.19 44.87
C GLY B 99 13.77 -7.03 46.22
N GLY B 100 13.29 -8.14 46.76
CA GLY B 100 12.79 -8.12 48.11
C GLY B 100 13.88 -7.90 49.13
N GLY B 101 15.07 -8.39 48.83
CA GLY B 101 16.17 -8.14 49.72
C GLY B 101 16.35 -9.28 50.70
N THR B 102 17.35 -10.11 50.50
CA THR B 102 17.60 -11.13 51.48
C THR B 102 18.29 -10.52 52.69
N LYS B 103 18.41 -11.29 53.75
CA LYS B 103 19.02 -10.79 54.98
C LYS B 103 19.78 -11.91 55.64
N LEU B 104 21.09 -11.75 55.74
CA LEU B 104 21.94 -12.80 56.27
C LEU B 104 21.83 -12.85 57.79
N GLU B 105 22.06 -14.04 58.35
CA GLU B 105 22.01 -14.25 59.77
C GLU B 105 23.19 -15.12 60.20
N ILE B 106 23.43 -15.15 61.50
CA ILE B 106 24.51 -15.92 62.09
C ILE B 106 23.91 -16.92 63.07
N ARG B 107 24.19 -18.19 62.88
CA ARG B 107 23.61 -19.25 63.70
C ARG B 107 24.21 -19.32 65.10
N VAL C 2 27.70 13.91 43.71
CA VAL C 2 28.77 13.29 44.49
C VAL C 2 28.46 13.44 45.97
N GLN C 3 27.86 14.56 46.36
CA GLN C 3 27.57 14.80 47.76
C GLN C 3 26.15 15.33 47.92
N LEU C 4 25.27 14.49 48.44
CA LEU C 4 23.85 14.76 48.51
C LEU C 4 23.41 14.75 49.96
N GLN C 5 22.30 15.45 50.24
CA GLN C 5 21.79 15.57 51.60
C GLN C 5 20.36 16.09 51.53
N GLU C 6 19.47 15.50 52.31
CA GLU C 6 18.10 15.99 52.42
C GLU C 6 17.96 16.84 53.67
N SER C 7 16.90 17.65 53.67
CA SER C 7 16.54 18.45 54.84
C SER C 7 15.07 18.80 54.71
N GLY C 8 14.24 18.21 55.57
CA GLY C 8 12.82 18.46 55.49
C GLY C 8 12.08 18.02 56.73
N PRO C 9 10.76 18.17 56.72
CA PRO C 9 9.94 17.82 57.89
C PRO C 9 9.89 16.31 58.08
N GLY C 10 10.17 15.86 59.31
CA GLY C 10 10.13 14.45 59.62
C GLY C 10 8.77 13.95 60.06
N LEU C 11 7.73 14.65 59.64
CA LEU C 11 6.36 14.41 60.07
C LEU C 11 5.47 15.19 59.14
N VAL C 12 4.22 14.74 58.98
CA VAL C 12 3.22 15.49 58.25
C VAL C 12 1.84 15.05 58.73
N LYS C 13 0.88 15.98 58.63
CA LYS C 13 -0.52 15.60 58.69
C LYS C 13 -0.88 14.81 57.44
N PRO C 14 -1.81 13.88 57.54
CA PRO C 14 -2.19 13.09 56.37
C PRO C 14 -2.95 13.91 55.34
N SER C 15 -2.86 13.45 54.09
CA SER C 15 -3.73 13.86 52.98
C SER C 15 -3.59 15.33 52.63
N GLN C 16 -2.43 15.94 52.89
CA GLN C 16 -2.20 17.31 52.47
C GLN C 16 -1.10 17.41 51.41
N SER C 17 0.15 17.13 51.78
CA SER C 17 1.32 17.40 50.95
C SER C 17 2.59 16.90 51.63
N LEU C 18 3.73 17.09 50.98
CA LEU C 18 5.03 16.77 51.54
C LEU C 18 6.09 17.53 50.74
N SER C 19 7.09 18.05 51.43
CA SER C 19 8.19 18.75 50.79
C SER C 19 9.51 18.24 51.31
N LEU C 20 10.39 17.83 50.40
CA LEU C 20 11.77 17.53 50.73
C LEU C 20 12.67 18.28 49.77
N THR C 21 13.93 18.43 50.15
CA THR C 21 14.88 19.19 49.35
C THR C 21 16.25 18.56 49.46
N CYS C 22 16.85 18.25 48.30
CA CYS C 22 18.16 17.61 48.26
C CYS C 22 19.16 18.58 47.64
N THR C 23 20.08 19.10 48.46
CA THR C 23 21.05 20.10 48.04
C THR C 23 22.35 19.39 47.68
N VAL C 24 22.79 19.56 46.44
CA VAL C 24 23.90 18.80 45.90
C VAL C 24 25.15 19.68 45.88
N THR C 25 26.19 19.22 46.57
CA THR C 25 27.50 19.85 46.51
C THR C 25 28.48 18.87 45.88
N GLY C 26 29.66 19.39 45.56
CA GLY C 26 30.67 18.62 44.88
C GLY C 26 30.45 18.43 43.40
N PHE C 27 29.31 18.89 42.88
CA PHE C 27 28.89 18.66 41.52
C PHE C 27 27.68 19.54 41.27
N SER C 28 27.41 19.84 40.01
CA SER C 28 26.29 20.69 39.66
C SER C 28 25.24 19.86 38.94
N ILE C 29 23.99 20.00 39.34
CA ILE C 29 22.92 19.13 38.85
C ILE C 29 22.51 19.51 37.44
N THR C 30 23.03 20.61 36.93
CA THR C 30 22.86 20.90 35.53
C THR C 30 23.96 20.33 34.67
N SER C 31 24.96 19.70 35.26
CA SER C 31 26.10 19.27 34.44
C SER C 31 25.84 17.95 33.73
N ASP C 32 25.74 16.84 34.48
CA ASP C 32 25.74 15.55 33.81
C ASP C 32 24.52 14.70 34.12
N TYR C 33 24.23 14.41 35.38
CA TYR C 33 23.49 13.20 35.67
C TYR C 33 21.99 13.44 35.74
N ALA C 34 21.26 12.35 35.94
CA ALA C 34 19.87 12.38 36.32
C ALA C 34 19.77 12.17 37.81
N TRP C 35 18.70 12.69 38.40
CA TRP C 35 18.62 12.84 39.85
C TRP C 35 17.29 12.29 40.31
N ASN C 36 17.33 11.24 41.13
CA ASN C 36 16.11 10.51 41.49
C ASN C 36 15.98 10.29 42.99
N TRP C 37 14.73 10.10 43.40
CA TRP C 37 14.31 9.90 44.77
C TRP C 37 13.96 8.44 45.02
N ILE C 38 14.22 8.01 46.25
CA ILE C 38 13.99 6.63 46.68
C ILE C 38 13.32 6.67 48.04
N ARG C 39 12.28 5.86 48.21
CA ARG C 39 11.76 5.61 49.53
C ARG C 39 11.94 4.16 49.90
N GLN C 40 12.14 3.91 51.19
CA GLN C 40 12.27 2.57 51.75
C GLN C 40 11.29 2.44 52.89
N PHE C 41 10.37 1.49 52.79
CA PHE C 41 9.34 1.37 53.80
C PHE C 41 9.91 0.75 55.07
N PRO C 42 9.26 0.94 56.21
CA PRO C 42 9.50 0.03 57.32
C PRO C 42 8.96 -1.33 56.94
N GLY C 43 9.63 -2.38 57.43
CA GLY C 43 9.42 -3.66 56.80
C GLY C 43 10.07 -3.59 55.44
N LYS C 44 11.40 -3.53 55.45
CA LYS C 44 12.21 -2.85 54.45
C LYS C 44 12.07 -3.38 53.03
N LYS C 45 11.43 -2.58 52.18
CA LYS C 45 11.39 -2.81 50.74
C LYS C 45 11.65 -1.48 50.07
N LEU C 46 12.62 -1.48 49.16
CA LEU C 46 12.98 -0.27 48.44
C LEU C 46 12.03 -0.02 47.30
N GLU C 47 11.84 1.25 46.97
CA GLU C 47 10.89 1.62 45.94
C GLU C 47 11.38 2.94 45.35
N TRP C 48 12.05 2.84 44.20
CA TRP C 48 12.48 3.98 43.41
C TRP C 48 11.29 4.84 43.02
N MET C 49 11.45 6.15 43.02
CA MET C 49 10.30 7.03 42.88
C MET C 49 10.26 7.83 41.59
N GLY C 50 11.38 8.27 41.06
CA GLY C 50 11.36 8.98 39.80
C GLY C 50 12.53 9.94 39.70
N TYR C 51 13.03 10.12 38.48
CA TYR C 51 14.21 10.96 38.24
C TYR C 51 13.85 12.22 37.49
N ILE C 52 14.53 13.30 37.83
CA ILE C 52 14.61 14.48 36.99
C ILE C 52 15.91 14.40 36.22
N ASN C 53 15.87 14.71 34.93
CA ASN C 53 17.07 14.65 34.12
C ASN C 53 17.92 15.88 34.43
N PHE C 54 19.10 15.96 33.80
CA PHE C 54 19.94 17.15 33.96
C PHE C 54 19.32 18.36 33.31
N ASP C 55 18.50 18.16 32.28
CA ASP C 55 17.86 19.25 31.56
C ASP C 55 16.37 19.37 31.90
N GLY C 56 16.02 19.13 33.16
CA GLY C 56 14.69 19.43 33.64
C GLY C 56 13.62 18.43 33.27
N GLY C 57 13.83 17.61 32.24
CA GLY C 57 12.90 16.54 31.94
C GLY C 57 12.87 15.50 33.04
N THR C 58 11.77 14.77 33.10
CA THR C 58 11.56 13.91 34.26
C THR C 58 10.63 12.76 33.93
N THR C 59 10.85 11.64 34.64
CA THR C 59 10.03 10.44 34.50
C THR C 59 9.78 9.86 35.89
N TYR C 60 8.51 9.62 36.22
CA TYR C 60 8.10 9.22 37.54
C TYR C 60 7.60 7.77 37.52
N ASN C 61 7.75 7.09 38.66
CA ASN C 61 7.35 5.69 38.82
C ASN C 61 5.85 5.58 38.67
N PRO C 62 5.34 4.78 37.72
CA PRO C 62 3.91 4.82 37.38
C PRO C 62 2.96 4.31 38.45
N SER C 63 3.46 3.78 39.57
CA SER C 63 2.59 3.61 40.72
C SER C 63 2.28 4.95 41.35
N LEU C 64 3.19 5.91 41.23
CA LEU C 64 2.98 7.23 41.79
C LEU C 64 2.67 8.18 40.64
N ARG C 65 1.41 8.16 40.21
CA ARG C 65 0.96 9.06 39.16
C ARG C 65 0.18 10.20 39.79
N GLY C 66 0.48 11.43 39.35
CA GLY C 66 -0.18 12.60 39.86
C GLY C 66 0.15 13.00 41.28
N ARG C 67 0.83 12.16 42.05
CA ARG C 67 1.14 12.45 43.44
C ARG C 67 2.55 12.96 43.63
N ILE C 68 3.50 12.42 42.92
CA ILE C 68 4.86 12.92 42.99
C ILE C 68 5.04 13.98 41.91
N SER C 69 5.83 14.99 42.22
CA SER C 69 6.34 15.89 41.21
C SER C 69 7.73 16.30 41.66
N ILE C 70 8.62 16.50 40.70
CA ILE C 70 9.98 16.96 41.01
C ILE C 70 10.22 18.23 40.22
N THR C 71 10.56 19.30 40.93
CA THR C 71 10.97 20.57 40.36
C THR C 71 12.46 20.72 40.60
N ARG C 72 13.02 21.84 40.16
CA ARG C 72 14.41 22.13 40.47
C ARG C 72 14.66 23.62 40.50
N ASP C 73 15.58 24.03 41.36
CA ASP C 73 16.07 25.40 41.43
C ASP C 73 17.55 25.34 41.06
N THR C 74 17.84 25.56 39.78
CA THR C 74 19.18 25.32 39.24
C THR C 74 20.23 26.26 39.80
N SER C 75 19.83 27.44 40.27
CA SER C 75 20.76 28.47 40.69
C SER C 75 21.44 28.18 42.03
N LYS C 76 21.04 27.12 42.73
CA LYS C 76 21.76 26.71 43.93
C LYS C 76 21.91 25.20 44.03
N ASN C 77 21.63 24.46 42.94
CA ASN C 77 21.70 23.00 42.85
C ASN C 77 20.77 22.32 43.87
N GLN C 78 19.46 22.53 43.66
CA GLN C 78 18.45 21.83 44.42
C GLN C 78 17.43 21.20 43.48
N PHE C 79 16.75 20.19 44.00
CA PHE C 79 15.65 19.55 43.28
C PHE C 79 14.70 18.98 44.32
N PHE C 80 13.41 19.25 44.13
CA PHE C 80 12.42 19.22 45.20
C PHE C 80 11.49 18.03 45.05
N LEU C 81 11.09 17.47 46.19
CA LEU C 81 10.14 16.37 46.25
C LEU C 81 8.82 16.92 46.75
N GLN C 82 7.83 17.01 45.88
CA GLN C 82 6.51 17.51 46.25
C GLN C 82 5.54 16.35 46.08
N LEU C 83 5.14 15.77 47.20
CA LEU C 83 4.34 14.55 47.23
C LEU C 83 3.01 14.87 47.89
N ARG C 84 1.95 14.83 47.11
CA ARG C 84 0.65 15.37 47.51
C ARG C 84 -0.33 14.26 47.83
N SER C 85 -1.36 14.63 48.60
CA SER C 85 -2.43 13.73 49.07
C SER C 85 -1.87 12.50 49.75
N VAL C 86 -1.00 12.73 50.72
CA VAL C 86 -0.19 11.68 51.30
C VAL C 86 -1.01 10.80 52.24
N THR C 87 -1.12 9.52 51.90
CA THR C 87 -1.78 8.53 52.73
C THR C 87 -0.91 8.27 53.96
N PRO C 88 -1.48 7.81 55.07
CA PRO C 88 -0.62 7.37 56.18
C PRO C 88 0.15 6.10 55.91
N GLU C 89 -0.10 5.38 54.82
CA GLU C 89 0.62 4.14 54.61
C GLU C 89 2.03 4.39 54.08
N ASP C 90 2.26 5.43 53.29
CA ASP C 90 3.59 5.62 52.71
C ASP C 90 4.45 6.49 53.62
N THR C 91 4.62 5.97 54.82
CA THR C 91 5.46 6.58 55.85
C THR C 91 6.88 6.05 55.81
N ALA C 92 7.48 6.13 54.63
CA ALA C 92 8.74 5.47 54.38
C ALA C 92 9.92 6.38 54.70
N THR C 93 11.10 5.78 54.70
CA THR C 93 12.35 6.54 54.77
C THR C 93 12.70 7.01 53.38
N TYR C 94 12.86 8.31 53.18
CA TYR C 94 13.10 8.85 51.85
C TYR C 94 14.57 9.14 51.62
N TYR C 95 14.97 9.09 50.35
CA TYR C 95 16.34 9.30 49.91
C TYR C 95 16.34 10.07 48.60
N CYS C 96 17.39 10.83 48.37
CA CYS C 96 17.71 11.34 47.04
C CYS C 96 18.96 10.62 46.54
N ALA C 97 19.00 10.30 45.25
CA ALA C 97 20.11 9.51 44.72
C ALA C 97 20.49 9.97 43.33
N THR C 98 21.53 9.32 42.78
CA THR C 98 22.26 9.84 41.63
C THR C 98 22.56 8.72 40.67
N PHE C 99 22.19 8.93 39.41
CA PHE C 99 22.20 7.91 38.39
C PHE C 99 23.17 8.31 37.29
N TYR C 100 24.00 7.37 36.85
CA TYR C 100 25.05 7.72 35.87
C TYR C 100 24.48 7.83 34.48
N GLY C 101 23.61 6.93 34.10
CA GLY C 101 23.20 6.87 32.72
C GLY C 101 24.01 5.90 31.90
N ALA C 102 25.33 5.99 31.95
CA ALA C 102 26.15 5.08 31.18
C ALA C 102 26.58 3.88 32.01
N LYS C 103 26.92 4.09 33.27
CA LYS C 103 27.16 2.96 34.14
C LYS C 103 25.83 2.30 34.51
N GLY C 104 24.77 3.09 34.63
CA GLY C 104 23.43 2.57 34.77
C GLY C 104 22.94 2.40 36.19
N THR C 105 23.78 2.61 37.18
CA THR C 105 23.41 2.26 38.53
C THR C 105 23.28 3.47 39.42
N LEU C 106 22.60 3.26 40.54
CA LEU C 106 22.42 4.31 41.53
C LEU C 106 23.73 4.53 42.24
N ASP C 107 24.58 5.38 41.67
CA ASP C 107 25.97 5.45 42.11
C ASP C 107 26.10 6.17 43.44
N TYR C 108 25.34 7.23 43.64
CA TYR C 108 25.46 8.02 44.86
C TYR C 108 24.08 8.20 45.45
N TRP C 109 24.02 8.26 46.77
CA TRP C 109 22.77 8.31 47.51
C TRP C 109 22.77 9.47 48.46
N GLY C 110 21.62 9.72 49.06
CA GLY C 110 21.51 10.74 50.08
C GLY C 110 21.97 10.22 51.42
N GLN C 111 21.47 10.86 52.47
CA GLN C 111 21.79 10.43 53.82
C GLN C 111 20.65 9.67 54.46
N GLY C 112 19.42 10.06 54.16
CA GLY C 112 18.26 9.38 54.67
C GLY C 112 17.37 10.23 55.55
N THR C 113 16.22 10.61 55.01
CA THR C 113 15.20 11.32 55.76
C THR C 113 13.98 10.42 55.92
N SER C 114 13.40 10.45 57.10
CA SER C 114 12.23 9.65 57.39
C SER C 114 11.02 10.57 57.48
N VAL C 115 9.90 10.08 56.98
CA VAL C 115 8.66 10.83 57.00
C VAL C 115 7.62 9.96 57.68
N THR C 116 6.99 10.49 58.73
CA THR C 116 5.95 9.77 59.44
C THR C 116 4.63 10.47 59.21
N VAL C 117 3.65 9.76 58.68
CA VAL C 117 2.40 10.39 58.27
C VAL C 117 1.30 10.01 59.25
N SER C 118 1.12 10.81 60.30
CA SER C 118 0.16 10.50 61.35
C SER C 118 -0.49 11.80 61.81
N SER C 119 -1.28 11.71 62.87
CA SER C 119 -1.99 12.88 63.37
C SER C 119 -2.23 12.80 64.87
N ASP D 1 34.43 9.09 1.03
CA ASP D 1 34.73 8.88 2.44
C ASP D 1 34.88 10.20 3.18
N ILE D 2 35.70 10.20 4.23
CA ILE D 2 35.89 11.37 5.07
C ILE D 2 37.38 11.67 5.06
N VAL D 3 37.77 12.75 4.42
CA VAL D 3 39.18 13.13 4.38
C VAL D 3 39.40 14.21 5.43
N LEU D 4 40.59 14.19 6.01
CA LEU D 4 40.89 15.01 7.19
C LEU D 4 42.02 15.95 6.81
N THR D 5 41.67 17.14 6.39
CA THR D 5 42.65 18.12 5.94
C THR D 5 43.25 18.79 7.16
N GLN D 6 44.46 18.41 7.52
CA GLN D 6 45.25 19.28 8.39
C GLN D 6 45.84 20.33 7.48
N SER D 7 45.10 21.42 7.30
CA SER D 7 45.58 22.49 6.43
C SER D 7 46.90 23.14 6.86
N PRO D 8 47.27 23.26 8.16
CA PRO D 8 48.66 23.65 8.43
C PRO D 8 49.62 22.49 8.37
N SER D 9 50.18 22.19 7.20
CA SER D 9 51.04 21.02 7.03
C SER D 9 52.34 21.08 7.82
N SER D 10 52.76 22.26 8.25
CA SER D 10 53.90 22.37 9.14
C SER D 10 53.74 23.63 9.99
N PHE D 11 54.72 23.86 10.85
CA PHE D 11 54.77 25.07 11.65
C PHE D 11 56.23 25.46 11.84
N SER D 12 56.42 26.55 12.56
CA SER D 12 57.74 26.94 13.02
C SER D 12 57.51 27.72 14.31
N VAL D 13 57.65 27.03 15.44
CA VAL D 13 57.33 27.61 16.74
C VAL D 13 58.57 27.64 17.60
N SER D 14 58.44 28.17 18.81
CA SER D 14 59.51 28.15 19.78
C SER D 14 58.98 27.55 21.07
N LEU D 15 59.88 27.35 22.03
CA LEU D 15 59.49 26.72 23.28
C LEU D 15 58.62 27.66 24.10
N GLY D 16 57.75 27.06 24.91
CA GLY D 16 56.84 27.85 25.73
C GLY D 16 55.78 28.59 24.95
N ASP D 17 55.42 28.09 23.77
CA ASP D 17 54.43 28.73 22.92
C ASP D 17 53.15 27.92 22.89
N ARG D 18 52.03 28.63 22.81
CA ARG D 18 50.75 28.00 22.56
C ARG D 18 50.56 27.88 21.06
N VAL D 19 50.67 26.66 20.55
CA VAL D 19 50.43 26.38 19.14
C VAL D 19 49.08 25.71 19.02
N THR D 20 48.39 25.96 17.91
CA THR D 20 47.05 25.47 17.71
C THR D 20 46.98 24.76 16.36
N ILE D 21 46.87 23.45 16.40
CA ILE D 21 46.84 22.63 15.19
C ILE D 21 45.40 22.42 14.81
N SER D 22 45.03 22.82 13.61
CA SER D 22 43.67 22.56 13.17
C SER D 22 43.58 21.19 12.52
N CYS D 23 42.36 20.69 12.41
CA CYS D 23 42.10 19.47 11.66
C CYS D 23 40.69 19.60 11.09
N LYS D 24 40.60 20.10 9.87
CA LYS D 24 39.33 20.32 9.23
C LYS D 24 38.82 19.02 8.65
N ALA D 25 37.59 18.67 8.99
CA ALA D 25 37.00 17.43 8.54
C ALA D 25 36.11 17.67 7.32
N SER D 26 35.93 16.63 6.53
CA SER D 26 35.07 16.68 5.35
C SER D 26 33.71 16.08 5.63
N GLY D 27 33.23 16.27 6.85
CA GLY D 27 31.97 15.71 7.31
C GLY D 27 31.94 15.78 8.81
N TYR D 28 30.74 15.63 9.37
CA TYR D 28 30.62 15.73 10.81
C TYR D 28 31.16 14.48 11.47
N ILE D 29 32.00 14.67 12.47
CA ILE D 29 32.67 13.55 13.10
C ILE D 29 32.03 13.33 14.46
N LEU D 30 31.51 14.41 15.05
CA LEU D 30 30.86 14.41 16.37
C LEU D 30 31.80 13.86 17.43
N ASN D 31 32.91 14.57 17.60
CA ASN D 31 33.91 14.32 18.63
C ASN D 31 34.53 12.93 18.52
N ARG D 32 34.48 12.29 17.36
CA ARG D 32 35.16 11.03 17.19
C ARG D 32 36.53 11.23 16.57
N LEU D 33 37.34 12.10 17.16
CA LEU D 33 38.52 12.64 16.50
C LEU D 33 39.73 12.33 17.36
N ALA D 34 40.57 11.41 16.92
CA ALA D 34 41.75 11.07 17.68
C ALA D 34 42.89 12.02 17.36
N TRP D 35 43.92 11.98 18.20
CA TRP D 35 45.18 12.65 17.93
C TRP D 35 46.31 11.69 18.25
N TYR D 36 47.30 11.64 17.39
CA TYR D 36 48.43 10.78 17.64
C TYR D 36 49.69 11.61 17.65
N GLN D 37 50.80 10.97 17.97
CA GLN D 37 52.08 11.67 18.03
C GLN D 37 53.17 10.69 17.64
N GLN D 38 53.65 10.81 16.41
CA GLN D 38 54.68 9.91 15.92
C GLN D 38 56.01 10.62 16.07
N LYS D 39 56.76 10.22 17.07
CA LYS D 39 58.18 10.51 17.08
C LYS D 39 58.85 9.74 15.95
N PRO D 40 59.93 10.27 15.38
CA PRO D 40 60.54 9.59 14.22
C PRO D 40 61.18 8.27 14.60
N GLY D 41 60.77 7.22 13.89
CA GLY D 41 61.20 5.88 14.21
C GLY D 41 60.28 5.10 15.11
N ASN D 42 59.01 5.51 15.23
CA ASN D 42 58.10 4.91 16.19
C ASN D 42 56.72 4.79 15.56
N ALA D 43 55.89 4.05 16.24
CA ALA D 43 54.48 3.97 15.93
C ALA D 43 53.75 5.15 16.58
N PRO D 44 52.63 5.57 16.03
CA PRO D 44 51.91 6.71 16.62
C PRO D 44 51.31 6.42 17.98
N ARG D 45 51.86 7.05 19.00
CA ARG D 45 51.30 6.99 20.33
C ARG D 45 50.00 7.79 20.38
N LEU D 46 48.98 7.21 21.01
CA LEU D 46 47.70 7.90 21.12
C LEU D 46 47.79 9.05 22.11
N LEU D 47 47.25 10.20 21.73
CA LEU D 47 47.33 11.40 22.55
C LEU D 47 45.98 11.81 23.10
N ILE D 48 44.98 12.04 22.26
CA ILE D 48 43.67 12.48 22.70
C ILE D 48 42.62 11.65 22.00
N SER D 49 41.80 10.96 22.76
CA SER D 49 40.60 10.35 22.22
C SER D 49 39.43 11.28 22.43
N GLY D 50 38.35 11.02 21.71
CA GLY D 50 37.12 11.76 21.92
C GLY D 50 37.13 13.22 21.56
N ALA D 51 38.25 13.76 21.07
CA ALA D 51 38.51 15.15 20.68
C ALA D 51 38.46 16.14 21.83
N THR D 52 38.12 15.68 23.03
CA THR D 52 38.18 16.50 24.24
C THR D 52 38.84 15.79 25.40
N SER D 53 38.96 14.47 25.37
CA SER D 53 39.54 13.71 26.47
C SER D 53 41.06 13.78 26.39
N LEU D 54 41.72 12.92 27.13
CA LEU D 54 43.17 12.90 27.15
C LEU D 54 43.57 11.49 27.50
N GLU D 55 44.82 11.15 27.23
CA GLU D 55 45.29 9.81 27.51
C GLU D 55 46.39 9.86 28.57
N THR D 56 46.30 8.94 29.51
CA THR D 56 47.19 8.90 30.66
C THR D 56 48.61 8.63 30.22
N GLY D 57 49.50 9.55 30.56
CA GLY D 57 50.86 9.48 30.08
C GLY D 57 51.24 10.76 29.36
N PHE D 58 50.57 11.86 29.69
CA PHE D 58 50.84 13.16 29.10
C PHE D 58 50.59 14.24 30.14
N PRO D 59 51.24 15.39 29.99
CA PRO D 59 50.88 16.55 30.82
C PRO D 59 49.50 17.07 30.46
N SER D 60 49.00 17.96 31.31
CA SER D 60 47.71 18.61 31.07
C SER D 60 47.87 19.87 30.23
N ARG D 61 48.56 19.73 29.11
CA ARG D 61 48.80 20.81 28.17
C ARG D 61 48.15 20.56 26.83
N PHE D 62 48.24 19.33 26.33
CA PHE D 62 47.52 18.93 25.15
C PHE D 62 46.04 18.90 25.45
N SER D 63 45.24 19.59 24.66
CA SER D 63 43.81 19.71 24.95
C SER D 63 43.07 20.00 23.67
N GLY D 64 42.18 19.09 23.28
CA GLY D 64 41.41 19.25 22.06
C GLY D 64 40.14 20.02 22.32
N THR D 65 39.87 21.01 21.49
CA THR D 65 38.66 21.82 21.58
C THR D 65 37.99 21.80 20.22
N GLY D 66 37.18 20.79 19.97
CA GLY D 66 36.57 20.70 18.67
C GLY D 66 35.06 20.65 18.70
N SER D 67 34.43 21.02 17.61
CA SER D 67 32.97 21.11 17.57
C SER D 67 32.52 21.02 16.11
N GLY D 68 31.82 19.94 15.77
CA GLY D 68 31.20 19.87 14.46
C GLY D 68 32.11 19.33 13.39
N LYS D 69 32.74 20.24 12.64
CA LYS D 69 33.78 19.89 11.70
C LYS D 69 35.12 20.49 12.03
N ASP D 70 35.16 21.57 12.81
CA ASP D 70 36.37 22.34 13.02
C ASP D 70 37.04 21.89 14.31
N TYR D 71 37.63 20.71 14.25
CA TYR D 71 38.31 20.17 15.42
C TYR D 71 39.72 20.74 15.46
N THR D 72 40.22 20.97 16.67
CA THR D 72 41.58 21.48 16.76
C THR D 72 42.23 21.00 18.05
N LEU D 73 43.55 21.11 18.07
CA LEU D 73 44.37 20.74 19.21
C LEU D 73 45.10 21.97 19.71
N SER D 74 45.16 22.14 21.02
CA SER D 74 45.83 23.27 21.64
C SER D 74 46.96 22.73 22.50
N ILE D 75 48.16 23.20 22.25
CA ILE D 75 49.34 22.78 23.02
C ILE D 75 49.85 24.03 23.71
N SER D 76 49.42 24.26 24.94
CA SER D 76 49.86 25.43 25.67
C SER D 76 51.25 25.20 26.23
N SER D 77 52.20 26.03 25.80
CA SER D 77 53.58 26.07 26.30
C SER D 77 54.29 24.72 26.13
N LEU D 78 54.54 24.40 24.86
CA LEU D 78 55.09 23.11 24.49
C LEU D 78 56.52 22.93 25.02
N GLN D 79 56.96 21.68 25.04
CA GLN D 79 58.25 21.31 25.58
C GLN D 79 59.18 20.90 24.45
N THR D 80 60.39 20.48 24.84
CA THR D 80 61.33 19.97 23.85
C THR D 80 60.92 18.60 23.36
N GLU D 81 60.32 17.80 24.22
CA GLU D 81 59.92 16.43 23.92
C GLU D 81 58.60 16.34 23.17
N ASP D 82 58.10 17.42 22.59
CA ASP D 82 56.78 17.42 21.98
C ASP D 82 56.81 17.82 20.52
N VAL D 83 57.99 17.99 19.92
CA VAL D 83 58.07 18.08 18.47
C VAL D 83 57.80 16.70 17.90
N GLY D 84 56.96 16.64 16.87
CA GLY D 84 56.63 15.36 16.29
C GLY D 84 55.81 15.48 15.04
N THR D 85 54.90 14.54 14.84
CA THR D 85 54.06 14.55 13.65
C THR D 85 52.65 14.19 14.07
N TYR D 86 51.80 15.18 14.23
CA TYR D 86 50.51 15.01 14.88
C TYR D 86 49.46 14.65 13.84
N TYR D 87 48.92 13.44 13.94
CA TYR D 87 47.94 12.92 13.00
C TYR D 87 46.57 12.89 13.65
N CYS D 88 45.60 13.53 13.02
CA CYS D 88 44.23 13.43 13.47
C CYS D 88 43.52 12.36 12.66
N GLN D 89 42.63 11.63 13.32
CA GLN D 89 41.93 10.48 12.77
C GLN D 89 40.45 10.65 13.01
N GLN D 90 39.61 10.36 12.03
CA GLN D 90 38.22 10.12 12.35
C GLN D 90 38.04 8.64 12.64
N TYR D 91 37.26 8.33 13.65
CA TYR D 91 36.79 6.98 13.84
C TYR D 91 35.28 6.97 13.88
N TRP D 92 34.69 7.80 13.05
CA TRP D 92 33.25 7.77 12.84
C TRP D 92 32.87 6.69 11.84
N SER D 93 33.36 6.78 10.61
CA SER D 93 33.02 5.81 9.58
C SER D 93 33.92 4.58 9.70
N THR D 94 33.87 3.70 8.70
CA THR D 94 34.82 2.58 8.61
C THR D 94 36.14 2.85 7.89
N PRO D 95 36.23 3.55 6.73
CA PRO D 95 37.57 3.80 6.19
C PRO D 95 38.28 4.87 6.98
N TRP D 96 38.98 4.45 8.04
CA TRP D 96 39.51 5.38 9.03
C TRP D 96 40.69 6.13 8.44
N THR D 97 40.36 7.16 7.67
CA THR D 97 41.38 8.03 7.12
C THR D 97 42.03 8.83 8.22
N PHE D 98 43.31 9.13 8.04
CA PHE D 98 43.96 9.95 9.03
C PHE D 98 44.14 11.34 8.43
N GLY D 99 44.73 12.22 9.20
CA GLY D 99 45.10 13.51 8.66
C GLY D 99 46.39 13.43 7.88
N GLY D 100 46.73 14.55 7.25
CA GLY D 100 48.03 14.61 6.60
C GLY D 100 49.15 14.63 7.59
N GLY D 101 48.94 15.20 8.76
CA GLY D 101 49.95 15.17 9.78
C GLY D 101 50.78 16.41 9.73
N THR D 102 50.58 17.32 10.68
CA THR D 102 51.45 18.47 10.73
C THR D 102 52.78 18.08 11.33
N LYS D 103 53.76 18.98 11.25
CA LYS D 103 55.08 18.67 11.77
C LYS D 103 55.68 19.94 12.35
N LEU D 104 55.93 19.93 13.65
CA LEU D 104 56.40 21.12 14.33
C LEU D 104 57.88 21.32 14.06
N GLU D 105 58.31 22.58 14.11
CA GLU D 105 59.70 22.95 13.89
C GLU D 105 60.12 23.98 14.93
N ILE D 106 61.42 24.18 15.02
CA ILE D 106 62.03 25.13 15.96
C ILE D 106 62.81 26.16 15.16
N ARG D 107 62.49 27.43 15.35
CA ARG D 107 63.12 28.50 14.58
C ARG D 107 64.54 28.77 15.02
N VAL E 2 47.45 -6.05 23.99
CA VAL E 2 48.24 -5.24 24.91
C VAL E 2 49.69 -5.28 24.44
N GLN E 3 50.14 -6.41 23.92
CA GLN E 3 51.53 -6.54 23.51
C GLN E 3 51.61 -7.21 22.14
N LEU E 4 51.95 -6.42 21.12
CA LEU E 4 51.90 -6.85 19.73
C LEU E 4 53.29 -6.74 19.13
N GLN E 5 53.53 -7.52 18.09
CA GLN E 5 54.84 -7.56 17.45
C GLN E 5 54.70 -8.25 16.10
N GLU E 6 55.31 -7.69 15.07
CA GLU E 6 55.34 -8.31 13.76
C GLU E 6 56.65 -9.05 13.56
N SER E 7 56.64 -9.97 12.60
CA SER E 7 57.85 -10.68 12.19
C SER E 7 57.62 -11.20 10.78
N GLY E 8 58.32 -10.62 9.81
CA GLY E 8 58.14 -11.04 8.44
C GLY E 8 59.24 -10.56 7.52
N PRO E 9 59.11 -10.87 6.23
CA PRO E 9 60.15 -10.49 5.27
C PRO E 9 60.17 -8.99 5.05
N GLY E 10 61.35 -8.39 5.13
CA GLY E 10 61.51 -6.97 4.93
C GLY E 10 61.76 -6.58 3.49
N LEU E 11 61.31 -7.43 2.56
CA LEU E 11 61.57 -7.30 1.14
C LEU E 11 60.64 -8.27 0.44
N VAL E 12 60.33 -7.96 -0.82
CA VAL E 12 59.58 -8.90 -1.66
C VAL E 12 59.86 -8.57 -3.11
N LYS E 13 59.79 -9.60 -3.96
CA LYS E 13 59.66 -9.39 -5.39
C LYS E 13 58.30 -8.76 -5.69
N PRO E 14 58.20 -7.94 -6.72
CA PRO E 14 56.92 -7.31 -7.03
C PRO E 14 55.93 -8.32 -7.60
N SER E 15 54.65 -7.97 -7.42
CA SER E 15 53.51 -8.58 -8.11
C SER E 15 53.33 -10.06 -7.78
N GLN E 16 53.77 -10.50 -6.60
CA GLN E 16 53.53 -11.88 -6.20
C GLN E 16 52.61 -11.95 -4.98
N SER E 17 53.07 -11.50 -3.82
CA SER E 17 52.39 -11.72 -2.53
C SER E 17 53.13 -11.02 -1.41
N LEU E 18 52.62 -11.14 -0.18
CA LEU E 18 53.27 -10.62 1.00
C LEU E 18 52.66 -11.33 2.21
N SER E 19 53.51 -11.67 3.18
CA SER E 19 53.05 -12.32 4.40
C SER E 19 53.64 -11.60 5.60
N LEU E 20 52.79 -11.19 6.53
CA LEU E 20 53.22 -10.71 7.82
C LEU E 20 52.43 -11.44 8.90
N THR E 21 52.95 -11.41 10.12
CA THR E 21 52.34 -12.15 11.22
C THR E 21 52.51 -11.35 12.51
N CYS E 22 51.40 -11.09 13.20
CA CYS E 22 51.40 -10.32 14.44
C CYS E 22 51.00 -11.23 15.59
N THR E 23 51.96 -11.56 16.45
CA THR E 23 51.76 -12.47 17.56
C THR E 23 51.45 -11.67 18.82
N VAL E 24 50.28 -11.91 19.41
CA VAL E 24 49.77 -11.09 20.49
C VAL E 24 49.97 -11.81 21.80
N THR E 25 50.70 -11.18 22.72
CA THR E 25 50.85 -11.66 24.08
C THR E 25 50.22 -10.65 25.02
N GLY E 26 50.07 -11.06 26.28
CA GLY E 26 49.42 -10.25 27.27
C GLY E 26 47.91 -10.25 27.20
N PHE E 27 47.32 -10.87 26.18
CA PHE E 27 45.91 -10.83 25.89
C PHE E 27 45.65 -11.85 24.81
N SER E 28 44.41 -12.31 24.71
CA SER E 28 44.04 -13.31 23.73
C SER E 28 43.14 -12.68 22.68
N ILE E 29 43.43 -12.92 21.41
CA ILE E 29 42.74 -12.22 20.33
C ILE E 29 41.35 -12.78 20.10
N THR E 30 41.02 -13.86 20.79
CA THR E 30 39.64 -14.32 20.80
C THR E 30 38.84 -13.71 21.93
N SER E 31 39.46 -12.91 22.80
CA SER E 31 38.71 -12.44 23.96
C SER E 31 37.83 -11.23 23.64
N ASP E 32 38.44 -10.08 23.36
CA ASP E 32 37.64 -8.86 23.30
C ASP E 32 37.73 -8.12 21.97
N TYR E 33 38.91 -7.75 21.53
CA TYR E 33 39.00 -6.61 20.64
C TYR E 33 38.94 -7.00 19.18
N ALA E 34 38.95 -5.99 18.32
CA ALA E 34 39.19 -6.14 16.90
C ALA E 34 40.64 -5.79 16.62
N TRP E 35 41.17 -6.36 15.55
CA TRP E 35 42.60 -6.38 15.33
C TRP E 35 42.88 -5.94 13.91
N ASN E 36 43.57 -4.81 13.74
CA ASN E 36 43.74 -4.20 12.44
C ASN E 36 45.18 -3.85 12.11
N TRP E 37 45.43 -3.76 10.81
CA TRP E 37 46.73 -3.46 10.23
C TRP E 37 46.79 -2.03 9.71
N ILE E 38 47.98 -1.46 9.80
CA ILE E 38 48.23 -0.09 9.37
C ILE E 38 49.51 -0.05 8.56
N ARG E 39 49.48 0.64 7.44
CA ARG E 39 50.72 0.96 6.76
C ARG E 39 50.94 2.45 6.75
N GLN E 40 52.21 2.84 6.78
CA GLN E 40 52.62 4.25 6.70
C GLN E 40 53.64 4.37 5.60
N PHE E 41 53.35 5.20 4.61
CA PHE E 41 54.24 5.31 3.47
C PHE E 41 55.47 6.10 3.83
N PRO E 42 56.56 5.96 3.08
CA PRO E 42 57.58 7.00 3.10
C PRO E 42 57.00 8.25 2.47
N GLY E 43 57.43 9.40 2.97
CA GLY E 43 56.66 10.59 2.71
C GLY E 43 55.38 10.45 3.51
N LYS E 44 55.53 10.54 4.83
CA LYS E 44 54.69 9.87 5.81
C LYS E 44 53.22 10.22 5.78
N LYS E 45 52.40 9.28 5.32
CA LYS E 45 50.95 9.36 5.40
C LYS E 45 50.46 8.01 5.88
N LEU E 46 49.65 8.03 6.93
CA LEU E 46 49.11 6.80 7.49
C LEU E 46 47.90 6.34 6.69
N GLU E 47 47.70 5.03 6.68
CA GLU E 47 46.64 4.45 5.89
C GLU E 47 46.25 3.14 6.57
N TRP E 48 45.17 3.20 7.34
CA TRP E 48 44.54 2.04 7.97
C TRP E 48 44.14 1.03 6.91
N MET E 49 44.31 -0.25 7.22
CA MET E 49 44.15 -1.26 6.18
C MET E 49 42.96 -2.19 6.37
N GLY E 50 42.60 -2.55 7.58
CA GLY E 50 41.42 -3.38 7.77
C GLY E 50 41.54 -4.21 9.03
N TYR E 51 40.40 -4.45 9.68
CA TYR E 51 40.38 -5.17 10.94
C TYR E 51 39.74 -6.54 10.80
N ILE E 52 40.26 -7.49 11.55
CA ILE E 52 39.57 -8.73 11.84
C ILE E 52 38.93 -8.58 13.21
N ASN E 53 37.68 -9.03 13.33
CA ASN E 53 37.00 -8.91 14.60
C ASN E 53 37.51 -10.00 15.54
N PHE E 54 37.01 -10.01 16.78
CA PHE E 54 37.40 -11.07 17.71
C PHE E 54 36.83 -12.41 17.29
N ASP E 55 35.69 -12.40 16.58
CA ASP E 55 35.04 -13.62 16.13
C ASP E 55 35.25 -13.88 14.64
N GLY E 56 36.43 -13.56 14.12
CA GLY E 56 36.81 -13.95 12.78
C GLY E 56 36.23 -13.11 11.66
N GLY E 57 35.14 -12.38 11.90
CA GLY E 57 34.63 -11.47 10.91
C GLY E 57 35.60 -10.33 10.65
N THR E 58 35.48 -9.72 9.48
CA THR E 58 36.50 -8.78 9.07
C THR E 58 35.97 -7.78 8.07
N THR E 59 36.56 -6.58 8.10
CA THR E 59 36.22 -5.50 7.18
C THR E 59 37.50 -4.82 6.72
N TYR E 60 37.66 -4.69 5.41
CA TYR E 60 38.90 -4.19 4.82
C TYR E 60 38.66 -2.84 4.17
N ASN E 61 39.72 -2.03 4.13
CA ASN E 61 39.69 -0.68 3.58
C ASN E 61 39.39 -0.75 2.09
N PRO E 62 38.31 -0.10 1.62
CA PRO E 62 37.83 -0.34 0.25
C PRO E 62 38.75 0.16 -0.86
N SER E 63 39.84 0.86 -0.55
CA SER E 63 40.87 1.05 -1.55
C SER E 63 41.62 -0.25 -1.78
N LEU E 64 41.70 -1.11 -0.78
CA LEU E 64 42.38 -2.38 -0.91
C LEU E 64 41.31 -3.47 -1.00
N ARG E 65 40.76 -3.64 -2.20
CA ARG E 65 39.77 -4.68 -2.44
C ARG E 65 40.44 -5.84 -3.16
N GLY E 66 40.18 -7.06 -2.70
CA GLY E 66 40.74 -8.25 -3.29
C GLY E 66 42.23 -8.47 -3.07
N ARG E 67 42.96 -7.48 -2.58
CA ARG E 67 44.40 -7.59 -2.39
C ARG E 67 44.78 -7.92 -0.96
N ILE E 68 44.11 -7.36 -0.01
CA ILE E 68 44.37 -7.69 1.38
C ILE E 68 43.43 -8.81 1.79
N SER E 69 43.92 -9.70 2.63
CA SER E 69 43.08 -10.63 3.35
C SER E 69 43.71 -10.84 4.71
N ILE E 70 42.87 -11.04 5.72
CA ILE E 70 43.35 -11.31 7.06
C ILE E 70 42.74 -12.62 7.52
N THR E 71 43.60 -13.56 7.88
CA THR E 71 43.21 -14.82 8.49
C THR E 71 43.62 -14.79 9.94
N ARG E 72 43.35 -15.88 10.67
CA ARG E 72 43.84 -15.96 12.03
C ARG E 72 44.05 -17.42 12.42
N ASP E 73 45.04 -17.63 13.28
CA ASP E 73 45.31 -18.92 13.90
C ASP E 73 45.08 -18.74 15.39
N THR E 74 43.86 -19.06 15.85
CA THR E 74 43.44 -18.72 17.20
C THR E 74 44.20 -19.47 18.27
N SER E 75 44.76 -20.64 17.94
CA SER E 75 45.39 -21.51 18.92
C SER E 75 46.74 -21.01 19.42
N LYS E 76 47.27 -19.94 18.84
CA LYS E 76 48.48 -19.34 19.38
C LYS E 76 48.43 -17.82 19.36
N ASN E 77 47.25 -17.23 19.13
CA ASN E 77 47.01 -15.78 19.05
C ASN E 77 47.85 -15.13 17.95
N GLN E 78 47.53 -15.50 16.72
CA GLN E 78 48.10 -14.83 15.55
C GLN E 78 47.01 -14.42 14.59
N PHE E 79 47.33 -13.44 13.76
CA PHE E 79 46.45 -13.00 12.70
C PHE E 79 47.31 -12.45 11.57
N PHE E 80 47.03 -12.88 10.35
CA PHE E 80 47.99 -12.85 9.26
C PHE E 80 47.62 -11.80 8.22
N LEU E 81 48.65 -11.17 7.65
CA LEU E 81 48.50 -10.18 6.59
C LEU E 81 48.93 -10.82 5.29
N GLN E 82 47.98 -11.11 4.41
CA GLN E 82 48.26 -11.72 3.12
C GLN E 82 47.87 -10.70 2.06
N LEU E 83 48.88 -10.05 1.49
CA LEU E 83 48.70 -8.93 0.57
C LEU E 83 49.24 -9.33 -0.78
N ARG E 84 48.37 -9.50 -1.76
CA ARG E 84 48.70 -10.13 -3.02
C ARG E 84 48.80 -9.12 -4.15
N SER E 85 49.50 -9.51 -5.21
CA SER E 85 49.75 -8.70 -6.41
C SER E 85 50.34 -7.35 -6.05
N VAL E 86 51.43 -7.39 -5.29
CA VAL E 86 51.95 -6.19 -4.65
C VAL E 86 52.71 -5.33 -5.66
N THR E 87 52.22 -4.12 -5.85
CA THR E 87 52.87 -3.12 -6.70
C THR E 87 54.14 -2.64 -6.00
N PRO E 88 55.14 -2.14 -6.73
CA PRO E 88 56.26 -1.50 -6.05
C PRO E 88 55.93 -0.19 -5.38
N GLU E 89 54.75 0.38 -5.59
CA GLU E 89 54.47 1.67 -4.97
C GLU E 89 54.12 1.53 -3.50
N ASP E 90 53.47 0.45 -3.07
CA ASP E 90 53.06 0.36 -1.67
C ASP E 90 54.14 -0.33 -0.83
N THR E 91 55.28 0.34 -0.85
CA THR E 91 56.44 -0.08 -0.08
C THR E 91 56.49 0.61 1.28
N ALA E 92 55.39 0.48 2.01
CA ALA E 92 55.20 1.24 3.22
C ALA E 92 55.71 0.50 4.44
N THR E 93 55.77 1.23 5.55
CA THR E 93 56.06 0.63 6.85
C THR E 93 54.76 0.06 7.41
N TYR E 94 54.74 -1.22 7.71
CA TYR E 94 53.50 -1.86 8.14
C TYR E 94 53.44 -2.00 9.66
N TYR E 95 52.22 -2.04 10.19
CA TYR E 95 51.95 -2.14 11.61
C TYR E 95 50.73 -3.02 11.84
N CYS E 96 50.70 -3.69 12.98
CA CYS E 96 49.47 -4.29 13.49
C CYS E 96 49.01 -3.49 14.71
N ALA E 97 47.71 -3.29 14.86
CA ALA E 97 47.21 -2.44 15.93
C ALA E 97 45.92 -2.99 16.51
N THR E 98 45.41 -2.30 17.52
CA THR E 98 44.41 -2.83 18.43
C THR E 98 43.35 -1.78 18.72
N PHE E 99 42.10 -2.17 18.51
CA PHE E 99 40.96 -1.25 18.53
C PHE E 99 40.03 -1.65 19.65
N TYR E 100 39.56 -0.67 20.43
CA TYR E 100 38.75 -1.00 21.60
C TYR E 100 37.32 -1.30 21.21
N GLY E 101 36.76 -0.55 20.29
CA GLY E 101 35.35 -0.68 20.04
C GLY E 101 34.52 0.30 20.83
N ALA E 102 34.71 0.35 22.14
CA ALA E 102 33.92 1.28 22.94
C ALA E 102 34.65 2.59 23.15
N LYS E 103 35.95 2.54 23.38
CA LYS E 103 36.72 3.78 23.39
C LYS E 103 36.87 4.31 21.99
N GLY E 104 36.98 3.43 21.00
CA GLY E 104 36.93 3.81 19.61
C GLY E 104 38.27 4.06 18.96
N THR E 105 39.36 4.04 19.70
CA THR E 105 40.62 4.48 19.15
C THR E 105 41.61 3.36 19.04
N LEU E 106 42.63 3.61 18.23
CA LEU E 106 43.70 2.65 18.03
C LEU E 106 44.56 2.64 19.28
N ASP E 107 44.18 1.83 20.27
CA ASP E 107 44.77 1.97 21.59
C ASP E 107 46.17 1.40 21.66
N TYR E 108 46.41 0.29 20.99
CA TYR E 108 47.70 -0.36 21.05
C TYR E 108 48.17 -0.63 19.64
N TRP E 109 49.49 -0.57 19.45
CA TRP E 109 50.09 -0.67 18.13
C TRP E 109 51.17 -1.74 18.15
N GLY E 110 51.68 -2.05 16.97
CA GLY E 110 52.78 -2.96 16.85
C GLY E 110 54.10 -2.27 17.10
N GLN E 111 55.15 -2.86 16.56
CA GLN E 111 56.47 -2.27 16.69
C GLN E 111 56.91 -1.57 15.42
N GLY E 112 56.53 -2.14 14.27
CA GLY E 112 56.86 -1.53 13.00
C GLY E 112 57.73 -2.38 12.11
N THR E 113 57.12 -2.95 11.07
CA THR E 113 57.85 -3.68 10.05
C THR E 113 57.79 -2.92 8.74
N SER E 114 58.90 -2.89 8.03
CA SER E 114 58.98 -2.20 6.76
C SER E 114 59.04 -3.24 5.66
N VAL E 115 58.39 -2.94 4.55
CA VAL E 115 58.37 -3.81 3.39
C VAL E 115 58.84 -3.00 2.20
N THR E 116 59.87 -3.49 1.52
CA THR E 116 60.40 -2.82 0.34
C THR E 116 60.13 -3.69 -0.87
N VAL E 117 59.42 -3.14 -1.86
CA VAL E 117 58.97 -3.94 -2.98
C VAL E 117 59.79 -3.59 -4.22
N SER E 118 60.88 -4.31 -4.43
CA SER E 118 61.80 -4.00 -5.52
C SER E 118 62.33 -5.31 -6.08
N SER E 119 63.29 -5.21 -7.00
CA SER E 119 63.84 -6.39 -7.63
C SER E 119 65.29 -6.18 -8.04
N ALA F 44 -43.02 -33.63 -19.90
CA ALA F 44 -42.56 -32.96 -18.70
C ALA F 44 -42.99 -31.48 -18.70
N VAL F 45 -43.69 -31.06 -17.65
CA VAL F 45 -44.24 -29.72 -17.58
C VAL F 45 -43.88 -29.08 -16.24
N LEU F 46 -43.82 -27.76 -16.25
CA LEU F 46 -43.75 -26.94 -15.05
C LEU F 46 -45.12 -26.32 -14.79
N SER F 47 -45.35 -25.92 -13.55
CA SER F 47 -46.61 -25.33 -13.12
C SER F 47 -46.41 -24.65 -11.79
N PHE F 48 -47.29 -23.71 -11.48
CA PHE F 48 -47.13 -22.77 -10.36
C PHE F 48 -48.42 -22.01 -10.16
N HIS F 49 -48.63 -21.52 -8.93
CA HIS F 49 -49.87 -20.86 -8.57
C HIS F 49 -49.67 -19.99 -7.35
N ASN F 50 -50.10 -18.73 -7.43
CA ASN F 50 -50.25 -17.79 -6.31
C ASN F 50 -48.91 -17.54 -5.59
N ILE F 51 -48.01 -16.89 -6.32
CA ILE F 51 -46.65 -16.66 -5.85
C ILE F 51 -46.54 -15.21 -5.36
N CYS F 52 -46.39 -15.05 -4.05
CA CYS F 52 -46.08 -13.75 -3.44
C CYS F 52 -44.63 -13.79 -3.02
N TYR F 53 -43.81 -12.93 -3.61
CA TYR F 53 -42.40 -12.85 -3.23
C TYR F 53 -42.09 -11.45 -2.74
N ARG F 54 -41.58 -11.36 -1.51
CA ARG F 54 -41.13 -10.14 -0.87
C ARG F 54 -39.64 -10.26 -0.55
N VAL F 55 -39.13 -9.30 0.23
CA VAL F 55 -37.76 -9.37 0.71
C VAL F 55 -37.61 -10.52 1.71
N LYS F 70 -40.76 -6.68 0.70
CA LYS F 70 -41.26 -5.80 -0.35
C LYS F 70 -41.71 -6.62 -1.55
N GLU F 71 -43.02 -6.74 -1.71
CA GLU F 71 -43.60 -7.57 -2.77
C GLU F 71 -43.42 -6.95 -4.15
N ILE F 72 -42.36 -7.29 -4.88
CA ILE F 72 -42.33 -6.88 -6.27
C ILE F 72 -42.87 -8.00 -7.16
N LEU F 73 -44.13 -8.35 -6.92
CA LEU F 73 -44.95 -9.40 -7.52
C LEU F 73 -46.26 -9.34 -6.76
N SER F 74 -47.32 -9.90 -7.35
CA SER F 74 -48.48 -10.24 -6.53
C SER F 74 -48.78 -11.73 -6.57
N ASN F 75 -49.07 -12.28 -7.75
CA ASN F 75 -49.25 -13.72 -7.95
C ASN F 75 -49.21 -14.01 -9.45
N ILE F 76 -48.56 -15.12 -9.81
CA ILE F 76 -48.34 -15.47 -11.20
C ILE F 76 -48.87 -16.89 -11.41
N ASN F 77 -49.59 -17.10 -12.50
CA ASN F 77 -50.29 -18.36 -12.75
C ASN F 77 -49.98 -18.85 -14.16
N GLY F 78 -49.68 -20.13 -14.28
CA GLY F 78 -49.42 -20.69 -15.59
C GLY F 78 -48.72 -22.03 -15.52
N ILE F 79 -48.65 -22.69 -16.68
CA ILE F 79 -47.89 -23.92 -16.87
C ILE F 79 -46.97 -23.74 -18.07
N MET F 80 -45.94 -24.56 -18.14
CA MET F 80 -44.97 -24.49 -19.23
C MET F 80 -44.83 -25.86 -19.86
N LYS F 81 -45.05 -25.92 -21.16
CA LYS F 81 -45.08 -27.16 -21.90
C LYS F 81 -43.66 -27.62 -22.21
N PRO F 82 -43.46 -28.87 -22.63
CA PRO F 82 -42.15 -29.24 -23.18
C PRO F 82 -41.95 -28.56 -24.53
N GLY F 83 -41.12 -27.53 -24.52
CA GLY F 83 -40.97 -26.68 -25.67
C GLY F 83 -40.02 -25.54 -25.37
N LEU F 84 -40.42 -24.31 -25.69
CA LEU F 84 -39.53 -23.17 -25.60
C LEU F 84 -40.27 -22.06 -24.86
N ASN F 85 -39.95 -21.89 -23.59
CA ASN F 85 -40.67 -20.99 -22.70
C ASN F 85 -39.90 -19.69 -22.55
N ALA F 86 -40.60 -18.57 -22.76
CA ALA F 86 -39.94 -17.27 -22.86
C ALA F 86 -40.58 -16.26 -21.93
N ILE F 87 -39.74 -15.44 -21.29
CA ILE F 87 -40.16 -14.41 -20.36
C ILE F 87 -39.62 -13.07 -20.88
N LEU F 88 -40.50 -12.11 -21.10
CA LEU F 88 -40.11 -10.82 -21.65
C LEU F 88 -40.59 -9.70 -20.74
N GLY F 89 -40.15 -8.48 -21.03
CA GLY F 89 -40.52 -7.32 -20.25
C GLY F 89 -39.38 -6.37 -19.98
N PRO F 90 -39.59 -5.43 -19.07
CA PRO F 90 -38.52 -4.51 -18.68
C PRO F 90 -37.68 -5.06 -17.54
N THR F 91 -36.53 -4.40 -17.32
CA THR F 91 -35.58 -4.86 -16.32
C THR F 91 -36.09 -4.66 -14.90
N GLY F 92 -36.89 -3.62 -14.68
CA GLY F 92 -37.50 -3.42 -13.38
C GLY F 92 -38.61 -4.40 -13.08
N GLY F 93 -39.17 -5.04 -14.11
CA GLY F 93 -40.19 -6.04 -13.93
C GLY F 93 -39.63 -7.32 -13.34
N GLY F 94 -40.51 -8.29 -13.17
CA GLY F 94 -40.13 -9.54 -12.53
C GLY F 94 -39.60 -10.58 -13.49
N LYS F 95 -39.13 -10.16 -14.67
CA LYS F 95 -38.71 -11.10 -15.70
C LYS F 95 -37.41 -11.81 -15.33
N SER F 96 -36.62 -11.25 -14.42
CA SER F 96 -35.45 -11.93 -13.90
C SER F 96 -35.71 -12.58 -12.55
N SER F 97 -36.84 -12.27 -11.92
CA SER F 97 -37.13 -12.83 -10.61
C SER F 97 -37.98 -14.08 -10.68
N LEU F 98 -38.87 -14.18 -11.67
CA LEU F 98 -39.65 -15.40 -11.83
C LEU F 98 -38.79 -16.57 -12.24
N LEU F 99 -37.75 -16.31 -13.04
CA LEU F 99 -36.90 -17.39 -13.50
C LEU F 99 -36.04 -17.97 -12.38
N ASP F 100 -35.65 -17.15 -11.41
CA ASP F 100 -34.99 -17.69 -10.22
C ASP F 100 -35.97 -18.42 -9.31
N VAL F 101 -37.27 -18.15 -9.44
CA VAL F 101 -38.27 -18.88 -8.66
C VAL F 101 -38.43 -20.29 -9.21
N LEU F 102 -38.64 -20.42 -10.52
CA LEU F 102 -38.87 -21.74 -11.11
C LEU F 102 -37.62 -22.60 -11.12
N ALA F 103 -36.44 -21.98 -11.08
CA ALA F 103 -35.19 -22.73 -10.96
C ALA F 103 -34.71 -22.79 -9.52
N ALA F 104 -35.57 -22.37 -8.58
CA ALA F 104 -35.35 -22.49 -7.13
C ALA F 104 -34.08 -21.76 -6.68
N ARG F 105 -33.82 -20.60 -7.29
CA ARG F 105 -32.63 -19.84 -6.96
C ARG F 105 -32.89 -18.72 -5.97
N LYS F 106 -33.99 -18.81 -5.21
CA LYS F 106 -34.33 -17.78 -4.25
C LYS F 106 -34.65 -18.40 -2.89
N ASP F 107 -35.02 -17.53 -1.97
CA ASP F 107 -35.33 -17.94 -0.61
C ASP F 107 -36.72 -18.57 -0.58
N PRO F 108 -36.86 -19.83 -0.16
CA PRO F 108 -38.19 -20.46 -0.13
C PRO F 108 -39.15 -19.81 0.85
N SER F 109 -38.64 -19.19 1.92
CA SER F 109 -39.50 -18.41 2.78
C SER F 109 -39.99 -17.14 2.08
N GLY F 110 -39.21 -16.61 1.14
CA GLY F 110 -39.71 -15.55 0.29
C GLY F 110 -40.77 -16.03 -0.67
N LEU F 111 -40.70 -17.31 -1.07
CA LEU F 111 -41.70 -17.90 -1.94
C LEU F 111 -42.98 -18.18 -1.16
N SER F 112 -44.10 -18.09 -1.86
CA SER F 112 -45.40 -18.39 -1.27
C SER F 112 -46.06 -19.62 -1.88
N GLY F 113 -46.24 -19.64 -3.19
CA GLY F 113 -47.01 -20.66 -3.85
C GLY F 113 -46.29 -21.98 -4.03
N ASP F 114 -46.73 -22.73 -5.02
CA ASP F 114 -46.24 -24.06 -5.30
C ASP F 114 -45.45 -24.11 -6.61
N VAL F 115 -44.61 -25.13 -6.74
CA VAL F 115 -44.00 -25.50 -8.00
C VAL F 115 -44.24 -26.99 -8.19
N LEU F 116 -45.13 -27.35 -9.11
CA LEU F 116 -45.59 -28.71 -9.29
C LEU F 116 -45.13 -29.21 -10.65
N ILE F 117 -44.41 -30.34 -10.67
CA ILE F 117 -43.79 -30.86 -11.88
C ILE F 117 -44.29 -32.28 -12.08
N ASN F 118 -45.07 -32.50 -13.15
CA ASN F 118 -45.64 -33.80 -13.54
C ASN F 118 -46.43 -34.44 -12.40
N GLY F 119 -47.17 -33.62 -11.66
CA GLY F 119 -47.87 -34.11 -10.49
C GLY F 119 -46.98 -34.36 -9.30
N ALA F 120 -45.80 -33.76 -9.26
CA ALA F 120 -44.90 -33.91 -8.13
C ALA F 120 -44.26 -32.57 -7.79
N PRO F 121 -44.08 -32.26 -6.51
CA PRO F 121 -43.34 -31.05 -6.15
C PRO F 121 -41.86 -31.21 -6.44
N ARG F 122 -41.13 -30.11 -6.31
CA ARG F 122 -39.69 -30.14 -6.50
C ARG F 122 -39.03 -30.88 -5.34
N PRO F 123 -38.28 -31.94 -5.60
CA PRO F 123 -37.57 -32.60 -4.51
C PRO F 123 -36.23 -31.91 -4.25
N ALA F 124 -35.41 -32.50 -3.39
CA ALA F 124 -34.02 -32.09 -3.30
C ALA F 124 -33.22 -32.50 -4.53
N ASN F 125 -33.73 -33.47 -5.29
CA ASN F 125 -33.10 -34.00 -6.49
C ASN F 125 -33.31 -33.10 -7.70
N PHE F 126 -34.08 -32.02 -7.57
CA PHE F 126 -34.42 -31.22 -8.75
C PHE F 126 -33.25 -30.39 -9.23
N LYS F 127 -32.47 -29.82 -8.30
CA LYS F 127 -31.29 -29.06 -8.68
C LYS F 127 -30.20 -29.98 -9.23
N CYS F 128 -30.20 -31.24 -8.81
CA CYS F 128 -29.18 -32.18 -9.25
C CYS F 128 -29.48 -32.80 -10.61
N ASN F 129 -30.58 -32.42 -11.26
CA ASN F 129 -30.92 -32.94 -12.58
C ASN F 129 -31.48 -31.85 -13.50
N SER F 130 -31.07 -30.61 -13.29
CA SER F 130 -31.54 -29.48 -14.06
C SER F 130 -30.42 -28.45 -14.17
N GLY F 131 -30.53 -27.57 -15.16
CA GLY F 131 -29.45 -26.66 -15.44
C GLY F 131 -29.84 -25.21 -15.63
N TYR F 132 -29.23 -24.32 -14.86
CA TYR F 132 -29.39 -22.89 -14.99
C TYR F 132 -28.06 -22.28 -15.42
N VAL F 133 -28.10 -21.35 -16.36
CA VAL F 133 -26.89 -20.80 -16.96
C VAL F 133 -26.86 -19.30 -16.71
N VAL F 134 -25.83 -18.84 -16.00
CA VAL F 134 -25.74 -17.45 -15.58
C VAL F 134 -25.39 -16.57 -16.78
N GLN F 135 -25.73 -15.28 -16.67
CA GLN F 135 -25.66 -14.35 -17.80
C GLN F 135 -24.23 -14.12 -18.25
N ASP F 136 -23.30 -13.95 -17.32
CA ASP F 136 -21.92 -13.75 -17.72
C ASP F 136 -21.24 -15.09 -18.02
N ASP F 137 -20.06 -15.01 -18.62
CA ASP F 137 -19.30 -16.21 -18.96
C ASP F 137 -18.75 -16.85 -17.69
N VAL F 138 -19.44 -17.88 -17.21
CA VAL F 138 -18.97 -18.62 -16.06
C VAL F 138 -18.01 -19.73 -16.45
N VAL F 139 -17.66 -19.82 -17.72
CA VAL F 139 -16.72 -20.83 -18.18
C VAL F 139 -15.31 -20.45 -17.77
N MET F 140 -14.39 -21.41 -17.90
CA MET F 140 -12.98 -21.18 -17.64
C MET F 140 -12.34 -20.87 -18.99
N GLY F 141 -12.30 -19.58 -19.32
CA GLY F 141 -11.66 -19.16 -20.57
C GLY F 141 -10.17 -19.39 -20.61
N THR F 142 -9.55 -19.56 -19.45
CA THR F 142 -8.16 -19.95 -19.32
C THR F 142 -7.93 -21.44 -19.63
N LEU F 143 -8.96 -22.26 -19.60
CA LEU F 143 -8.85 -23.66 -19.99
C LEU F 143 -9.44 -23.83 -21.39
N THR F 144 -9.55 -25.07 -21.82
CA THR F 144 -10.22 -25.38 -23.08
C THR F 144 -11.49 -26.16 -22.82
N VAL F 145 -12.24 -26.38 -23.90
CA VAL F 145 -13.58 -26.97 -23.82
C VAL F 145 -13.51 -28.42 -23.41
N ARG F 146 -12.54 -29.17 -23.96
CA ARG F 146 -12.33 -30.56 -23.58
C ARG F 146 -11.94 -30.68 -22.12
N GLU F 147 -11.11 -29.74 -21.63
CA GLU F 147 -10.75 -29.75 -20.22
C GLU F 147 -11.92 -29.36 -19.34
N ASN F 148 -12.68 -28.34 -19.72
CA ASN F 148 -13.75 -27.87 -18.85
C ASN F 148 -14.95 -28.81 -18.84
N LEU F 149 -15.19 -29.52 -19.93
CA LEU F 149 -16.30 -30.46 -19.90
C LEU F 149 -15.94 -31.79 -19.26
N GLN F 150 -14.64 -32.08 -19.09
CA GLN F 150 -14.25 -33.18 -18.22
C GLN F 150 -14.35 -32.82 -16.75
N PHE F 151 -14.29 -31.53 -16.42
CA PHE F 151 -14.57 -31.10 -15.06
C PHE F 151 -16.02 -31.35 -14.70
N SER F 152 -16.93 -30.81 -15.51
CA SER F 152 -18.36 -30.94 -15.24
C SER F 152 -18.88 -32.34 -15.48
N ALA F 153 -18.12 -33.18 -16.16
CA ALA F 153 -18.43 -34.60 -16.18
C ALA F 153 -18.05 -35.27 -14.88
N ALA F 154 -17.00 -34.78 -14.23
CA ALA F 154 -16.48 -35.46 -13.05
C ALA F 154 -17.41 -35.27 -11.85
N LEU F 155 -17.95 -34.08 -11.69
CA LEU F 155 -18.73 -33.76 -10.50
C LEU F 155 -20.22 -33.97 -10.69
N ARG F 156 -20.64 -34.46 -11.84
CA ARG F 156 -22.06 -34.65 -12.09
C ARG F 156 -22.41 -36.08 -12.47
N LEU F 157 -21.55 -36.75 -13.23
CA LEU F 157 -21.82 -38.14 -13.54
C LEU F 157 -21.53 -39.01 -12.31
N ALA F 158 -22.06 -40.23 -12.35
CA ALA F 158 -21.94 -41.11 -11.21
C ALA F 158 -20.51 -41.63 -11.07
N THR F 159 -20.15 -41.94 -9.82
CA THR F 159 -18.84 -42.53 -9.56
C THR F 159 -18.71 -43.92 -10.16
N THR F 160 -19.84 -44.63 -10.28
CA THR F 160 -19.83 -45.96 -10.88
C THR F 160 -19.57 -45.89 -12.39
N MET F 161 -19.92 -44.77 -13.02
CA MET F 161 -19.81 -44.63 -14.46
C MET F 161 -18.34 -44.59 -14.91
N THR F 162 -18.12 -45.09 -16.12
CA THR F 162 -16.77 -45.36 -16.61
C THR F 162 -16.12 -44.07 -17.08
N ASN F 163 -14.78 -44.03 -17.03
CA ASN F 163 -14.04 -42.95 -17.68
C ASN F 163 -14.23 -42.99 -19.19
N HIS F 164 -14.43 -44.19 -19.76
CA HIS F 164 -14.87 -44.30 -21.15
C HIS F 164 -16.22 -43.64 -21.34
N GLU F 165 -17.14 -43.86 -20.40
CA GLU F 165 -18.42 -43.17 -20.44
C GLU F 165 -18.24 -41.67 -20.22
N LYS F 166 -17.25 -41.28 -19.41
CA LYS F 166 -16.89 -39.88 -19.31
C LYS F 166 -16.19 -39.39 -20.58
N ASN F 167 -15.60 -40.29 -21.36
CA ASN F 167 -15.07 -39.86 -22.65
C ASN F 167 -16.17 -39.71 -23.68
N GLU F 168 -17.21 -40.54 -23.60
CA GLU F 168 -18.23 -40.61 -24.65
C GLU F 168 -19.35 -39.59 -24.50
N ARG F 169 -19.82 -39.37 -23.28
CA ARG F 169 -21.01 -38.54 -23.09
C ARG F 169 -20.71 -37.06 -23.31
N ILE F 170 -19.47 -36.64 -23.12
CA ILE F 170 -19.04 -35.34 -23.62
C ILE F 170 -19.18 -35.29 -25.12
N ASN F 171 -18.69 -36.33 -25.80
CA ASN F 171 -18.67 -36.38 -27.25
C ASN F 171 -20.05 -36.59 -27.85
N ARG F 172 -21.05 -36.92 -27.05
CA ARG F 172 -22.44 -36.84 -27.49
C ARG F 172 -22.98 -35.42 -27.45
N VAL F 173 -22.25 -34.50 -26.82
CA VAL F 173 -22.74 -33.16 -26.53
C VAL F 173 -21.94 -32.09 -27.26
N ILE F 174 -20.60 -32.18 -27.18
CA ILE F 174 -19.74 -31.24 -27.90
C ILE F 174 -19.90 -31.41 -29.39
N GLN F 175 -20.23 -32.62 -29.83
CA GLN F 175 -20.59 -32.85 -31.22
C GLN F 175 -21.92 -32.19 -31.56
N GLU F 176 -22.83 -32.14 -30.59
CA GLU F 176 -24.12 -31.51 -30.82
C GLU F 176 -23.99 -29.99 -30.88
N LEU F 177 -23.10 -29.42 -30.06
CA LEU F 177 -22.98 -27.98 -29.96
C LEU F 177 -22.26 -27.34 -31.14
N GLY F 178 -21.68 -28.15 -32.02
CA GLY F 178 -20.83 -27.60 -33.06
C GLY F 178 -19.48 -27.15 -32.57
N LEU F 179 -19.06 -27.62 -31.39
CA LEU F 179 -17.81 -27.18 -30.79
C LEU F 179 -16.69 -28.19 -31.01
N ASP F 180 -16.80 -29.04 -32.04
CA ASP F 180 -15.74 -30.01 -32.33
C ASP F 180 -14.49 -29.35 -32.87
N LYS F 181 -14.60 -28.15 -33.45
CA LYS F 181 -13.42 -27.41 -33.88
C LYS F 181 -12.63 -26.89 -32.70
N VAL F 182 -13.31 -26.49 -31.63
CA VAL F 182 -12.68 -25.76 -30.54
C VAL F 182 -12.56 -26.65 -29.31
N ALA F 183 -12.43 -27.95 -29.53
CA ALA F 183 -12.34 -28.91 -28.44
C ALA F 183 -11.11 -28.69 -27.58
N ASP F 184 -9.93 -28.73 -28.19
CA ASP F 184 -8.70 -28.48 -27.47
C ASP F 184 -8.22 -27.05 -27.60
N SER F 185 -8.93 -26.22 -28.36
CA SER F 185 -8.60 -24.80 -28.45
C SER F 185 -8.96 -24.12 -27.14
N LYS F 186 -8.04 -23.31 -26.62
CA LYS F 186 -8.29 -22.56 -25.40
C LYS F 186 -9.44 -21.57 -25.60
N VAL F 187 -10.28 -21.44 -24.56
CA VAL F 187 -11.56 -20.77 -24.74
C VAL F 187 -11.38 -19.27 -24.86
N GLY F 188 -10.62 -18.66 -23.94
CA GLY F 188 -10.25 -17.28 -24.16
C GLY F 188 -10.23 -16.38 -22.95
N THR F 189 -9.15 -15.62 -22.82
CA THR F 189 -8.98 -14.64 -21.77
C THR F 189 -8.76 -13.29 -22.43
N GLN F 190 -8.72 -12.22 -21.63
CA GLN F 190 -8.27 -10.93 -22.13
C GLN F 190 -6.82 -10.99 -22.59
N PHE F 191 -6.00 -11.80 -21.93
CA PHE F 191 -4.57 -11.84 -22.17
C PHE F 191 -4.15 -13.08 -22.95
N ILE F 192 -5.06 -14.01 -23.20
CA ILE F 192 -4.82 -15.16 -24.06
C ILE F 192 -5.94 -15.22 -25.09
N ARG F 193 -5.57 -15.13 -26.36
CA ARG F 193 -6.55 -15.13 -27.44
C ARG F 193 -7.22 -16.49 -27.55
N GLY F 194 -8.55 -16.50 -27.60
CA GLY F 194 -9.29 -17.74 -27.65
C GLY F 194 -10.52 -17.72 -28.52
N VAL F 195 -11.48 -18.59 -28.21
CA VAL F 195 -12.67 -18.75 -29.03
C VAL F 195 -13.57 -17.53 -28.87
N SER F 196 -14.33 -17.21 -29.91
CA SER F 196 -15.26 -16.09 -29.87
C SER F 196 -16.34 -16.31 -28.82
N GLY F 197 -16.88 -15.19 -28.32
CA GLY F 197 -17.82 -15.21 -27.21
C GLY F 197 -19.15 -15.87 -27.52
N GLY F 198 -19.49 -16.01 -28.80
CA GLY F 198 -20.71 -16.72 -29.17
C GLY F 198 -20.67 -18.20 -28.87
N GLU F 199 -19.48 -18.77 -28.75
CA GLU F 199 -19.34 -20.15 -28.34
C GLU F 199 -18.87 -20.29 -26.91
N ARG F 200 -18.50 -19.19 -26.25
CA ARG F 200 -18.43 -19.20 -24.80
C ARG F 200 -19.81 -19.41 -24.20
N LYS F 201 -20.84 -18.82 -24.83
CA LYS F 201 -22.21 -19.10 -24.43
C LYS F 201 -22.56 -20.56 -24.69
N ARG F 202 -22.09 -21.12 -25.80
CA ARG F 202 -22.27 -22.53 -26.06
C ARG F 202 -21.46 -23.39 -25.09
N THR F 203 -20.35 -22.85 -24.58
CA THR F 203 -19.50 -23.61 -23.68
C THR F 203 -20.19 -23.83 -22.35
N SER F 204 -20.89 -22.81 -21.86
CA SER F 204 -21.56 -22.93 -20.55
C SER F 204 -22.78 -23.83 -20.63
N ILE F 205 -23.47 -23.86 -21.77
CA ILE F 205 -24.64 -24.70 -21.91
C ILE F 205 -24.24 -26.18 -21.90
N GLY F 206 -23.11 -26.49 -22.53
CA GLY F 206 -22.59 -27.84 -22.46
C GLY F 206 -22.13 -28.23 -21.07
N MET F 207 -21.72 -27.24 -20.26
CA MET F 207 -21.45 -27.52 -18.86
C MET F 207 -22.71 -27.88 -18.10
N GLU F 208 -23.87 -27.46 -18.59
CA GLU F 208 -25.15 -27.77 -17.98
C GLU F 208 -25.97 -28.72 -18.85
N LEU F 209 -25.29 -29.69 -19.49
CA LEU F 209 -25.96 -30.75 -20.24
C LEU F 209 -25.30 -32.10 -20.02
N ILE F 210 -24.65 -32.29 -18.88
CA ILE F 210 -23.79 -33.46 -18.69
C ILE F 210 -24.62 -34.71 -18.42
N THR F 211 -25.43 -34.69 -17.36
CA THR F 211 -26.20 -35.86 -16.98
C THR F 211 -27.56 -35.92 -17.69
N ASP F 212 -27.68 -35.27 -18.84
CA ASP F 212 -28.89 -35.04 -19.63
C ASP F 212 -30.01 -34.48 -18.77
N PRO F 213 -29.95 -33.21 -18.38
CA PRO F 213 -31.10 -32.61 -17.69
C PRO F 213 -32.23 -32.35 -18.67
N SER F 214 -33.44 -32.76 -18.27
CA SER F 214 -34.60 -32.55 -19.12
C SER F 214 -35.06 -31.10 -19.10
N ILE F 215 -34.74 -30.36 -18.05
CA ILE F 215 -35.31 -29.05 -17.79
C ILE F 215 -34.19 -28.03 -17.80
N LEU F 216 -34.18 -27.15 -18.78
CA LEU F 216 -33.10 -26.21 -18.99
C LEU F 216 -33.53 -24.79 -18.63
N PHE F 217 -32.61 -24.04 -18.03
CA PHE F 217 -32.84 -22.66 -17.62
C PHE F 217 -31.68 -21.79 -18.06
N LEU F 218 -31.96 -20.55 -18.46
CA LEU F 218 -30.96 -19.68 -19.06
C LEU F 218 -31.18 -18.25 -18.61
N ASP F 219 -30.20 -17.67 -17.94
CA ASP F 219 -30.21 -16.23 -17.64
C ASP F 219 -29.71 -15.47 -18.86
N GLN F 220 -30.64 -14.78 -19.54
CA GLN F 220 -30.39 -13.82 -20.63
C GLN F 220 -29.53 -14.37 -21.76
N PRO F 221 -30.10 -15.23 -22.61
CA PRO F 221 -29.28 -15.89 -23.64
C PRO F 221 -28.85 -14.98 -24.77
N THR F 222 -29.39 -13.77 -24.88
CA THR F 222 -29.03 -12.87 -25.97
C THR F 222 -28.09 -11.75 -25.55
N THR F 223 -28.15 -11.31 -24.30
CA THR F 223 -27.36 -10.18 -23.87
C THR F 223 -25.90 -10.60 -23.71
N GLY F 224 -25.00 -9.82 -24.29
CA GLY F 224 -23.59 -10.16 -24.33
C GLY F 224 -23.12 -10.67 -25.67
N LEU F 225 -24.01 -10.82 -26.64
CA LEU F 225 -23.68 -11.37 -27.94
C LEU F 225 -24.21 -10.45 -29.03
N ASP F 226 -23.64 -10.59 -30.22
CA ASP F 226 -24.08 -9.80 -31.36
C ASP F 226 -25.32 -10.42 -31.97
N SER F 227 -25.82 -9.78 -33.03
CA SER F 227 -27.14 -10.11 -33.57
C SER F 227 -27.16 -11.49 -34.20
N SER F 228 -26.36 -11.69 -35.26
CA SER F 228 -26.24 -13.02 -35.85
C SER F 228 -25.44 -13.97 -34.98
N THR F 229 -24.69 -13.43 -34.02
CA THR F 229 -24.00 -14.26 -33.04
C THR F 229 -24.99 -15.02 -32.18
N ALA F 230 -26.03 -14.33 -31.70
CA ALA F 230 -27.00 -14.95 -30.81
C ALA F 230 -27.96 -15.89 -31.53
N ASN F 231 -28.14 -15.73 -32.84
CA ASN F 231 -29.04 -16.62 -33.56
C ASN F 231 -28.49 -18.03 -33.64
N ALA F 232 -27.17 -18.17 -33.76
CA ALA F 232 -26.53 -19.48 -33.74
C ALA F 232 -26.65 -20.14 -32.38
N VAL F 233 -26.83 -19.35 -31.32
CA VAL F 233 -27.14 -19.94 -30.02
C VAL F 233 -28.57 -20.45 -30.01
N LEU F 234 -29.51 -19.67 -30.51
CA LEU F 234 -30.92 -19.98 -30.37
C LEU F 234 -31.38 -21.09 -31.29
N LEU F 235 -30.80 -21.19 -32.49
CA LEU F 235 -31.08 -22.32 -33.36
C LEU F 235 -30.55 -23.61 -32.76
N LEU F 236 -29.42 -23.53 -32.06
CA LEU F 236 -28.95 -24.67 -31.28
C LEU F 236 -29.93 -25.01 -30.18
N LEU F 237 -30.51 -23.99 -29.53
CA LEU F 237 -31.55 -24.23 -28.54
C LEU F 237 -32.84 -24.67 -29.20
N LYS F 238 -33.08 -24.24 -30.43
CA LYS F 238 -34.24 -24.74 -31.17
C LYS F 238 -34.06 -26.20 -31.55
N ARG F 239 -32.82 -26.62 -31.83
CA ARG F 239 -32.52 -28.03 -31.94
C ARG F 239 -32.75 -28.77 -30.63
N MET F 240 -32.53 -28.09 -29.50
CA MET F 240 -32.87 -28.65 -28.21
C MET F 240 -34.34 -28.51 -27.89
N SER F 241 -35.08 -27.69 -28.63
CA SER F 241 -36.49 -27.48 -28.33
C SER F 241 -37.35 -28.68 -28.72
N LYS F 242 -36.83 -29.58 -29.55
CA LYS F 242 -37.59 -30.72 -30.02
C LYS F 242 -37.06 -32.06 -29.52
N GLN F 243 -35.89 -32.08 -28.88
CA GLN F 243 -35.31 -33.31 -28.36
C GLN F 243 -35.75 -33.60 -26.92
N GLY F 244 -36.88 -33.08 -26.49
CA GLY F 244 -37.35 -33.32 -25.15
C GLY F 244 -36.55 -32.57 -24.12
N ARG F 245 -36.36 -31.27 -24.34
CA ARG F 245 -35.63 -30.41 -23.41
C ARG F 245 -36.40 -29.10 -23.27
N THR F 246 -36.87 -28.83 -22.05
CA THR F 246 -37.75 -27.70 -21.77
C THR F 246 -36.90 -26.50 -21.39
N ILE F 247 -36.73 -25.57 -22.32
CA ILE F 247 -35.86 -24.42 -22.09
C ILE F 247 -36.72 -23.26 -21.61
N ILE F 248 -36.36 -22.72 -20.44
CA ILE F 248 -37.13 -21.67 -19.78
C ILE F 248 -36.15 -20.53 -19.48
N PHE F 249 -36.34 -19.39 -20.14
CA PHE F 249 -35.35 -18.33 -20.12
C PHE F 249 -36.03 -16.98 -20.09
N SER F 250 -35.23 -15.92 -20.24
CA SER F 250 -35.72 -14.55 -20.19
C SER F 250 -34.82 -13.68 -21.06
N ILE F 251 -35.42 -12.88 -21.95
CA ILE F 251 -34.67 -12.03 -22.88
C ILE F 251 -35.06 -10.58 -22.66
N HIS F 252 -34.08 -9.73 -22.39
CA HIS F 252 -34.28 -8.30 -22.54
C HIS F 252 -34.05 -7.89 -23.98
N GLN F 253 -34.87 -6.95 -24.46
CA GLN F 253 -34.99 -6.42 -25.84
C GLN F 253 -34.92 -7.54 -26.90
N PRO F 254 -35.98 -8.33 -27.05
CA PRO F 254 -35.96 -9.41 -28.04
C PRO F 254 -36.17 -8.93 -29.47
N ARG F 255 -36.30 -9.86 -30.41
CA ARG F 255 -36.41 -9.53 -31.83
C ARG F 255 -37.36 -10.53 -32.49
N TYR F 256 -37.92 -10.15 -33.64
CA TYR F 256 -38.90 -10.99 -34.30
C TYR F 256 -38.27 -12.23 -34.93
N SER F 257 -36.98 -12.18 -35.24
CA SER F 257 -36.27 -13.39 -35.63
C SER F 257 -36.16 -14.36 -34.47
N ILE F 258 -36.11 -13.84 -33.24
CA ILE F 258 -36.15 -14.68 -32.06
C ILE F 258 -37.59 -15.09 -31.75
N PHE F 259 -38.52 -14.16 -31.95
CA PHE F 259 -39.93 -14.36 -31.59
C PHE F 259 -40.62 -15.40 -32.45
N LYS F 260 -40.12 -15.65 -33.66
CA LYS F 260 -40.82 -16.50 -34.59
C LYS F 260 -40.61 -17.99 -34.35
N LEU F 261 -39.87 -18.38 -33.30
CA LEU F 261 -39.49 -19.77 -33.13
C LEU F 261 -39.88 -20.33 -31.76
N PHE F 262 -40.67 -19.61 -30.97
CA PHE F 262 -40.97 -20.03 -29.61
C PHE F 262 -42.09 -21.05 -29.61
N ASP F 263 -42.49 -21.47 -28.41
CA ASP F 263 -43.64 -22.33 -28.17
C ASP F 263 -44.60 -21.78 -27.13
N SER F 264 -44.09 -21.11 -26.09
CA SER F 264 -44.94 -20.48 -25.08
C SER F 264 -44.28 -19.18 -24.64
N LEU F 265 -45.06 -18.34 -23.96
CA LEU F 265 -44.68 -16.95 -23.78
C LEU F 265 -45.30 -16.39 -22.52
N THR F 266 -44.60 -15.44 -21.90
CA THR F 266 -45.02 -14.81 -20.66
C THR F 266 -44.44 -13.40 -20.61
N LEU F 267 -45.26 -12.43 -20.20
CA LEU F 267 -44.86 -11.05 -20.04
C LEU F 267 -45.01 -10.62 -18.59
N LEU F 268 -43.99 -9.96 -18.06
CA LEU F 268 -44.04 -9.36 -16.73
C LEU F 268 -43.64 -7.91 -16.81
N ALA F 269 -44.27 -7.09 -15.97
CA ALA F 269 -44.01 -5.65 -15.95
C ALA F 269 -44.37 -5.11 -14.57
N SER F 270 -43.35 -4.59 -13.86
CA SER F 270 -43.48 -4.04 -12.51
C SER F 270 -44.12 -5.05 -11.54
N GLY F 271 -43.71 -6.30 -11.66
CA GLY F 271 -44.26 -7.34 -10.83
C GLY F 271 -45.68 -7.74 -11.15
N ARG F 272 -46.16 -7.46 -12.36
CA ARG F 272 -47.50 -7.81 -12.77
C ARG F 272 -47.47 -8.69 -14.00
N LEU F 273 -48.39 -9.65 -14.04
CA LEU F 273 -48.48 -10.60 -15.15
C LEU F 273 -49.43 -10.07 -16.22
N MET F 274 -49.02 -10.17 -17.48
CA MET F 274 -49.81 -9.67 -18.59
C MET F 274 -50.09 -10.68 -19.68
N PHE F 275 -49.36 -11.79 -19.77
CA PHE F 275 -49.66 -12.78 -20.79
C PHE F 275 -49.30 -14.16 -20.28
N HIS F 276 -50.09 -15.14 -20.70
CA HIS F 276 -49.67 -16.52 -20.58
C HIS F 276 -50.26 -17.30 -21.75
N GLY F 277 -49.57 -18.36 -22.16
CA GLY F 277 -50.03 -19.20 -23.23
C GLY F 277 -48.96 -19.37 -24.29
N PRO F 278 -49.35 -19.91 -25.45
CA PRO F 278 -48.39 -20.04 -26.54
C PRO F 278 -48.02 -18.69 -27.13
N ALA F 279 -46.92 -18.68 -27.87
CA ALA F 279 -46.27 -17.42 -28.24
C ALA F 279 -46.88 -16.73 -29.46
N GLN F 280 -47.59 -17.48 -30.32
CA GLN F 280 -48.17 -16.87 -31.51
C GLN F 280 -49.30 -15.91 -31.16
N GLU F 281 -50.12 -16.28 -30.18
CA GLU F 281 -51.37 -15.57 -29.90
C GLU F 281 -51.19 -14.32 -29.06
N ALA F 282 -49.96 -13.92 -28.76
CA ALA F 282 -49.75 -12.65 -28.06
C ALA F 282 -50.11 -11.47 -28.95
N LEU F 283 -49.77 -11.55 -30.24
CA LEU F 283 -50.21 -10.55 -31.19
C LEU F 283 -51.70 -10.62 -31.42
N GLY F 284 -52.28 -11.83 -31.30
CA GLY F 284 -53.72 -11.96 -31.45
C GLY F 284 -54.49 -11.40 -30.27
N TYR F 285 -53.89 -11.40 -29.08
CA TYR F 285 -54.66 -10.96 -27.91
C TYR F 285 -54.65 -9.45 -27.75
N PHE F 286 -53.49 -8.82 -27.94
CA PHE F 286 -53.33 -7.40 -27.66
C PHE F 286 -54.03 -6.51 -28.69
N GLU F 287 -54.48 -7.07 -29.80
CA GLU F 287 -55.43 -6.37 -30.66
C GLU F 287 -56.74 -6.13 -29.95
N SER F 288 -57.22 -7.13 -29.20
CA SER F 288 -58.46 -7.01 -28.46
C SER F 288 -58.32 -6.13 -27.23
N ALA F 289 -57.10 -5.84 -26.80
CA ALA F 289 -56.90 -4.92 -25.68
C ALA F 289 -57.21 -3.49 -26.06
N GLY F 290 -57.20 -3.16 -27.34
CA GLY F 290 -57.58 -1.83 -27.79
C GLY F 290 -56.59 -1.24 -28.75
N TYR F 291 -55.48 -1.94 -28.96
CA TYR F 291 -54.41 -1.46 -29.82
C TYR F 291 -54.53 -2.07 -31.21
N HIS F 292 -53.66 -1.61 -32.11
CA HIS F 292 -53.45 -2.29 -33.38
C HIS F 292 -51.98 -2.17 -33.74
N CYS F 293 -51.38 -3.28 -34.15
CA CYS F 293 -49.97 -3.29 -34.54
C CYS F 293 -49.85 -2.60 -35.88
N GLU F 294 -49.15 -1.47 -35.90
CA GLU F 294 -49.08 -0.65 -37.10
C GLU F 294 -48.20 -1.31 -38.16
N ALA F 295 -48.21 -0.70 -39.34
CA ALA F 295 -47.53 -1.27 -40.51
C ALA F 295 -46.02 -1.18 -40.34
N TYR F 296 -45.37 -2.34 -40.45
CA TYR F 296 -43.91 -2.51 -40.35
C TYR F 296 -43.39 -2.04 -38.99
N ASN F 297 -43.80 -2.79 -37.97
CA ASN F 297 -43.30 -2.67 -36.61
C ASN F 297 -42.93 -4.05 -36.09
N ASN F 298 -41.91 -4.09 -35.25
CA ASN F 298 -41.53 -5.33 -34.58
C ASN F 298 -42.64 -5.72 -33.60
N PRO F 299 -43.18 -6.94 -33.69
CA PRO F 299 -44.22 -7.35 -32.72
C PRO F 299 -43.72 -7.45 -31.30
N ALA F 300 -42.49 -7.95 -31.09
CA ALA F 300 -41.94 -8.04 -29.75
C ALA F 300 -41.58 -6.67 -29.18
N ASP F 301 -41.43 -5.66 -30.02
CA ASP F 301 -41.28 -4.29 -29.55
C ASP F 301 -42.62 -3.58 -29.44
N PHE F 302 -43.60 -4.00 -30.24
CA PHE F 302 -44.95 -3.47 -30.07
C PHE F 302 -45.60 -4.03 -28.81
N PHE F 303 -45.09 -5.15 -28.29
CA PHE F 303 -45.61 -5.66 -27.03
C PHE F 303 -45.14 -4.82 -25.85
N LEU F 304 -44.03 -4.09 -25.99
CA LEU F 304 -43.63 -3.09 -25.03
C LEU F 304 -44.11 -1.69 -25.39
N ASP F 305 -44.78 -1.53 -26.54
CA ASP F 305 -45.42 -0.25 -26.86
C ASP F 305 -46.62 -0.01 -25.94
N ILE F 306 -47.22 -1.08 -25.44
CA ILE F 306 -48.36 -0.99 -24.54
C ILE F 306 -47.94 -0.44 -23.17
N ILE F 307 -46.69 -0.70 -22.78
CA ILE F 307 -46.29 -0.65 -21.37
C ILE F 307 -46.22 0.79 -20.87
N ASN F 308 -45.35 1.59 -21.46
CA ASN F 308 -44.96 2.87 -20.87
C ASN F 308 -45.72 4.04 -21.49
N GLY F 309 -47.00 3.84 -21.81
CA GLY F 309 -47.82 4.93 -22.30
C GLY F 309 -47.54 5.31 -23.73
N ASP F 310 -47.67 4.33 -24.63
CA ASP F 310 -47.41 4.43 -26.07
C ASP F 310 -46.00 4.94 -26.36
N LEU F 337 -52.56 2.96 -14.80
CA LEU F 337 -52.20 2.44 -16.12
C LEU F 337 -51.79 0.99 -16.03
N ILE F 338 -50.85 0.70 -15.12
CA ILE F 338 -50.46 -0.68 -14.84
C ILE F 338 -51.63 -1.45 -14.25
N GLU F 339 -52.41 -0.79 -13.39
CA GLU F 339 -53.60 -1.40 -12.80
C GLU F 339 -54.67 -1.67 -13.83
N LYS F 340 -54.76 -0.85 -14.87
CA LYS F 340 -55.80 -1.02 -15.88
C LYS F 340 -55.49 -2.21 -16.79
N LEU F 341 -54.21 -2.40 -17.14
CA LEU F 341 -53.84 -3.46 -18.06
C LEU F 341 -53.90 -4.83 -17.41
N ALA F 342 -53.65 -4.91 -16.11
CA ALA F 342 -53.73 -6.19 -15.42
C ALA F 342 -55.18 -6.64 -15.24
N GLU F 343 -56.12 -5.69 -15.14
CA GLU F 343 -57.53 -6.03 -15.04
C GLU F 343 -58.05 -6.61 -16.36
N ILE F 344 -57.41 -6.24 -17.48
CA ILE F 344 -57.69 -6.89 -18.75
C ILE F 344 -57.25 -8.35 -18.69
N TYR F 345 -56.12 -8.61 -18.03
CA TYR F 345 -55.59 -9.97 -17.98
C TYR F 345 -56.38 -10.86 -17.02
N VAL F 346 -56.98 -10.29 -15.97
CA VAL F 346 -57.84 -11.09 -15.10
C VAL F 346 -59.05 -11.57 -15.87
N ASN F 347 -59.55 -10.75 -16.80
CA ASN F 347 -60.61 -11.13 -17.70
C ASN F 347 -60.08 -11.58 -19.06
N SER F 348 -58.91 -12.22 -19.07
CA SER F 348 -58.40 -12.86 -20.29
C SER F 348 -58.85 -14.30 -20.35
N SER F 349 -59.30 -14.71 -21.54
CA SER F 349 -59.65 -16.12 -21.74
C SER F 349 -58.42 -17.01 -21.80
N PHE F 350 -57.24 -16.44 -22.03
CA PHE F 350 -56.01 -17.21 -21.89
C PHE F 350 -55.74 -17.55 -20.43
N TYR F 351 -56.21 -16.71 -19.51
CA TYR F 351 -56.10 -17.03 -18.10
C TYR F 351 -57.12 -18.09 -17.69
N LYS F 352 -58.31 -18.05 -18.30
CA LYS F 352 -59.42 -18.87 -17.81
C LYS F 352 -59.24 -20.34 -18.15
N GLU F 353 -58.59 -20.64 -19.27
CA GLU F 353 -58.21 -22.02 -19.55
C GLU F 353 -57.15 -22.49 -18.56
N THR F 354 -56.22 -21.61 -18.21
CA THR F 354 -55.19 -21.94 -17.23
C THR F 354 -55.78 -22.09 -15.84
N LYS F 355 -56.79 -21.25 -15.52
CA LYS F 355 -57.54 -21.39 -14.27
C LYS F 355 -58.21 -22.75 -14.20
N ALA F 356 -58.73 -23.24 -15.33
CA ALA F 356 -59.25 -24.60 -15.45
C ALA F 356 -58.16 -25.59 -15.83
N GLU F 357 -56.89 -25.25 -15.63
CA GLU F 357 -55.80 -26.20 -15.77
C GLU F 357 -54.95 -26.29 -14.52
N LEU F 358 -54.67 -25.17 -13.85
CA LEU F 358 -53.88 -25.22 -12.63
C LEU F 358 -54.67 -25.84 -11.48
N HIS F 359 -55.97 -25.58 -11.42
CA HIS F 359 -56.75 -26.17 -10.35
C HIS F 359 -57.13 -27.62 -10.62
N GLN F 360 -56.90 -28.11 -11.84
CA GLN F 360 -56.79 -29.55 -12.02
C GLN F 360 -55.47 -30.06 -11.43
N LEU F 361 -54.41 -29.26 -11.54
CA LEU F 361 -53.10 -29.66 -11.02
C LEU F 361 -52.98 -29.41 -9.53
N SER F 362 -53.26 -28.18 -9.09
CA SER F 362 -53.17 -27.85 -7.67
C SER F 362 -54.29 -28.47 -6.86
N GLY F 363 -55.37 -28.89 -7.52
CA GLY F 363 -56.41 -29.64 -6.85
C GLY F 363 -56.05 -31.11 -6.72
N SER F 381 -18.47 -38.26 -4.79
CA SER F 381 -17.67 -38.68 -3.64
C SER F 381 -16.54 -37.70 -3.38
N PHE F 382 -16.17 -37.57 -2.10
CA PHE F 382 -15.37 -36.43 -1.65
C PHE F 382 -13.96 -36.43 -2.23
N CYS F 383 -13.30 -37.59 -2.24
CA CYS F 383 -11.97 -37.67 -2.81
C CYS F 383 -12.01 -37.41 -4.31
N HIS F 384 -13.07 -37.86 -4.97
CA HIS F 384 -13.31 -37.46 -6.36
C HIS F 384 -13.74 -36.01 -6.43
N GLN F 385 -14.47 -35.51 -5.43
CA GLN F 385 -14.82 -34.09 -5.40
C GLN F 385 -13.64 -33.19 -5.07
N LEU F 386 -12.49 -33.75 -4.69
CA LEU F 386 -11.27 -32.99 -4.58
C LEU F 386 -10.27 -33.34 -5.67
N ARG F 387 -10.49 -34.45 -6.37
CA ARG F 387 -9.57 -34.88 -7.43
C ARG F 387 -9.60 -33.93 -8.61
N TRP F 388 -10.75 -33.33 -8.91
CA TRP F 388 -10.88 -32.54 -10.11
C TRP F 388 -11.08 -31.06 -9.87
N VAL F 389 -11.52 -30.67 -8.68
CA VAL F 389 -11.63 -29.25 -8.37
C VAL F 389 -10.25 -28.65 -8.19
N SER F 390 -9.32 -29.43 -7.63
CA SER F 390 -7.95 -28.97 -7.52
C SER F 390 -7.27 -28.86 -8.87
N LYS F 391 -7.66 -29.68 -9.84
CA LYS F 391 -7.05 -29.61 -11.15
C LYS F 391 -7.51 -28.40 -11.94
N ARG F 392 -8.77 -27.98 -11.76
CA ARG F 392 -9.35 -26.96 -12.63
C ARG F 392 -8.75 -25.60 -12.37
N SER F 393 -8.65 -25.20 -11.11
CA SER F 393 -7.98 -23.95 -10.80
C SER F 393 -6.48 -24.04 -10.98
N PHE F 394 -5.91 -25.25 -10.96
CA PHE F 394 -4.50 -25.43 -11.26
C PHE F 394 -4.20 -25.05 -12.71
N LYS F 395 -5.09 -25.42 -13.62
CA LYS F 395 -4.92 -25.02 -15.01
C LYS F 395 -5.37 -23.58 -15.25
N ASN F 396 -6.21 -23.03 -14.38
CA ASN F 396 -6.34 -21.58 -14.32
C ASN F 396 -5.02 -20.95 -13.90
N LEU F 397 -4.30 -21.61 -13.01
CA LEU F 397 -3.08 -21.03 -12.48
C LEU F 397 -1.95 -21.11 -13.50
N LEU F 398 -1.88 -22.20 -14.26
CA LEU F 398 -0.91 -22.27 -15.35
C LEU F 398 -1.33 -21.39 -16.51
N GLY F 399 -2.63 -21.28 -16.78
CA GLY F 399 -3.12 -20.55 -17.92
C GLY F 399 -3.37 -19.08 -17.65
N ASN F 400 -2.49 -18.47 -16.85
CA ASN F 400 -2.49 -17.02 -16.67
C ASN F 400 -1.10 -16.60 -16.26
N PRO F 401 -0.21 -16.35 -17.23
CA PRO F 401 1.13 -15.87 -16.87
C PRO F 401 1.12 -14.48 -16.29
N GLN F 402 0.17 -13.64 -16.67
CA GLN F 402 0.09 -12.27 -16.21
C GLN F 402 -0.38 -12.13 -14.77
N ALA F 403 -0.65 -13.25 -14.09
CA ALA F 403 -1.03 -13.21 -12.68
C ALA F 403 -0.17 -14.19 -11.89
N SER F 404 0.31 -15.23 -12.55
CA SER F 404 1.19 -16.20 -11.88
C SER F 404 2.66 -15.83 -12.07
N ILE F 405 3.12 -15.76 -13.32
CA ILE F 405 4.51 -15.42 -13.60
C ILE F 405 4.78 -13.96 -13.27
N ALA F 406 3.79 -13.09 -13.51
CA ALA F 406 3.97 -11.65 -13.26
C ALA F 406 4.09 -11.32 -11.78
N GLN F 407 3.71 -12.25 -10.91
CA GLN F 407 3.98 -12.10 -9.48
C GLN F 407 5.23 -12.85 -9.06
N ILE F 408 5.84 -13.59 -9.96
CA ILE F 408 7.17 -14.14 -9.73
C ILE F 408 8.24 -13.19 -10.22
N ILE F 409 7.96 -12.49 -11.33
CA ILE F 409 8.88 -11.50 -11.87
C ILE F 409 9.07 -10.35 -10.89
N VAL F 410 7.98 -9.92 -10.24
CA VAL F 410 8.10 -8.95 -9.15
C VAL F 410 8.89 -9.55 -8.00
N THR F 411 8.71 -10.83 -7.75
CA THR F 411 9.39 -11.47 -6.63
C THR F 411 10.87 -11.67 -6.92
N VAL F 412 11.21 -12.03 -8.17
CA VAL F 412 12.61 -12.27 -8.51
C VAL F 412 13.39 -10.95 -8.58
N VAL F 413 12.79 -9.93 -9.19
CA VAL F 413 13.46 -8.63 -9.32
C VAL F 413 13.66 -7.99 -7.96
N LEU F 414 12.58 -7.88 -7.18
CA LEU F 414 12.70 -7.37 -5.83
C LEU F 414 13.47 -8.32 -4.92
N GLY F 415 13.54 -9.60 -5.28
CA GLY F 415 14.51 -10.46 -4.64
C GLY F 415 15.93 -10.02 -4.93
N LEU F 416 16.19 -9.56 -6.16
CA LEU F 416 17.56 -9.19 -6.52
C LEU F 416 17.91 -7.77 -6.11
N VAL F 417 16.95 -6.85 -6.10
CA VAL F 417 17.25 -5.48 -5.72
C VAL F 417 17.62 -5.40 -4.26
N ILE F 418 16.80 -6.02 -3.40
CA ILE F 418 17.11 -6.18 -1.99
C ILE F 418 18.41 -6.96 -1.81
N GLY F 419 18.72 -7.86 -2.73
CA GLY F 419 20.03 -8.48 -2.74
C GLY F 419 21.15 -7.50 -3.02
N ALA F 420 20.87 -6.44 -3.78
CA ALA F 420 21.92 -5.49 -4.14
C ALA F 420 22.03 -4.34 -3.17
N ILE F 421 20.91 -3.90 -2.59
CA ILE F 421 20.93 -2.80 -1.62
C ILE F 421 21.71 -3.20 -0.39
N TYR F 422 21.46 -4.40 0.12
CA TYR F 422 21.95 -4.75 1.43
C TYR F 422 23.31 -5.42 1.35
N PHE F 423 23.38 -6.57 0.68
CA PHE F 423 24.60 -7.24 0.21
C PHE F 423 25.72 -7.41 1.24
N GLY F 424 25.59 -8.39 2.11
CA GLY F 424 26.67 -8.63 3.03
C GLY F 424 26.56 -7.69 4.20
N LEU F 425 25.52 -7.90 4.99
CA LEU F 425 25.18 -7.04 6.10
C LEU F 425 26.30 -7.03 7.12
N LYS F 426 26.82 -5.84 7.40
CA LYS F 426 27.99 -5.73 8.24
C LYS F 426 27.62 -5.89 9.71
N ASN F 427 28.57 -6.37 10.50
CA ASN F 427 28.39 -6.48 11.94
C ASN F 427 28.91 -5.26 12.66
N ASP F 428 28.48 -4.09 12.22
CA ASP F 428 28.88 -2.82 12.81
C ASP F 428 27.63 -2.12 13.35
N SER F 429 27.80 -0.86 13.75
CA SER F 429 26.71 -0.11 14.38
C SER F 429 25.52 0.10 13.46
N THR F 430 25.74 0.10 12.15
CA THR F 430 24.64 0.17 11.22
C THR F 430 24.01 -1.18 10.95
N GLY F 431 24.58 -2.26 11.49
CA GLY F 431 24.12 -3.59 11.17
C GLY F 431 22.75 -3.91 11.72
N ILE F 432 22.39 -3.29 12.84
CA ILE F 432 21.08 -3.50 13.44
C ILE F 432 20.00 -2.88 12.57
N GLN F 433 20.28 -1.71 12.02
CA GLN F 433 19.29 -1.01 11.21
C GLN F 433 19.02 -1.73 9.91
N ASN F 434 20.05 -2.34 9.33
CA ASN F 434 19.86 -3.02 8.07
C ASN F 434 19.15 -4.35 8.25
N ARG F 435 19.58 -5.15 9.22
CA ARG F 435 18.99 -6.48 9.42
C ARG F 435 17.54 -6.36 9.89
N ALA F 436 17.25 -5.41 10.77
CA ALA F 436 15.86 -5.17 11.11
C ALA F 436 15.13 -4.44 10.01
N GLY F 437 15.84 -3.86 9.07
CA GLY F 437 15.18 -3.18 7.98
C GLY F 437 14.67 -4.16 6.94
N VAL F 438 15.50 -5.14 6.58
CA VAL F 438 15.11 -6.06 5.53
C VAL F 438 14.03 -7.03 6.02
N LEU F 439 14.13 -7.45 7.28
CA LEU F 439 13.17 -8.40 7.82
C LEU F 439 11.82 -7.74 8.03
N PHE F 440 11.80 -6.45 8.35
CA PHE F 440 10.54 -5.72 8.29
C PHE F 440 10.09 -5.55 6.86
N PHE F 441 11.00 -5.49 5.91
CA PHE F 441 10.54 -5.31 4.56
C PHE F 441 10.04 -6.61 3.95
N LEU F 442 10.59 -7.75 4.37
CA LEU F 442 10.13 -9.02 3.81
C LEU F 442 8.75 -9.37 4.33
N THR F 443 8.53 -9.26 5.65
CA THR F 443 7.26 -9.62 6.25
C THR F 443 6.12 -8.77 5.74
N THR F 444 6.35 -7.46 5.61
CA THR F 444 5.34 -6.63 4.99
C THR F 444 5.17 -6.94 3.52
N ASN F 445 6.21 -7.37 2.86
CA ASN F 445 5.86 -7.78 1.58
C ASN F 445 4.89 -8.89 1.84
N GLN F 446 5.37 -9.94 2.48
CA GLN F 446 4.55 -11.14 2.54
C GLN F 446 3.10 -10.74 2.78
N CYS F 447 2.91 -9.72 3.61
CA CYS F 447 1.56 -9.32 3.96
C CYS F 447 0.92 -8.47 2.87
N PHE F 448 1.60 -7.44 2.41
CA PHE F 448 1.00 -6.57 1.41
C PHE F 448 0.95 -7.20 0.02
N SER F 449 1.56 -8.35 -0.20
CA SER F 449 1.26 -9.08 -1.40
C SER F 449 0.10 -10.05 -1.22
N SER F 450 -0.29 -10.32 0.03
CA SER F 450 -1.45 -11.18 0.27
C SER F 450 -2.77 -10.47 0.05
N VAL F 451 -2.74 -9.17 -0.27
CA VAL F 451 -3.92 -8.47 -0.75
C VAL F 451 -4.36 -9.06 -2.08
N SER F 452 -3.41 -9.57 -2.86
CA SER F 452 -3.72 -10.24 -4.12
C SER F 452 -4.43 -11.58 -3.94
N ALA F 453 -4.56 -12.09 -2.72
CA ALA F 453 -5.40 -13.25 -2.48
C ALA F 453 -6.88 -12.91 -2.46
N VAL F 454 -7.22 -11.63 -2.40
CA VAL F 454 -8.62 -11.22 -2.50
C VAL F 454 -9.09 -11.30 -3.94
N GLU F 455 -8.14 -11.23 -4.88
CA GLU F 455 -8.44 -11.50 -6.29
C GLU F 455 -8.97 -12.92 -6.51
N LEU F 456 -8.65 -13.85 -5.62
CA LEU F 456 -9.09 -15.23 -5.78
C LEU F 456 -10.59 -15.37 -5.59
N PHE F 457 -11.09 -15.11 -4.39
CA PHE F 457 -12.47 -15.45 -4.10
C PHE F 457 -13.47 -14.48 -4.69
N VAL F 458 -13.12 -13.20 -4.77
CA VAL F 458 -14.08 -12.20 -5.19
C VAL F 458 -14.40 -12.35 -6.67
N VAL F 459 -13.39 -12.72 -7.47
CA VAL F 459 -13.65 -13.02 -8.87
C VAL F 459 -14.39 -14.33 -9.00
N GLU F 460 -14.03 -15.33 -8.20
CA GLU F 460 -14.67 -16.63 -8.25
C GLU F 460 -15.91 -16.71 -7.37
N LYS F 461 -16.46 -15.58 -6.94
CA LYS F 461 -17.63 -15.61 -6.08
C LYS F 461 -18.87 -16.05 -6.86
N LYS F 462 -19.13 -15.42 -8.00
CA LYS F 462 -20.35 -15.72 -8.75
C LYS F 462 -20.29 -17.11 -9.38
N LEU F 463 -19.09 -17.61 -9.65
CA LEU F 463 -18.99 -19.00 -10.07
C LEU F 463 -19.14 -19.95 -8.89
N PHE F 464 -18.75 -19.52 -7.70
CA PHE F 464 -18.96 -20.35 -6.51
C PHE F 464 -20.45 -20.50 -6.20
N ILE F 465 -21.23 -19.46 -6.45
CA ILE F 465 -22.63 -19.47 -6.08
C ILE F 465 -23.41 -20.40 -6.99
N HIS F 466 -23.21 -20.27 -8.30
CA HIS F 466 -23.92 -21.11 -9.25
C HIS F 466 -23.51 -22.57 -9.16
N GLU F 467 -22.24 -22.83 -8.91
CA GLU F 467 -21.78 -24.22 -8.90
C GLU F 467 -22.17 -24.96 -7.63
N TYR F 468 -22.43 -24.27 -6.52
CA TYR F 468 -22.85 -25.02 -5.36
C TYR F 468 -24.34 -25.29 -5.35
N ILE F 469 -25.14 -24.36 -5.85
CA ILE F 469 -26.57 -24.60 -5.94
C ILE F 469 -26.85 -25.66 -6.98
N SER F 470 -26.03 -25.75 -8.01
CA SER F 470 -26.06 -26.90 -8.90
C SER F 470 -25.63 -28.16 -8.18
N GLY F 471 -24.75 -28.05 -7.19
CA GLY F 471 -24.39 -29.20 -6.39
C GLY F 471 -23.16 -29.93 -6.84
N TYR F 472 -22.16 -29.23 -7.36
CA TYR F 472 -20.98 -29.89 -7.89
C TYR F 472 -20.04 -30.37 -6.79
N TYR F 473 -20.23 -29.88 -5.57
CA TYR F 473 -19.27 -30.12 -4.52
C TYR F 473 -19.91 -29.83 -3.19
N ARG F 474 -19.39 -30.46 -2.14
CA ARG F 474 -19.60 -29.94 -0.82
C ARG F 474 -18.70 -28.72 -0.63
N VAL F 475 -19.08 -27.85 0.32
CA VAL F 475 -18.40 -26.57 0.46
C VAL F 475 -16.98 -26.76 0.96
N SER F 476 -16.77 -27.75 1.83
CA SER F 476 -15.41 -28.05 2.26
C SER F 476 -14.56 -28.65 1.13
N SER F 477 -15.21 -29.35 0.19
CA SER F 477 -14.47 -29.90 -0.94
C SER F 477 -14.02 -28.80 -1.91
N TYR F 478 -14.82 -27.75 -2.04
CA TYR F 478 -14.34 -26.52 -2.68
C TYR F 478 -13.22 -25.90 -1.86
N PHE F 479 -13.31 -26.01 -0.55
CA PHE F 479 -12.45 -25.26 0.34
C PHE F 479 -11.20 -26.03 0.69
N LEU F 480 -11.24 -27.36 0.66
CA LEU F 480 -9.99 -28.08 0.76
C LEU F 480 -9.31 -28.23 -0.59
N GLY F 481 -9.97 -27.86 -1.68
CA GLY F 481 -9.41 -28.01 -3.00
C GLY F 481 -8.77 -26.75 -3.56
N LYS F 482 -9.48 -25.62 -3.48
CA LYS F 482 -8.93 -24.38 -4.04
C LYS F 482 -7.76 -23.87 -3.23
N LEU F 483 -7.76 -24.11 -1.92
CA LEU F 483 -6.58 -23.78 -1.13
C LEU F 483 -5.41 -24.71 -1.48
N LEU F 484 -5.72 -25.95 -1.86
CA LEU F 484 -4.69 -26.83 -2.37
C LEU F 484 -4.22 -26.38 -3.74
N SER F 485 -5.09 -25.69 -4.50
CA SER F 485 -4.76 -25.33 -5.86
C SER F 485 -4.10 -23.96 -5.97
N ASP F 486 -4.46 -23.01 -5.13
CA ASP F 486 -3.94 -21.67 -5.29
C ASP F 486 -3.26 -21.11 -4.06
N LEU F 487 -3.80 -21.37 -2.87
CA LEU F 487 -3.17 -20.92 -1.64
C LEU F 487 -1.86 -21.64 -1.40
N LEU F 488 -1.80 -22.93 -1.75
CA LEU F 488 -0.57 -23.69 -1.50
C LEU F 488 0.57 -23.26 -2.44
N PRO F 489 0.46 -23.38 -3.81
CA PRO F 489 1.69 -23.20 -4.60
C PRO F 489 2.10 -21.75 -4.80
N MET F 490 1.16 -20.81 -4.88
CA MET F 490 1.50 -19.42 -5.09
C MET F 490 2.07 -18.74 -3.86
N ARG F 491 2.12 -19.43 -2.73
CA ARG F 491 2.76 -18.88 -1.56
C ARG F 491 3.87 -19.76 -1.05
N MET F 492 4.00 -21.00 -1.52
CA MET F 492 5.23 -21.74 -1.29
C MET F 492 6.36 -21.17 -2.13
N LEU F 493 6.06 -20.69 -3.34
CA LEU F 493 7.12 -20.24 -4.24
C LEU F 493 7.80 -18.94 -3.81
N PRO F 494 7.11 -17.81 -3.57
CA PRO F 494 7.85 -16.60 -3.20
C PRO F 494 8.45 -16.67 -1.82
N SER F 495 7.98 -17.58 -0.99
CA SER F 495 8.68 -17.88 0.25
C SER F 495 9.89 -18.77 0.06
N ILE F 496 10.16 -19.23 -1.18
CA ILE F 496 11.43 -19.83 -1.53
C ILE F 496 12.25 -18.91 -2.43
N ILE F 497 11.59 -18.13 -3.30
CA ILE F 497 12.29 -17.22 -4.20
C ILE F 497 12.97 -16.10 -3.41
N PHE F 498 12.23 -15.48 -2.48
CA PHE F 498 12.88 -14.58 -1.53
C PHE F 498 13.93 -15.31 -0.72
N THR F 499 13.65 -16.55 -0.35
CA THR F 499 14.51 -17.22 0.63
C THR F 499 15.83 -17.66 0.01
N CYS F 500 15.81 -18.14 -1.24
CA CYS F 500 17.05 -18.59 -1.84
C CYS F 500 17.93 -17.43 -2.27
N ILE F 501 17.33 -16.34 -2.73
CA ILE F 501 18.11 -15.22 -3.27
C ILE F 501 18.72 -14.39 -2.14
N VAL F 502 17.87 -13.81 -1.29
CA VAL F 502 18.35 -12.78 -0.38
C VAL F 502 19.06 -13.36 0.82
N TYR F 503 19.13 -14.68 0.95
CA TYR F 503 19.81 -15.22 2.12
C TYR F 503 21.32 -15.12 1.96
N PHE F 504 21.86 -15.66 0.87
CA PHE F 504 23.30 -15.73 0.74
C PHE F 504 23.93 -14.50 0.12
N MET F 505 23.15 -13.66 -0.55
CA MET F 505 23.66 -12.36 -0.96
C MET F 505 23.86 -11.48 0.26
N LEU F 506 22.81 -11.32 1.07
CA LEU F 506 22.89 -10.54 2.30
C LEU F 506 23.77 -11.19 3.34
N GLY F 507 23.97 -12.50 3.27
CA GLY F 507 24.73 -13.15 4.31
C GLY F 507 23.99 -13.26 5.61
N LEU F 508 22.70 -13.58 5.54
CA LEU F 508 21.97 -13.93 6.75
C LEU F 508 22.48 -15.26 7.28
N LYS F 509 22.32 -15.45 8.61
CA LYS F 509 23.08 -16.29 9.54
C LYS F 509 23.49 -17.64 8.95
N PRO F 510 24.78 -17.88 8.75
CA PRO F 510 25.21 -18.94 7.83
C PRO F 510 25.11 -20.34 8.42
N LYS F 511 23.91 -20.72 8.85
CA LYS F 511 23.65 -22.04 9.38
C LYS F 511 22.63 -22.73 8.49
N ALA F 512 22.51 -24.05 8.66
CA ALA F 512 21.59 -24.80 7.82
C ALA F 512 20.14 -24.62 8.27
N ASP F 513 19.90 -24.70 9.58
CA ASP F 513 18.53 -24.64 10.09
C ASP F 513 17.91 -23.25 9.91
N ALA F 514 18.68 -22.19 10.18
CA ALA F 514 18.16 -20.83 10.10
C ALA F 514 17.82 -20.43 8.68
N PHE F 515 18.42 -21.08 7.69
CA PHE F 515 17.92 -20.92 6.33
C PHE F 515 16.53 -21.50 6.19
N PHE F 516 16.25 -22.60 6.87
CA PHE F 516 14.94 -23.20 6.73
C PHE F 516 13.93 -22.68 7.73
N VAL F 517 14.38 -22.11 8.85
CA VAL F 517 13.44 -21.42 9.73
C VAL F 517 12.89 -20.18 9.04
N MET F 518 13.77 -19.41 8.39
CA MET F 518 13.34 -18.26 7.60
C MET F 518 12.49 -18.68 6.42
N MET F 519 12.82 -19.82 5.83
CA MET F 519 12.00 -20.36 4.75
C MET F 519 10.60 -20.68 5.22
N PHE F 520 10.49 -21.31 6.38
CA PHE F 520 9.18 -21.69 6.89
C PHE F 520 8.42 -20.50 7.45
N THR F 521 9.13 -19.52 8.02
CA THR F 521 8.44 -18.40 8.65
C THR F 521 7.81 -17.47 7.62
N LEU F 522 8.53 -17.18 6.54
CA LEU F 522 7.93 -16.46 5.43
C LEU F 522 6.82 -17.25 4.78
N MET F 523 6.86 -18.58 4.87
CA MET F 523 5.78 -19.38 4.31
C MET F 523 4.51 -19.24 5.14
N MET F 524 4.65 -19.13 6.46
CA MET F 524 3.47 -19.05 7.31
C MET F 524 2.83 -17.68 7.23
N VAL F 525 3.63 -16.61 7.30
CA VAL F 525 3.08 -15.26 7.25
C VAL F 525 2.53 -14.95 5.87
N ALA F 526 2.99 -15.66 4.84
CA ALA F 526 2.31 -15.61 3.56
C ALA F 526 0.94 -16.23 3.66
N TYR F 527 0.83 -17.40 4.32
CA TYR F 527 -0.45 -18.05 4.50
C TYR F 527 -1.35 -17.25 5.45
N SER F 528 -0.77 -16.76 6.53
CA SER F 528 -1.56 -16.16 7.60
C SER F 528 -2.19 -14.84 7.15
N ALA F 529 -1.42 -14.00 6.47
CA ALA F 529 -1.98 -12.78 5.91
C ALA F 529 -2.90 -13.08 4.75
N SER F 530 -2.71 -14.21 4.08
CA SER F 530 -3.68 -14.61 3.07
C SER F 530 -4.96 -15.11 3.71
N SER F 531 -4.85 -15.78 4.86
CA SER F 531 -6.03 -16.33 5.52
C SER F 531 -6.94 -15.23 6.02
N MET F 532 -6.35 -14.17 6.58
CA MET F 532 -7.12 -13.00 6.94
C MET F 532 -7.73 -12.34 5.72
N ALA F 533 -6.96 -12.29 4.64
CA ALA F 533 -7.48 -11.79 3.37
C ALA F 533 -8.61 -12.65 2.87
N LEU F 534 -8.56 -13.95 3.11
CA LEU F 534 -9.73 -14.76 2.78
C LEU F 534 -10.85 -14.56 3.78
N ALA F 535 -10.50 -14.32 5.05
CA ALA F 535 -11.52 -14.22 6.09
C ALA F 535 -12.34 -12.94 5.92
N ILE F 536 -11.70 -11.86 5.49
CA ILE F 536 -12.44 -10.63 5.27
C ILE F 536 -13.23 -10.72 3.97
N ALA F 537 -12.59 -11.17 2.91
CA ALA F 537 -13.18 -11.08 1.59
C ALA F 537 -14.12 -12.22 1.26
N ALA F 538 -14.36 -13.14 2.18
CA ALA F 538 -15.30 -14.21 1.91
C ALA F 538 -16.72 -13.67 1.91
N GLY F 539 -17.44 -13.93 0.82
CA GLY F 539 -18.80 -13.46 0.73
C GLY F 539 -18.95 -11.99 0.41
N GLN F 540 -18.00 -11.41 -0.31
CA GLN F 540 -18.09 -10.05 -0.78
C GLN F 540 -17.78 -10.00 -2.26
N SER F 541 -18.69 -9.43 -3.03
CA SER F 541 -18.50 -9.29 -4.48
C SER F 541 -17.77 -8.02 -4.85
N VAL F 542 -17.64 -7.09 -3.93
CA VAL F 542 -16.91 -5.84 -4.18
C VAL F 542 -15.43 -6.07 -3.94
N VAL F 543 -14.61 -5.42 -4.76
CA VAL F 543 -13.17 -5.47 -4.57
C VAL F 543 -12.69 -4.26 -3.77
N SER F 544 -13.17 -3.07 -4.16
CA SER F 544 -12.64 -1.82 -3.65
C SER F 544 -12.93 -1.60 -2.18
N VAL F 545 -13.91 -2.30 -1.62
CA VAL F 545 -14.17 -2.18 -0.20
C VAL F 545 -13.16 -2.99 0.60
N ALA F 546 -13.08 -4.29 0.33
CA ALA F 546 -12.25 -5.19 1.13
C ALA F 546 -10.77 -4.93 0.93
N THR F 547 -10.37 -4.50 -0.27
CA THR F 547 -8.99 -4.10 -0.50
C THR F 547 -8.63 -2.89 0.34
N LEU F 548 -9.59 -1.99 0.54
CA LEU F 548 -9.37 -0.86 1.42
C LEU F 548 -9.31 -1.29 2.88
N LEU F 549 -10.09 -2.31 3.26
CA LEU F 549 -10.15 -2.72 4.66
C LEU F 549 -8.83 -3.31 5.13
N MET F 550 -8.25 -4.22 4.36
CA MET F 550 -6.98 -4.81 4.75
C MET F 550 -5.85 -3.79 4.69
N THR F 551 -5.95 -2.85 3.76
CA THR F 551 -5.00 -1.76 3.70
C THR F 551 -5.07 -0.90 4.95
N ILE F 552 -6.26 -0.73 5.51
CA ILE F 552 -6.36 -0.14 6.84
C ILE F 552 -5.80 -1.09 7.88
N CYS F 553 -6.13 -2.38 7.79
CA CYS F 553 -5.81 -3.31 8.85
C CYS F 553 -4.31 -3.60 8.92
N PHE F 554 -3.66 -3.77 7.78
CA PHE F 554 -2.22 -4.05 7.77
C PHE F 554 -1.42 -2.86 8.28
N VAL F 555 -1.87 -1.65 7.99
CA VAL F 555 -1.21 -0.46 8.51
C VAL F 555 -1.34 -0.41 10.03
N PHE F 556 -2.53 -0.67 10.54
CA PHE F 556 -2.67 -0.82 11.99
C PHE F 556 -2.10 -2.11 12.52
N MET F 557 -1.58 -3.00 11.68
CA MET F 557 -0.69 -4.05 12.12
C MET F 557 0.77 -3.69 11.95
N MET F 558 1.09 -2.86 10.96
CA MET F 558 2.47 -2.42 10.75
C MET F 558 3.02 -1.66 11.94
N ILE F 559 2.16 -0.87 12.59
CA ILE F 559 2.63 -0.08 13.73
C ILE F 559 3.03 -1.00 14.85
N PHE F 560 2.24 -2.01 15.13
CA PHE F 560 2.50 -2.90 16.25
C PHE F 560 3.48 -4.01 15.92
N SER F 561 4.07 -4.01 14.72
CA SER F 561 5.02 -5.05 14.38
C SER F 561 6.31 -4.94 15.16
N GLY F 562 6.66 -3.76 15.63
CA GLY F 562 7.79 -3.56 16.51
C GLY F 562 8.84 -2.60 16.00
N LEU F 563 8.86 -2.32 14.71
CA LEU F 563 9.87 -1.40 14.20
C LEU F 563 9.45 0.05 14.38
N LEU F 564 8.21 0.38 14.04
CA LEU F 564 7.78 1.77 14.06
C LEU F 564 7.45 2.29 15.45
N VAL F 565 7.22 1.41 16.43
CA VAL F 565 7.06 1.84 17.82
C VAL F 565 7.57 0.70 18.69
N ASN F 566 8.25 1.03 19.76
CA ASN F 566 8.73 -0.01 20.64
C ASN F 566 7.58 -0.51 21.48
N LEU F 567 7.31 -1.81 21.41
CA LEU F 567 6.08 -2.37 21.94
C LEU F 567 6.02 -2.35 23.46
N THR F 568 7.16 -2.35 24.14
CA THR F 568 7.13 -2.24 25.59
C THR F 568 6.77 -0.85 26.05
N THR F 569 6.95 0.15 25.21
CA THR F 569 6.70 1.54 25.57
C THR F 569 5.35 2.03 25.06
N ILE F 570 4.35 1.16 25.03
CA ILE F 570 2.99 1.56 24.71
C ILE F 570 2.21 1.51 26.01
N ALA F 571 1.25 2.43 26.15
CA ALA F 571 0.37 2.46 27.32
C ALA F 571 -0.42 1.17 27.41
N SER F 572 -0.56 0.66 28.64
CA SER F 572 -0.92 -0.74 28.85
C SER F 572 -2.36 -1.05 28.47
N TRP F 573 -3.18 -0.06 28.17
CA TRP F 573 -4.47 -0.36 27.59
C TRP F 573 -4.42 -0.41 26.07
N LEU F 574 -3.23 -0.33 25.48
CA LEU F 574 -3.03 -0.63 24.08
C LEU F 574 -2.13 -1.81 23.82
N SER F 575 -1.35 -2.23 24.80
CA SER F 575 -0.43 -3.34 24.59
C SER F 575 -1.11 -4.67 24.52
N TRP F 576 -2.43 -4.74 24.53
CA TRP F 576 -3.13 -5.95 24.14
C TRP F 576 -3.38 -6.00 22.65
N LEU F 577 -3.31 -4.87 21.95
CA LEU F 577 -3.46 -4.88 20.50
C LEU F 577 -2.27 -5.47 19.78
N GLN F 578 -1.14 -5.65 20.45
CA GLN F 578 0.04 -6.18 19.78
C GLN F 578 -0.06 -7.67 19.52
N TYR F 579 -1.15 -8.32 19.90
CA TYR F 579 -1.39 -9.73 19.66
C TYR F 579 -2.21 -9.99 18.42
N PHE F 580 -2.96 -8.99 17.96
CA PHE F 580 -3.83 -9.12 16.81
C PHE F 580 -3.16 -8.74 15.52
N SER F 581 -1.84 -8.93 15.39
CA SER F 581 -1.12 -8.43 14.23
C SER F 581 -0.24 -9.52 13.64
N ILE F 582 -0.55 -9.90 12.41
CA ILE F 582 0.26 -10.89 11.69
C ILE F 582 1.68 -10.41 11.42
N PRO F 583 1.96 -9.16 11.00
CA PRO F 583 3.36 -8.75 10.87
C PRO F 583 4.11 -8.63 12.17
N ARG F 584 3.50 -8.86 13.33
CA ARG F 584 4.33 -8.98 14.52
C ARG F 584 4.99 -10.34 14.57
N TYR F 585 4.20 -11.41 14.45
CA TYR F 585 4.68 -12.75 14.79
C TYR F 585 5.73 -13.25 13.82
N GLY F 586 5.57 -12.94 12.54
CA GLY F 586 6.61 -13.31 11.59
C GLY F 586 7.89 -12.53 11.82
N PHE F 587 7.75 -11.21 11.94
CA PHE F 587 8.89 -10.34 12.16
C PHE F 587 9.49 -10.54 13.54
N THR F 588 8.71 -11.01 14.50
CA THR F 588 9.29 -11.46 15.76
C THR F 588 10.13 -12.70 15.54
N ALA F 589 9.64 -13.62 14.72
CA ALA F 589 10.36 -14.86 14.50
C ALA F 589 11.62 -14.63 13.70
N LEU F 590 11.55 -13.78 12.68
CA LEU F 590 12.73 -13.47 11.89
C LEU F 590 13.77 -12.70 12.69
N GLN F 591 13.31 -11.82 13.57
CA GLN F 591 14.26 -11.23 14.50
C GLN F 591 14.76 -12.25 15.51
N HIS F 592 13.94 -13.24 15.84
CA HIS F 592 14.45 -14.27 16.72
C HIS F 592 15.39 -15.21 15.98
N ASN F 593 15.11 -15.43 14.69
CA ASN F 593 15.88 -16.38 13.90
C ASN F 593 17.30 -15.88 13.66
N GLU F 594 17.46 -14.57 13.48
CA GLU F 594 18.71 -14.03 13.00
C GLU F 594 19.54 -13.36 14.06
N PHE F 595 18.93 -12.70 15.04
CA PHE F 595 19.71 -11.91 15.98
C PHE F 595 20.24 -12.72 17.15
N LEU F 596 20.41 -14.03 17.05
CA LEU F 596 20.89 -14.74 18.24
C LEU F 596 22.40 -14.67 18.38
N GLY F 597 23.13 -15.25 17.44
CA GLY F 597 24.56 -15.26 17.61
C GLY F 597 25.28 -14.02 17.16
N GLN F 598 24.56 -12.96 16.79
CA GLN F 598 25.19 -11.82 16.16
C GLN F 598 25.84 -10.91 17.19
N ASN F 599 26.74 -10.08 16.70
CA ASN F 599 27.29 -8.98 17.47
C ASN F 599 27.37 -7.76 16.57
N PHE F 600 27.29 -6.58 17.16
CA PHE F 600 27.16 -5.37 16.37
C PHE F 600 28.06 -4.25 16.83
N CYS F 601 28.82 -4.44 17.90
CA CYS F 601 29.84 -3.48 18.31
C CYS F 601 31.18 -4.11 18.03
N PRO F 602 31.79 -3.86 16.87
CA PRO F 602 33.04 -4.51 16.52
C PRO F 602 34.17 -4.02 17.39
N GLY F 603 35.01 -4.94 17.82
CA GLY F 603 35.98 -4.66 18.83
C GLY F 603 35.49 -4.80 20.23
N LEU F 604 34.18 -4.94 20.43
CA LEU F 604 33.60 -4.94 21.76
C LEU F 604 32.86 -6.25 21.93
N ASN F 605 33.55 -7.26 22.46
CA ASN F 605 32.93 -8.45 23.00
C ASN F 605 31.96 -8.04 24.08
N ALA F 606 30.67 -8.21 23.82
CA ALA F 606 29.64 -7.75 24.74
C ALA F 606 29.02 -8.85 25.56
N THR F 607 29.21 -10.11 25.20
CA THR F 607 28.45 -11.19 25.81
C THR F 607 28.89 -11.53 27.23
N GLY F 608 30.04 -11.04 27.67
CA GLY F 608 30.47 -11.27 29.04
C GLY F 608 30.06 -10.10 29.90
N ASN F 609 30.36 -8.91 29.43
CA ASN F 609 29.90 -7.68 30.04
C ASN F 609 29.58 -6.70 28.93
N ASN F 610 28.55 -5.89 29.15
CA ASN F 610 28.34 -4.71 28.34
C ASN F 610 28.68 -3.52 29.22
N PRO F 611 29.91 -3.03 29.19
CA PRO F 611 30.19 -1.73 29.80
C PRO F 611 29.51 -0.67 28.95
N CYS F 612 29.10 0.40 29.63
CA CYS F 612 28.53 1.58 28.99
C CYS F 612 27.27 1.24 28.19
N ASN F 613 26.16 1.01 28.88
CA ASN F 613 24.92 0.59 28.26
C ASN F 613 24.30 1.75 27.46
N TYR F 614 23.03 1.58 27.09
CA TYR F 614 22.36 2.30 26.00
C TYR F 614 23.08 2.03 24.69
N ALA F 615 23.63 0.83 24.55
CA ALA F 615 24.62 0.56 23.53
C ALA F 615 24.13 -0.38 22.44
N THR F 616 23.37 -1.42 22.79
CA THR F 616 22.89 -2.47 21.89
C THR F 616 24.05 -3.11 21.15
N CYS F 617 24.92 -3.75 21.92
CA CYS F 617 26.16 -4.32 21.40
C CYS F 617 26.09 -5.81 21.20
N THR F 618 24.91 -6.42 21.32
CA THR F 618 24.75 -7.79 20.88
C THR F 618 23.33 -7.95 20.39
N GLY F 619 23.06 -9.11 19.78
CA GLY F 619 21.78 -9.32 19.17
C GLY F 619 20.68 -9.54 20.17
N GLU F 620 21.02 -10.08 21.34
CA GLU F 620 20.01 -10.27 22.38
C GLU F 620 19.57 -8.94 22.95
N GLU F 621 20.48 -7.97 23.10
CA GLU F 621 20.11 -6.67 23.65
C GLU F 621 19.16 -5.92 22.74
N TYR F 622 19.28 -6.12 21.44
CA TYR F 622 18.26 -5.60 20.56
C TYR F 622 16.98 -6.38 20.71
N LEU F 623 17.10 -7.68 20.93
CA LEU F 623 15.94 -8.54 20.82
C LEU F 623 15.07 -8.44 22.07
N VAL F 624 15.68 -8.27 23.24
CA VAL F 624 14.92 -8.11 24.47
C VAL F 624 14.28 -6.73 24.52
N LYS F 625 15.01 -5.71 24.05
CA LYS F 625 14.51 -4.34 24.08
C LYS F 625 13.31 -4.14 23.18
N GLN F 626 13.14 -4.99 22.18
CA GLN F 626 11.91 -5.02 21.42
C GLN F 626 10.81 -5.78 22.13
N GLY F 627 11.11 -6.44 23.24
CA GLY F 627 10.10 -7.22 23.94
C GLY F 627 9.85 -8.55 23.29
N ILE F 628 10.91 -9.31 23.07
CA ILE F 628 10.85 -10.59 22.39
C ILE F 628 11.61 -11.62 23.22
N ASP F 629 11.02 -12.80 23.36
CA ASP F 629 11.59 -13.88 24.16
C ASP F 629 12.93 -14.35 23.58
N LEU F 630 13.78 -14.88 24.46
CA LEU F 630 15.04 -15.48 24.06
C LEU F 630 15.04 -16.99 24.19
N SER F 631 14.08 -17.57 24.91
CA SER F 631 13.99 -19.01 24.99
C SER F 631 13.51 -19.55 23.64
N PRO F 632 13.91 -20.78 23.29
CA PRO F 632 13.52 -21.34 21.98
C PRO F 632 12.04 -21.58 21.81
N TRP F 633 11.24 -21.52 22.88
CA TRP F 633 9.80 -21.45 22.69
C TRP F 633 9.41 -20.15 22.01
N GLY F 634 10.12 -19.07 22.31
CA GLY F 634 9.78 -17.76 21.80
C GLY F 634 9.87 -17.63 20.30
N LEU F 635 10.63 -18.52 19.65
CA LEU F 635 10.54 -18.64 18.20
C LEU F 635 9.22 -19.26 17.79
N TRP F 636 8.97 -20.48 18.24
CA TRP F 636 7.86 -21.26 17.72
C TRP F 636 6.53 -20.89 18.33
N LYS F 637 6.53 -20.08 19.40
CA LYS F 637 5.33 -19.41 19.88
C LYS F 637 4.68 -18.59 18.78
N ASN F 638 5.51 -17.96 17.97
CA ASN F 638 5.02 -17.16 16.86
C ASN F 638 4.36 -18.05 15.82
N HIS F 639 4.92 -19.24 15.60
CA HIS F 639 4.38 -20.10 14.55
C HIS F 639 3.04 -20.70 14.95
N VAL F 640 2.93 -21.18 16.20
CA VAL F 640 1.66 -21.72 16.66
C VAL F 640 0.65 -20.60 16.87
N ALA F 641 1.10 -19.36 17.05
CA ALA F 641 0.17 -18.24 16.94
C ALA F 641 -0.30 -18.10 15.52
N LEU F 642 0.62 -18.17 14.57
CA LEU F 642 0.25 -18.03 13.17
C LEU F 642 -0.50 -19.25 12.66
N ALA F 643 -0.19 -20.44 13.18
CA ALA F 643 -0.92 -21.62 12.76
C ALA F 643 -2.36 -21.58 13.22
N CYS F 644 -2.60 -21.05 14.42
CA CYS F 644 -3.97 -20.88 14.89
C CYS F 644 -4.66 -19.79 14.13
N MET F 645 -3.94 -18.73 13.76
CA MET F 645 -4.59 -17.66 13.00
C MET F 645 -4.90 -18.07 11.58
N ILE F 646 -4.20 -19.07 11.05
CA ILE F 646 -4.62 -19.63 9.77
C ILE F 646 -5.94 -20.37 9.93
N VAL F 647 -6.01 -21.27 10.91
CA VAL F 647 -7.16 -22.16 11.08
C VAL F 647 -8.41 -21.36 11.46
N ILE F 648 -8.25 -20.35 12.32
CA ILE F 648 -9.36 -19.48 12.69
C ILE F 648 -9.86 -18.71 11.48
N PHE F 649 -8.93 -18.07 10.76
CA PHE F 649 -9.34 -17.23 9.65
C PHE F 649 -9.85 -18.04 8.47
N LEU F 650 -9.36 -19.27 8.31
CA LEU F 650 -9.97 -20.12 7.31
C LEU F 650 -11.36 -20.58 7.75
N THR F 651 -11.56 -20.78 9.05
CA THR F 651 -12.86 -21.19 9.55
C THR F 651 -13.88 -20.08 9.39
N ILE F 652 -13.47 -18.85 9.69
CA ILE F 652 -14.30 -17.68 9.42
C ILE F 652 -14.56 -17.58 7.92
N ALA F 653 -13.55 -17.91 7.12
CA ALA F 653 -13.77 -18.02 5.69
C ALA F 653 -14.63 -19.23 5.35
N TYR F 654 -14.53 -20.31 6.13
CA TYR F 654 -15.38 -21.47 5.85
C TYR F 654 -16.83 -21.22 6.26
N LEU F 655 -17.04 -20.50 7.35
CA LEU F 655 -18.39 -20.21 7.81
C LEU F 655 -19.06 -19.17 6.93
N LYS F 656 -18.31 -18.14 6.53
CA LYS F 656 -18.86 -17.13 5.63
C LYS F 656 -19.20 -17.73 4.28
N LEU F 657 -18.43 -18.72 3.82
CA LEU F 657 -18.84 -19.42 2.63
C LEU F 657 -19.95 -20.42 2.91
N LEU F 658 -20.16 -20.80 4.16
CA LEU F 658 -21.26 -21.71 4.47
C LEU F 658 -22.54 -20.94 4.75
N PHE F 659 -22.48 -19.93 5.61
CA PHE F 659 -23.64 -19.15 6.01
C PHE F 659 -23.95 -18.03 5.05
N LEU F 660 -23.44 -18.09 3.83
CA LEU F 660 -23.68 -17.05 2.85
C LEU F 660 -25.12 -17.14 2.36
N LYS F 661 -25.70 -15.98 2.08
CA LYS F 661 -26.98 -15.97 1.38
C LYS F 661 -26.74 -16.33 -0.08
N LYS F 662 -26.85 -17.62 -0.40
CA LYS F 662 -26.60 -18.11 -1.75
C LYS F 662 -27.69 -17.70 -2.71
N TYR F 663 -28.86 -17.35 -2.20
CA TYR F 663 -30.05 -17.17 -3.01
C TYR F 663 -30.14 -15.78 -3.63
#